data_6AZ5
# 
_entry.id   6AZ5 
# 
_audit_conform.dict_name       mmcif_pdbx.dic 
_audit_conform.dict_version    5.392 
_audit_conform.dict_location   http://mmcif.pdb.org/dictionaries/ascii/mmcif_pdbx.dic 
# 
loop_
_database_2.database_id 
_database_2.database_code 
_database_2.pdbx_database_accession 
_database_2.pdbx_DOI 
PDB   6AZ5         pdb_00006az5 10.2210/pdb6az5/pdb 
WWPDB D_1000230022 ?            ?                   
# 
loop_
_pdbx_audit_revision_history.ordinal 
_pdbx_audit_revision_history.data_content_type 
_pdbx_audit_revision_history.major_revision 
_pdbx_audit_revision_history.minor_revision 
_pdbx_audit_revision_history.revision_date 
1 'Structure model' 1 0 2017-11-29 
2 'Structure model' 1 1 2018-01-17 
3 'Structure model' 1 2 2022-03-16 
4 'Structure model' 1 3 2024-05-22 
# 
_pdbx_audit_revision_details.ordinal             1 
_pdbx_audit_revision_details.revision_ordinal    1 
_pdbx_audit_revision_details.data_content_type   'Structure model' 
_pdbx_audit_revision_details.provider            repository 
_pdbx_audit_revision_details.type                'Initial release' 
_pdbx_audit_revision_details.description         ? 
_pdbx_audit_revision_details.details             ? 
# 
loop_
_pdbx_audit_revision_group.ordinal 
_pdbx_audit_revision_group.revision_ordinal 
_pdbx_audit_revision_group.data_content_type 
_pdbx_audit_revision_group.group 
1 2 'Structure model' 'Database references'        
2 3 'Structure model' 'Author supporting evidence' 
3 3 'Structure model' 'Database references'        
4 4 'Structure model' 'Data collection'            
# 
loop_
_pdbx_audit_revision_category.ordinal 
_pdbx_audit_revision_category.revision_ordinal 
_pdbx_audit_revision_category.data_content_type 
_pdbx_audit_revision_category.category 
1 2 'Structure model' citation           
2 3 'Structure model' database_2         
3 3 'Structure model' pdbx_audit_support 
4 4 'Structure model' chem_comp_atom     
5 4 'Structure model' chem_comp_bond     
# 
loop_
_pdbx_audit_revision_item.ordinal 
_pdbx_audit_revision_item.revision_ordinal 
_pdbx_audit_revision_item.data_content_type 
_pdbx_audit_revision_item.item 
1 2 'Structure model' '_citation.journal_volume'                 
2 2 'Structure model' '_citation.page_first'                     
3 2 'Structure model' '_citation.page_last'                      
4 2 'Structure model' '_citation.year'                           
5 3 'Structure model' '_database_2.pdbx_DOI'                     
6 3 'Structure model' '_database_2.pdbx_database_accession'      
7 3 'Structure model' '_pdbx_audit_support.funding_organization' 
# 
_pdbx_database_status.status_code                     REL 
_pdbx_database_status.status_code_sf                  REL 
_pdbx_database_status.status_code_mr                  ? 
_pdbx_database_status.entry_id                        6AZ5 
_pdbx_database_status.recvd_initial_deposition_date   2017-09-10 
_pdbx_database_status.SG_entry                        N 
_pdbx_database_status.deposit_site                    RCSB 
_pdbx_database_status.process_site                    RCSB 
_pdbx_database_status.status_code_cs                  ? 
_pdbx_database_status.methods_development_category    ? 
_pdbx_database_status.pdb_format_compatible           Y 
_pdbx_database_status.status_code_nmr_data            ? 
# 
loop_
_audit_author.name 
_audit_author.pdbx_ordinal 
_audit_author.identifier_ORCID 
'Cockburn, D.W.'   1 0000-0001-6791-6599 
'Wawrzak, Z.'      2 ?                   
'Suh, C.'          3 ?                   
'Koropatkin, N.M.' 4 ?                   
# 
_citation.abstract                  ? 
_citation.abstract_id_CAS           ? 
_citation.book_id_ISBN              ? 
_citation.book_publisher            ? 
_citation.book_publisher_city       ? 
_citation.book_title                ? 
_citation.coordinate_linkage        ? 
_citation.country                   UK 
_citation.database_id_Medline       ? 
_citation.details                   ? 
_citation.id                        primary 
_citation.journal_abbrev            'Mol. Microbiol.' 
_citation.journal_id_ASTM           MOMIEE 
_citation.journal_id_CSD            2007 
_citation.journal_id_ISSN           1365-2958 
_citation.journal_full              ? 
_citation.journal_issue             ? 
_citation.journal_volume            107 
_citation.language                  ? 
_citation.page_first                249 
_citation.page_last                 264 
_citation.title                     
;Novel carbohydrate binding modules in the surface anchored alpha-amylase of Eubacterium rectale provide a molecular rationale for the range of starches used by this organism in the human gut.
;
_citation.year                      2018 
_citation.database_id_CSD           ? 
_citation.pdbx_database_id_DOI      10.1111/mmi.13881 
_citation.pdbx_database_id_PubMed   29139580 
_citation.unpublished_flag          ? 
# 
loop_
_citation_author.citation_id 
_citation_author.name 
_citation_author.ordinal 
_citation_author.identifier_ORCID 
primary 'Cockburn, D.W.'   1 ? 
primary 'Suh, C.'          2 ? 
primary 'Medina, K.P.'     3 ? 
primary 'Duvall, R.M.'     4 ? 
primary 'Wawrzak, Z.'      5 ? 
primary 'Henrissat, B.'    6 ? 
primary 'Koropatkin, N.M.' 7 ? 
# 
loop_
_entity.id 
_entity.type 
_entity.src_method 
_entity.pdbx_description 
_entity.formula_weight 
_entity.pdbx_number_of_molecules 
_entity.pdbx_ec 
_entity.pdbx_mutation 
_entity.pdbx_fragment 
_entity.details 
1 polymer man alpha-amylase 13025.083 1  ? ? ? ? 
2 water   nat water         18.015    48 ? ? ? ? 
# 
_entity_poly.entity_id                      1 
_entity_poly.type                           'polypeptide(L)' 
_entity_poly.nstd_linkage                   no 
_entity_poly.nstd_monomer                   no 
_entity_poly.pdbx_seq_one_letter_code       
;PDHTFTIYYYNEDLSTDTDMGKVDLWMWNAGLDGSYVFDGTYYDAENKVTWFKQTITVAGSNVGKTVGLKARYDNTKGWD
GGSDTADRSFTISGDENEVLYYVDGSDPVHEKPVIV
;
_entity_poly.pdbx_seq_one_letter_code_can   
;PDHTFTIYYYNEDLSTDTDMGKVDLWMWNAGLDGSYVFDGTYYDAENKVTWFKQTITVAGSNVGKTVGLKARYDNTKGWD
GGSDTADRSFTISGDENEVLYYVDGSDPVHEKPVIV
;
_entity_poly.pdbx_strand_id                 A 
_entity_poly.pdbx_target_identifier         ? 
# 
_pdbx_entity_nonpoly.entity_id   2 
_pdbx_entity_nonpoly.name        water 
_pdbx_entity_nonpoly.comp_id     HOH 
# 
loop_
_entity_poly_seq.entity_id 
_entity_poly_seq.num 
_entity_poly_seq.mon_id 
_entity_poly_seq.hetero 
1 1   PRO n 
1 2   ASP n 
1 3   HIS n 
1 4   THR n 
1 5   PHE n 
1 6   THR n 
1 7   ILE n 
1 8   TYR n 
1 9   TYR n 
1 10  TYR n 
1 11  ASN n 
1 12  GLU n 
1 13  ASP n 
1 14  LEU n 
1 15  SER n 
1 16  THR n 
1 17  ASP n 
1 18  THR n 
1 19  ASP n 
1 20  MET n 
1 21  GLY n 
1 22  LYS n 
1 23  VAL n 
1 24  ASP n 
1 25  LEU n 
1 26  TRP n 
1 27  MET n 
1 28  TRP n 
1 29  ASN n 
1 30  ALA n 
1 31  GLY n 
1 32  LEU n 
1 33  ASP n 
1 34  GLY n 
1 35  SER n 
1 36  TYR n 
1 37  VAL n 
1 38  PHE n 
1 39  ASP n 
1 40  GLY n 
1 41  THR n 
1 42  TYR n 
1 43  TYR n 
1 44  ASP n 
1 45  ALA n 
1 46  GLU n 
1 47  ASN n 
1 48  LYS n 
1 49  VAL n 
1 50  THR n 
1 51  TRP n 
1 52  PHE n 
1 53  LYS n 
1 54  GLN n 
1 55  THR n 
1 56  ILE n 
1 57  THR n 
1 58  VAL n 
1 59  ALA n 
1 60  GLY n 
1 61  SER n 
1 62  ASN n 
1 63  VAL n 
1 64  GLY n 
1 65  LYS n 
1 66  THR n 
1 67  VAL n 
1 68  GLY n 
1 69  LEU n 
1 70  LYS n 
1 71  ALA n 
1 72  ARG n 
1 73  TYR n 
1 74  ASP n 
1 75  ASN n 
1 76  THR n 
1 77  LYS n 
1 78  GLY n 
1 79  TRP n 
1 80  ASP n 
1 81  GLY n 
1 82  GLY n 
1 83  SER n 
1 84  ASP n 
1 85  THR n 
1 86  ALA n 
1 87  ASP n 
1 88  ARG n 
1 89  SER n 
1 90  PHE n 
1 91  THR n 
1 92  ILE n 
1 93  SER n 
1 94  GLY n 
1 95  ASP n 
1 96  GLU n 
1 97  ASN n 
1 98  GLU n 
1 99  VAL n 
1 100 LEU n 
1 101 TYR n 
1 102 TYR n 
1 103 VAL n 
1 104 ASP n 
1 105 GLY n 
1 106 SER n 
1 107 ASP n 
1 108 PRO n 
1 109 VAL n 
1 110 HIS n 
1 111 GLU n 
1 112 LYS n 
1 113 PRO n 
1 114 VAL n 
1 115 ILE n 
1 116 VAL n 
# 
_entity_src_gen.entity_id                          1 
_entity_src_gen.pdbx_src_id                        1 
_entity_src_gen.pdbx_alt_source_flag               sample 
_entity_src_gen.pdbx_seq_type                      'Biological sequence' 
_entity_src_gen.pdbx_beg_seq_num                   1 
_entity_src_gen.pdbx_end_seq_num                   116 
_entity_src_gen.gene_src_common_name               ? 
_entity_src_gen.gene_src_genus                     ? 
_entity_src_gen.pdbx_gene_src_gene                 EUR_21100 
_entity_src_gen.gene_src_species                   ? 
_entity_src_gen.gene_src_strain                    ? 
_entity_src_gen.gene_src_tissue                    ? 
_entity_src_gen.gene_src_tissue_fraction           ? 
_entity_src_gen.gene_src_details                   ? 
_entity_src_gen.pdbx_gene_src_fragment             ? 
_entity_src_gen.pdbx_gene_src_scientific_name      'Eubacterium rectale DSM 17629' 
_entity_src_gen.pdbx_gene_src_ncbi_taxonomy_id     657318 
_entity_src_gen.pdbx_gene_src_variant              ? 
_entity_src_gen.pdbx_gene_src_cell_line            ? 
_entity_src_gen.pdbx_gene_src_atcc                 ? 
_entity_src_gen.pdbx_gene_src_organ                ? 
_entity_src_gen.pdbx_gene_src_organelle            ? 
_entity_src_gen.pdbx_gene_src_cell                 ? 
_entity_src_gen.pdbx_gene_src_cellular_location    ? 
_entity_src_gen.host_org_common_name               ? 
_entity_src_gen.pdbx_host_org_scientific_name      'Escherichia coli' 
_entity_src_gen.pdbx_host_org_ncbi_taxonomy_id     562 
_entity_src_gen.host_org_genus                     ? 
_entity_src_gen.pdbx_host_org_gene                 ? 
_entity_src_gen.pdbx_host_org_organ                ? 
_entity_src_gen.host_org_species                   ? 
_entity_src_gen.pdbx_host_org_tissue               ? 
_entity_src_gen.pdbx_host_org_tissue_fraction      ? 
_entity_src_gen.pdbx_host_org_strain               ? 
_entity_src_gen.pdbx_host_org_variant              ? 
_entity_src_gen.pdbx_host_org_cell_line            ? 
_entity_src_gen.pdbx_host_org_atcc                 ? 
_entity_src_gen.pdbx_host_org_culture_collection   ? 
_entity_src_gen.pdbx_host_org_cell                 ? 
_entity_src_gen.pdbx_host_org_organelle            ? 
_entity_src_gen.pdbx_host_org_cellular_location    ? 
_entity_src_gen.pdbx_host_org_vector_type          ? 
_entity_src_gen.pdbx_host_org_vector               ? 
_entity_src_gen.host_org_details                   ? 
_entity_src_gen.expression_system_id               ? 
_entity_src_gen.plasmid_name                       ? 
_entity_src_gen.plasmid_details                    ? 
_entity_src_gen.pdbx_description                   ? 
# 
loop_
_chem_comp.id 
_chem_comp.type 
_chem_comp.mon_nstd_flag 
_chem_comp.name 
_chem_comp.pdbx_synonyms 
_chem_comp.formula 
_chem_comp.formula_weight 
ALA 'L-peptide linking' y ALANINE         ? 'C3 H7 N O2'     89.093  
ARG 'L-peptide linking' y ARGININE        ? 'C6 H15 N4 O2 1' 175.209 
ASN 'L-peptide linking' y ASPARAGINE      ? 'C4 H8 N2 O3'    132.118 
ASP 'L-peptide linking' y 'ASPARTIC ACID' ? 'C4 H7 N O4'     133.103 
GLN 'L-peptide linking' y GLUTAMINE       ? 'C5 H10 N2 O3'   146.144 
GLU 'L-peptide linking' y 'GLUTAMIC ACID' ? 'C5 H9 N O4'     147.129 
GLY 'peptide linking'   y GLYCINE         ? 'C2 H5 N O2'     75.067  
HIS 'L-peptide linking' y HISTIDINE       ? 'C6 H10 N3 O2 1' 156.162 
HOH non-polymer         . WATER           ? 'H2 O'           18.015  
ILE 'L-peptide linking' y ISOLEUCINE      ? 'C6 H13 N O2'    131.173 
LEU 'L-peptide linking' y LEUCINE         ? 'C6 H13 N O2'    131.173 
LYS 'L-peptide linking' y LYSINE          ? 'C6 H15 N2 O2 1' 147.195 
MET 'L-peptide linking' y METHIONINE      ? 'C5 H11 N O2 S'  149.211 
PHE 'L-peptide linking' y PHENYLALANINE   ? 'C9 H11 N O2'    165.189 
PRO 'L-peptide linking' y PROLINE         ? 'C5 H9 N O2'     115.130 
SER 'L-peptide linking' y SERINE          ? 'C3 H7 N O3'     105.093 
THR 'L-peptide linking' y THREONINE       ? 'C4 H9 N O3'     119.119 
TRP 'L-peptide linking' y TRYPTOPHAN      ? 'C11 H12 N2 O2'  204.225 
TYR 'L-peptide linking' y TYROSINE        ? 'C9 H11 N O3'    181.189 
VAL 'L-peptide linking' y VALINE          ? 'C5 H11 N O2'    117.146 
# 
loop_
_pdbx_poly_seq_scheme.asym_id 
_pdbx_poly_seq_scheme.entity_id 
_pdbx_poly_seq_scheme.seq_id 
_pdbx_poly_seq_scheme.mon_id 
_pdbx_poly_seq_scheme.ndb_seq_num 
_pdbx_poly_seq_scheme.pdb_seq_num 
_pdbx_poly_seq_scheme.auth_seq_num 
_pdbx_poly_seq_scheme.pdb_mon_id 
_pdbx_poly_seq_scheme.auth_mon_id 
_pdbx_poly_seq_scheme.pdb_strand_id 
_pdbx_poly_seq_scheme.pdb_ins_code 
_pdbx_poly_seq_scheme.hetero 
A 1 1   PRO 1   391 391 PRO PRO A . n 
A 1 2   ASP 2   392 392 ASP ASP A . n 
A 1 3   HIS 3   393 393 HIS HIS A . n 
A 1 4   THR 4   394 394 THR THR A . n 
A 1 5   PHE 5   395 395 PHE PHE A . n 
A 1 6   THR 6   396 396 THR THR A . n 
A 1 7   ILE 7   397 397 ILE ILE A . n 
A 1 8   TYR 8   398 398 TYR TYR A . n 
A 1 9   TYR 9   399 399 TYR TYR A . n 
A 1 10  TYR 10  400 400 TYR TYR A . n 
A 1 11  ASN 11  401 401 ASN ASN A . n 
A 1 12  GLU 12  402 402 GLU GLU A . n 
A 1 13  ASP 13  403 403 ASP ASP A . n 
A 1 14  LEU 14  404 404 LEU LEU A . n 
A 1 15  SER 15  405 405 SER SER A . n 
A 1 16  THR 16  406 406 THR THR A . n 
A 1 17  ASP 17  407 407 ASP ASP A . n 
A 1 18  THR 18  408 408 THR THR A . n 
A 1 19  ASP 19  409 409 ASP ASP A . n 
A 1 20  MET 20  410 410 MET MET A . n 
A 1 21  GLY 21  411 411 GLY GLY A . n 
A 1 22  LYS 22  412 412 LYS LYS A . n 
A 1 23  VAL 23  413 413 VAL VAL A . n 
A 1 24  ASP 24  414 414 ASP ASP A . n 
A 1 25  LEU 25  415 415 LEU LEU A . n 
A 1 26  TRP 26  416 416 TRP TRP A . n 
A 1 27  MET 27  417 417 MET MET A . n 
A 1 28  TRP 28  418 418 TRP TRP A . n 
A 1 29  ASN 29  419 419 ASN ASN A . n 
A 1 30  ALA 30  420 420 ALA ALA A . n 
A 1 31  GLY 31  421 421 GLY GLY A . n 
A 1 32  LEU 32  422 422 LEU LEU A . n 
A 1 33  ASP 33  423 423 ASP ASP A . n 
A 1 34  GLY 34  424 424 GLY GLY A . n 
A 1 35  SER 35  425 425 SER SER A . n 
A 1 36  TYR 36  426 426 TYR TYR A . n 
A 1 37  VAL 37  427 427 VAL VAL A . n 
A 1 38  PHE 38  428 428 PHE PHE A . n 
A 1 39  ASP 39  429 429 ASP ASP A . n 
A 1 40  GLY 40  430 430 GLY GLY A . n 
A 1 41  THR 41  431 431 THR THR A . n 
A 1 42  TYR 42  432 432 TYR TYR A . n 
A 1 43  TYR 43  433 433 TYR TYR A . n 
A 1 44  ASP 44  434 434 ASP ASP A . n 
A 1 45  ALA 45  435 435 ALA ALA A . n 
A 1 46  GLU 46  436 436 GLU GLU A . n 
A 1 47  ASN 47  437 437 ASN ASN A . n 
A 1 48  LYS 48  438 438 LYS LYS A . n 
A 1 49  VAL 49  439 439 VAL VAL A . n 
A 1 50  THR 50  440 440 THR THR A . n 
A 1 51  TRP 51  441 441 TRP TRP A . n 
A 1 52  PHE 52  442 442 PHE PHE A . n 
A 1 53  LYS 53  443 443 LYS LYS A . n 
A 1 54  GLN 54  444 444 GLN GLN A . n 
A 1 55  THR 55  445 445 THR THR A . n 
A 1 56  ILE 56  446 446 ILE ILE A . n 
A 1 57  THR 57  447 447 THR THR A . n 
A 1 58  VAL 58  448 448 VAL VAL A . n 
A 1 59  ALA 59  449 449 ALA ALA A . n 
A 1 60  GLY 60  450 450 GLY GLY A . n 
A 1 61  SER 61  451 451 SER SER A . n 
A 1 62  ASN 62  452 452 ASN ASN A . n 
A 1 63  VAL 63  453 453 VAL VAL A . n 
A 1 64  GLY 64  454 454 GLY GLY A . n 
A 1 65  LYS 65  455 455 LYS LYS A . n 
A 1 66  THR 66  456 456 THR THR A . n 
A 1 67  VAL 67  457 457 VAL VAL A . n 
A 1 68  GLY 68  458 458 GLY GLY A . n 
A 1 69  LEU 69  459 459 LEU LEU A . n 
A 1 70  LYS 70  460 460 LYS LYS A . n 
A 1 71  ALA 71  461 461 ALA ALA A . n 
A 1 72  ARG 72  462 462 ARG ARG A . n 
A 1 73  TYR 73  463 463 TYR TYR A . n 
A 1 74  ASP 74  464 464 ASP ASP A . n 
A 1 75  ASN 75  465 465 ASN ASN A . n 
A 1 76  THR 76  466 466 THR THR A . n 
A 1 77  LYS 77  467 467 LYS LYS A . n 
A 1 78  GLY 78  468 468 GLY GLY A . n 
A 1 79  TRP 79  469 469 TRP TRP A . n 
A 1 80  ASP 80  470 470 ASP ASP A . n 
A 1 81  GLY 81  471 471 GLY GLY A . n 
A 1 82  GLY 82  472 472 GLY GLY A . n 
A 1 83  SER 83  473 473 SER SER A . n 
A 1 84  ASP 84  474 474 ASP ASP A . n 
A 1 85  THR 85  475 475 THR THR A . n 
A 1 86  ALA 86  476 476 ALA ALA A . n 
A 1 87  ASP 87  477 477 ASP ASP A . n 
A 1 88  ARG 88  478 478 ARG ARG A . n 
A 1 89  SER 89  479 479 SER SER A . n 
A 1 90  PHE 90  480 480 PHE PHE A . n 
A 1 91  THR 91  481 481 THR THR A . n 
A 1 92  ILE 92  482 482 ILE ILE A . n 
A 1 93  SER 93  483 483 SER SER A . n 
A 1 94  GLY 94  484 484 GLY GLY A . n 
A 1 95  ASP 95  485 485 ASP ASP A . n 
A 1 96  GLU 96  486 486 GLU GLU A . n 
A 1 97  ASN 97  487 487 ASN ASN A . n 
A 1 98  GLU 98  488 488 GLU GLU A . n 
A 1 99  VAL 99  489 489 VAL VAL A . n 
A 1 100 LEU 100 490 490 LEU LEU A . n 
A 1 101 TYR 101 491 491 TYR TYR A . n 
A 1 102 TYR 102 492 492 TYR TYR A . n 
A 1 103 VAL 103 493 493 VAL VAL A . n 
A 1 104 ASP 104 494 494 ASP ASP A . n 
A 1 105 GLY 105 495 495 GLY GLY A . n 
A 1 106 SER 106 496 496 SER SER A . n 
A 1 107 ASP 107 497 497 ASP ASP A . n 
A 1 108 PRO 108 498 498 PRO PRO A . n 
A 1 109 VAL 109 499 499 VAL VAL A . n 
A 1 110 HIS 110 500 500 HIS HIS A . n 
A 1 111 GLU 111 501 501 GLU GLU A . n 
A 1 112 LYS 112 502 502 LYS LYS A . n 
A 1 113 PRO 113 503 503 PRO PRO A . n 
A 1 114 VAL 114 504 504 VAL VAL A . n 
A 1 115 ILE 115 505 505 ILE ILE A . n 
A 1 116 VAL 116 506 506 VAL VAL A . n 
# 
loop_
_pdbx_nonpoly_scheme.asym_id 
_pdbx_nonpoly_scheme.entity_id 
_pdbx_nonpoly_scheme.mon_id 
_pdbx_nonpoly_scheme.ndb_seq_num 
_pdbx_nonpoly_scheme.pdb_seq_num 
_pdbx_nonpoly_scheme.auth_seq_num 
_pdbx_nonpoly_scheme.pdb_mon_id 
_pdbx_nonpoly_scheme.auth_mon_id 
_pdbx_nonpoly_scheme.pdb_strand_id 
_pdbx_nonpoly_scheme.pdb_ins_code 
B 2 HOH 1  601 39 HOH HOH A . 
B 2 HOH 2  602 30 HOH HOH A . 
B 2 HOH 3  603 1  HOH HOH A . 
B 2 HOH 4  604 14 HOH HOH A . 
B 2 HOH 5  605 31 HOH HOH A . 
B 2 HOH 6  606 21 HOH HOH A . 
B 2 HOH 7  607 13 HOH HOH A . 
B 2 HOH 8  608 29 HOH HOH A . 
B 2 HOH 9  609 6  HOH HOH A . 
B 2 HOH 10 610 10 HOH HOH A . 
B 2 HOH 11 611 7  HOH HOH A . 
B 2 HOH 12 612 41 HOH HOH A . 
B 2 HOH 13 613 23 HOH HOH A . 
B 2 HOH 14 614 4  HOH HOH A . 
B 2 HOH 15 615 20 HOH HOH A . 
B 2 HOH 16 616 2  HOH HOH A . 
B 2 HOH 17 617 18 HOH HOH A . 
B 2 HOH 18 618 24 HOH HOH A . 
B 2 HOH 19 619 3  HOH HOH A . 
B 2 HOH 20 620 16 HOH HOH A . 
B 2 HOH 21 621 17 HOH HOH A . 
B 2 HOH 22 622 49 HOH HOH A . 
B 2 HOH 23 623 43 HOH HOH A . 
B 2 HOH 24 624 25 HOH HOH A . 
B 2 HOH 25 625 36 HOH HOH A . 
B 2 HOH 26 626 15 HOH HOH A . 
B 2 HOH 27 627 5  HOH HOH A . 
B 2 HOH 28 628 22 HOH HOH A . 
B 2 HOH 29 629 28 HOH HOH A . 
B 2 HOH 30 630 9  HOH HOH A . 
B 2 HOH 31 631 32 HOH HOH A . 
B 2 HOH 32 632 8  HOH HOH A . 
B 2 HOH 33 633 26 HOH HOH A . 
B 2 HOH 34 634 45 HOH HOH A . 
B 2 HOH 35 635 19 HOH HOH A . 
B 2 HOH 36 636 11 HOH HOH A . 
B 2 HOH 37 637 12 HOH HOH A . 
B 2 HOH 38 638 27 HOH HOH A . 
B 2 HOH 39 639 48 HOH HOH A . 
B 2 HOH 40 640 38 HOH HOH A . 
B 2 HOH 41 641 44 HOH HOH A . 
B 2 HOH 42 642 47 HOH HOH A . 
B 2 HOH 43 643 37 HOH HOH A . 
B 2 HOH 44 644 35 HOH HOH A . 
B 2 HOH 45 645 42 HOH HOH A . 
B 2 HOH 46 646 33 HOH HOH A . 
B 2 HOH 47 647 34 HOH HOH A . 
B 2 HOH 48 648 40 HOH HOH A . 
# 
loop_
_software.citation_id 
_software.classification 
_software.compiler_name 
_software.compiler_version 
_software.contact_author 
_software.contact_author_email 
_software.date 
_software.description 
_software.dependencies 
_software.hardware 
_software.language 
_software.location 
_software.mods 
_software.name 
_software.os 
_software.os_version 
_software.type 
_software.version 
_software.pdbx_ordinal 
? refinement       ? ? ? ? ? ? ? ? ? ? ? PHENIX  ? ? ? 1.9_1692 1 
? 'data reduction' ? ? ? ? ? ? ? ? ? ? ? iMOSFLM ? ? ? 7.1.2    2 
? 'data scaling'   ? ? ? ? ? ? ? ? ? ? ? Aimless ? ? ? 0.5.8    3 
? phasing          ? ? ? ? ? ? ? ? ? ? ? AutoSol ? ? ? .        4 
# 
_cell.angle_alpha                  90.00 
_cell.angle_alpha_esd              ? 
_cell.angle_beta                   90.00 
_cell.angle_beta_esd               ? 
_cell.angle_gamma                  120.00 
_cell.angle_gamma_esd              ? 
_cell.entry_id                     6AZ5 
_cell.details                      ? 
_cell.formula_units_Z              ? 
_cell.length_a                     51.000 
_cell.length_a_esd                 ? 
_cell.length_b                     51.000 
_cell.length_b_esd                 ? 
_cell.length_c                     151.830 
_cell.length_c_esd                 ? 
_cell.volume                       ? 
_cell.volume_esd                   ? 
_cell.Z_PDB                        12 
_cell.reciprocal_angle_alpha       ? 
_cell.reciprocal_angle_beta        ? 
_cell.reciprocal_angle_gamma       ? 
_cell.reciprocal_angle_alpha_esd   ? 
_cell.reciprocal_angle_beta_esd    ? 
_cell.reciprocal_angle_gamma_esd   ? 
_cell.reciprocal_length_a          ? 
_cell.reciprocal_length_b          ? 
_cell.reciprocal_length_c          ? 
_cell.reciprocal_length_a_esd      ? 
_cell.reciprocal_length_b_esd      ? 
_cell.reciprocal_length_c_esd      ? 
_cell.pdbx_unique_axis             ? 
# 
_symmetry.entry_id                         6AZ5 
_symmetry.cell_setting                     ? 
_symmetry.Int_Tables_number                179 
_symmetry.space_group_name_Hall            ? 
_symmetry.space_group_name_H-M             'P 65 2 2' 
_symmetry.pdbx_full_space_group_name_H-M   ? 
# 
_exptl.absorpt_coefficient_mu     ? 
_exptl.absorpt_correction_T_max   ? 
_exptl.absorpt_correction_T_min   ? 
_exptl.absorpt_correction_type    ? 
_exptl.absorpt_process_details    ? 
_exptl.entry_id                   6AZ5 
_exptl.crystals_number            1 
_exptl.details                    ? 
_exptl.method                     'X-RAY DIFFRACTION' 
_exptl.method_details             ? 
# 
_exptl_crystal.colour                      ? 
_exptl_crystal.density_diffrn              ? 
_exptl_crystal.density_Matthews            2.19 
_exptl_crystal.density_method              ? 
_exptl_crystal.density_percent_sol         43.79 
_exptl_crystal.description                 ? 
_exptl_crystal.F_000                       ? 
_exptl_crystal.id                          1 
_exptl_crystal.preparation                 ? 
_exptl_crystal.size_max                    ? 
_exptl_crystal.size_mid                    ? 
_exptl_crystal.size_min                    ? 
_exptl_crystal.size_rad                    ? 
_exptl_crystal.colour_lustre               ? 
_exptl_crystal.colour_modifier             ? 
_exptl_crystal.colour_primary              ? 
_exptl_crystal.density_meas                ? 
_exptl_crystal.density_meas_esd            ? 
_exptl_crystal.density_meas_gt             ? 
_exptl_crystal.density_meas_lt             ? 
_exptl_crystal.density_meas_temp           ? 
_exptl_crystal.density_meas_temp_esd       ? 
_exptl_crystal.density_meas_temp_gt        ? 
_exptl_crystal.density_meas_temp_lt        ? 
_exptl_crystal.pdbx_crystal_image_url      ? 
_exptl_crystal.pdbx_crystal_image_format   ? 
_exptl_crystal.pdbx_mosaicity              ? 
_exptl_crystal.pdbx_mosaicity_esd          ? 
# 
_exptl_crystal_grow.apparatus       ? 
_exptl_crystal_grow.atmosphere      ? 
_exptl_crystal_grow.crystal_id      1 
_exptl_crystal_grow.details         ? 
_exptl_crystal_grow.method          'VAPOR DIFFUSION, HANGING DROP' 
_exptl_crystal_grow.method_ref      ? 
_exptl_crystal_grow.pH              8.0 
_exptl_crystal_grow.pressure        ? 
_exptl_crystal_grow.pressure_esd    ? 
_exptl_crystal_grow.seeding         ? 
_exptl_crystal_grow.seeding_ref     ? 
_exptl_crystal_grow.temp            295 
_exptl_crystal_grow.temp_details    ? 
_exptl_crystal_grow.temp_esd        ? 
_exptl_crystal_grow.time            ? 
_exptl_crystal_grow.pdbx_details    '50% pentaerythritol propoxylate (5/4 PO/OH), 0.1 M Tris-HCl pH 8.0' 
_exptl_crystal_grow.pdbx_pH_range   ? 
# 
_diffrn.ambient_environment    ? 
_diffrn.ambient_temp           80 
_diffrn.ambient_temp_details   ? 
_diffrn.ambient_temp_esd       ? 
_diffrn.crystal_id             1 
_diffrn.crystal_support        ? 
_diffrn.crystal_treatment      ? 
_diffrn.details                ? 
_diffrn.id                     1 
_diffrn.ambient_pressure       ? 
_diffrn.ambient_pressure_esd   ? 
_diffrn.ambient_pressure_gt    ? 
_diffrn.ambient_pressure_lt    ? 
_diffrn.ambient_temp_gt        ? 
_diffrn.ambient_temp_lt        ? 
# 
_diffrn_detector.details                      ? 
_diffrn_detector.detector                     CCD 
_diffrn_detector.diffrn_id                    1 
_diffrn_detector.type                         'MARMOSAIC 225 mm CCD' 
_diffrn_detector.area_resol_mean              ? 
_diffrn_detector.dtime                        ? 
_diffrn_detector.pdbx_frames_total            ? 
_diffrn_detector.pdbx_collection_time_total   ? 
_diffrn_detector.pdbx_collection_date         2016-12-08 
# 
_diffrn_radiation.collimation                      ? 
_diffrn_radiation.diffrn_id                        1 
_diffrn_radiation.filter_edge                      ? 
_diffrn_radiation.inhomogeneity                    ? 
_diffrn_radiation.monochromator                    ? 
_diffrn_radiation.polarisn_norm                    ? 
_diffrn_radiation.polarisn_ratio                   ? 
_diffrn_radiation.probe                            ? 
_diffrn_radiation.type                             ? 
_diffrn_radiation.xray_symbol                      ? 
_diffrn_radiation.wavelength_id                    1 
_diffrn_radiation.pdbx_monochromatic_or_laue_m_l   M 
_diffrn_radiation.pdbx_wavelength_list             ? 
_diffrn_radiation.pdbx_wavelength                  ? 
_diffrn_radiation.pdbx_diffrn_protocol             'SINGLE WAVELENGTH' 
_diffrn_radiation.pdbx_analyzer                    ? 
_diffrn_radiation.pdbx_scattering_type             x-ray 
# 
_diffrn_radiation_wavelength.id           1 
_diffrn_radiation_wavelength.wavelength   0.979 
_diffrn_radiation_wavelength.wt           1.0 
# 
_diffrn_source.current                     ? 
_diffrn_source.details                     ? 
_diffrn_source.diffrn_id                   1 
_diffrn_source.power                       ? 
_diffrn_source.size                        ? 
_diffrn_source.source                      SYNCHROTRON 
_diffrn_source.target                      ? 
_diffrn_source.type                        'APS BEAMLINE 21-ID-F' 
_diffrn_source.voltage                     ? 
_diffrn_source.take-off_angle              ? 
_diffrn_source.pdbx_wavelength_list        0.979 
_diffrn_source.pdbx_wavelength             ? 
_diffrn_source.pdbx_synchrotron_beamline   21-ID-F 
_diffrn_source.pdbx_synchrotron_site       APS 
# 
_reflns.B_iso_Wilson_estimate            ? 
_reflns.entry_id                         6AZ5 
_reflns.data_reduction_details           ? 
_reflns.data_reduction_method            ? 
_reflns.d_resolution_high                2.2 
_reflns.d_resolution_low                 33.28 
_reflns.details                          ? 
_reflns.limit_h_max                      ? 
_reflns.limit_h_min                      ? 
_reflns.limit_k_max                      ? 
_reflns.limit_k_min                      ? 
_reflns.limit_l_max                      ? 
_reflns.limit_l_min                      ? 
_reflns.number_all                       ? 
_reflns.number_obs                       6492 
_reflns.observed_criterion               ? 
_reflns.observed_criterion_F_max         ? 
_reflns.observed_criterion_F_min         ? 
_reflns.observed_criterion_I_max         ? 
_reflns.observed_criterion_I_min         ? 
_reflns.observed_criterion_sigma_F       ? 
_reflns.observed_criterion_sigma_I       ? 
_reflns.percent_possible_obs             99.94 
_reflns.R_free_details                   ? 
_reflns.Rmerge_F_all                     ? 
_reflns.Rmerge_F_obs                     ? 
_reflns.Friedel_coverage                 ? 
_reflns.number_gt                        ? 
_reflns.threshold_expression             ? 
_reflns.pdbx_redundancy                  16.9 
_reflns.pdbx_Rmerge_I_obs                0.07451 
_reflns.pdbx_Rmerge_I_all                ? 
_reflns.pdbx_Rsym_value                  ? 
_reflns.pdbx_netI_over_av_sigmaI         ? 
_reflns.pdbx_netI_over_sigmaI            15.08 
_reflns.pdbx_res_netI_over_av_sigmaI_2   ? 
_reflns.pdbx_res_netI_over_sigmaI_2      ? 
_reflns.pdbx_chi_squared                 ? 
_reflns.pdbx_scaling_rejects             ? 
_reflns.pdbx_d_res_high_opt              ? 
_reflns.pdbx_d_res_low_opt               ? 
_reflns.pdbx_d_res_opt_method            ? 
_reflns.phase_calculation_details        ? 
_reflns.pdbx_Rrim_I_all                  ? 
_reflns.pdbx_Rpim_I_all                  0.01875 
_reflns.pdbx_d_opt                       ? 
_reflns.pdbx_number_measured_all         ? 
_reflns.pdbx_diffrn_id                   1 
_reflns.pdbx_ordinal                     1 
_reflns.pdbx_CC_half                     0.999 
_reflns.pdbx_R_split                     ? 
# 
_reflns_shell.d_res_high                  2.2 
_reflns_shell.d_res_low                   2.279 
_reflns_shell.meanI_over_sigI_all         ? 
_reflns_shell.meanI_over_sigI_obs         9.98 
_reflns_shell.number_measured_all         ? 
_reflns_shell.number_measured_obs         ? 
_reflns_shell.number_possible             ? 
_reflns_shell.number_unique_all           ? 
_reflns_shell.number_unique_obs           608 
_reflns_shell.percent_possible_all        100 
_reflns_shell.percent_possible_obs        ? 
_reflns_shell.Rmerge_F_all                ? 
_reflns_shell.Rmerge_F_obs                ? 
_reflns_shell.Rmerge_I_all                ? 
_reflns_shell.Rmerge_I_obs                0.1759 
_reflns_shell.meanI_over_sigI_gt          ? 
_reflns_shell.meanI_over_uI_all           ? 
_reflns_shell.meanI_over_uI_gt            ? 
_reflns_shell.number_measured_gt          ? 
_reflns_shell.number_unique_gt            ? 
_reflns_shell.percent_possible_gt         ? 
_reflns_shell.Rmerge_F_gt                 ? 
_reflns_shell.Rmerge_I_gt                 ? 
_reflns_shell.pdbx_redundancy             17.6 
_reflns_shell.pdbx_Rsym_value             ? 
_reflns_shell.pdbx_chi_squared            ? 
_reflns_shell.pdbx_netI_over_sigmaI_all   ? 
_reflns_shell.pdbx_netI_over_sigmaI_obs   ? 
_reflns_shell.pdbx_Rrim_I_all             ? 
_reflns_shell.pdbx_Rpim_I_all             0.04297 
_reflns_shell.pdbx_rejects                ? 
_reflns_shell.pdbx_ordinal                1 
_reflns_shell.pdbx_diffrn_id              1 
_reflns_shell.pdbx_CC_half                0.996 
_reflns_shell.pdbx_R_split                ? 
# 
_refine.aniso_B[1][1]                            ? 
_refine.aniso_B[1][2]                            ? 
_refine.aniso_B[1][3]                            ? 
_refine.aniso_B[2][2]                            ? 
_refine.aniso_B[2][3]                            ? 
_refine.aniso_B[3][3]                            ? 
_refine.B_iso_max                                ? 
_refine.B_iso_mean                               ? 
_refine.B_iso_min                                ? 
_refine.correlation_coeff_Fo_to_Fc               ? 
_refine.correlation_coeff_Fo_to_Fc_free          ? 
_refine.details                                  ? 
_refine.diff_density_max                         ? 
_refine.diff_density_max_esd                     ? 
_refine.diff_density_min                         ? 
_refine.diff_density_min_esd                     ? 
_refine.diff_density_rms                         ? 
_refine.diff_density_rms_esd                     ? 
_refine.entry_id                                 6AZ5 
_refine.pdbx_refine_id                           'X-RAY DIFFRACTION' 
_refine.ls_abs_structure_details                 ? 
_refine.ls_abs_structure_Flack                   ? 
_refine.ls_abs_structure_Flack_esd               ? 
_refine.ls_abs_structure_Rogers                  ? 
_refine.ls_abs_structure_Rogers_esd              ? 
_refine.ls_d_res_high                            2.200 
_refine.ls_d_res_low                             33.28 
_refine.ls_extinction_coef                       ? 
_refine.ls_extinction_coef_esd                   ? 
_refine.ls_extinction_expression                 ? 
_refine.ls_extinction_method                     ? 
_refine.ls_goodness_of_fit_all                   ? 
_refine.ls_goodness_of_fit_all_esd               ? 
_refine.ls_goodness_of_fit_obs                   ? 
_refine.ls_goodness_of_fit_obs_esd               ? 
_refine.ls_hydrogen_treatment                    ? 
_refine.ls_matrix_type                           ? 
_refine.ls_number_constraints                    ? 
_refine.ls_number_parameters                     ? 
_refine.ls_number_reflns_all                     ? 
_refine.ls_number_reflns_obs                     6492 
_refine.ls_number_reflns_R_free                  650 
_refine.ls_number_reflns_R_work                  ? 
_refine.ls_number_restraints                     ? 
_refine.ls_percent_reflns_obs                    99.98 
_refine.ls_percent_reflns_R_free                 10.01 
_refine.ls_R_factor_all                          ? 
_refine.ls_R_factor_obs                          0.2339 
_refine.ls_R_factor_R_free                       0.2555 
_refine.ls_R_factor_R_free_error                 ? 
_refine.ls_R_factor_R_free_error_details         ? 
_refine.ls_R_factor_R_work                       0.2315 
_refine.ls_R_Fsqd_factor_obs                     ? 
_refine.ls_R_I_factor_obs                        ? 
_refine.ls_redundancy_reflns_all                 ? 
_refine.ls_redundancy_reflns_obs                 ? 
_refine.ls_restrained_S_all                      ? 
_refine.ls_restrained_S_obs                      ? 
_refine.ls_shift_over_esd_max                    ? 
_refine.ls_shift_over_esd_mean                   ? 
_refine.ls_structure_factor_coef                 ? 
_refine.ls_weighting_details                     ? 
_refine.ls_weighting_scheme                      ? 
_refine.ls_wR_factor_all                         ? 
_refine.ls_wR_factor_obs                         ? 
_refine.ls_wR_factor_R_free                      ? 
_refine.ls_wR_factor_R_work                      ? 
_refine.occupancy_max                            ? 
_refine.occupancy_min                            ? 
_refine.solvent_model_details                    ? 
_refine.solvent_model_param_bsol                 ? 
_refine.solvent_model_param_ksol                 ? 
_refine.ls_R_factor_gt                           ? 
_refine.ls_goodness_of_fit_gt                    ? 
_refine.ls_goodness_of_fit_ref                   ? 
_refine.ls_shift_over_su_max                     ? 
_refine.ls_shift_over_su_max_lt                  ? 
_refine.ls_shift_over_su_mean                    ? 
_refine.ls_shift_over_su_mean_lt                 ? 
_refine.pdbx_ls_sigma_I                          ? 
_refine.pdbx_ls_sigma_F                          1.40 
_refine.pdbx_ls_sigma_Fsqd                       ? 
_refine.pdbx_data_cutoff_high_absF               ? 
_refine.pdbx_data_cutoff_high_rms_absF           ? 
_refine.pdbx_data_cutoff_low_absF                ? 
_refine.pdbx_isotropic_thermal_model             ? 
_refine.pdbx_ls_cross_valid_method               'FREE R-VALUE' 
_refine.pdbx_method_to_determine_struct          SAD 
_refine.pdbx_starting_model                      ? 
_refine.pdbx_stereochemistry_target_values       ? 
_refine.pdbx_R_Free_selection_details            ? 
_refine.pdbx_stereochem_target_val_spec_case     ? 
_refine.pdbx_overall_ESU_R                       ? 
_refine.pdbx_overall_ESU_R_Free                  ? 
_refine.pdbx_solvent_vdw_probe_radii             1.11 
_refine.pdbx_solvent_ion_probe_radii             ? 
_refine.pdbx_solvent_shrinkage_radii             0.90 
_refine.pdbx_real_space_R                        ? 
_refine.pdbx_density_correlation                 ? 
_refine.pdbx_pd_number_of_powder_patterns        ? 
_refine.pdbx_pd_number_of_points                 ? 
_refine.pdbx_pd_meas_number_of_points            ? 
_refine.pdbx_pd_proc_ls_prof_R_factor            ? 
_refine.pdbx_pd_proc_ls_prof_wR_factor           ? 
_refine.pdbx_pd_Marquardt_correlation_coeff      ? 
_refine.pdbx_pd_Fsqrd_R_factor                   ? 
_refine.pdbx_pd_ls_matrix_band_width             ? 
_refine.pdbx_overall_phase_error                 26.02 
_refine.pdbx_overall_SU_R_free_Cruickshank_DPI   ? 
_refine.pdbx_overall_SU_R_free_Blow_DPI          ? 
_refine.pdbx_overall_SU_R_Blow_DPI               ? 
_refine.pdbx_TLS_residual_ADP_flag               ? 
_refine.pdbx_diffrn_id                           1 
_refine.overall_SU_B                             ? 
_refine.overall_SU_ML                            0.29 
_refine.overall_SU_R_Cruickshank_DPI             ? 
_refine.overall_SU_R_free                        ? 
_refine.overall_FOM_free_R_set                   ? 
_refine.overall_FOM_work_R_set                   ? 
_refine.pdbx_average_fsc_overall                 ? 
_refine.pdbx_average_fsc_work                    ? 
_refine.pdbx_average_fsc_free                    ? 
# 
_refine_hist.pdbx_refine_id                   'X-RAY DIFFRACTION' 
_refine_hist.cycle_id                         LAST 
_refine_hist.pdbx_number_atoms_protein        920 
_refine_hist.pdbx_number_atoms_nucleic_acid   0 
_refine_hist.pdbx_number_atoms_ligand         0 
_refine_hist.number_atoms_solvent             48 
_refine_hist.number_atoms_total               968 
_refine_hist.d_res_high                       2.200 
_refine_hist.d_res_low                        33.28 
# 
loop_
_refine_ls_restr.pdbx_refine_id 
_refine_ls_restr.criterion 
_refine_ls_restr.dev_ideal 
_refine_ls_restr.dev_ideal_target 
_refine_ls_restr.number 
_refine_ls_restr.rejects 
_refine_ls_restr.type 
_refine_ls_restr.weight 
_refine_ls_restr.pdbx_restraint_function 
'X-RAY DIFFRACTION' ? 0.004  ? 945  ? f_bond_d           ? ? 
'X-RAY DIFFRACTION' ? 0.838  ? 1288 ? f_angle_d          ? ? 
'X-RAY DIFFRACTION' ? 11.777 ? 323  ? f_dihedral_angle_d ? ? 
'X-RAY DIFFRACTION' ? 0.035  ? 136  ? f_chiral_restr     ? ? 
'X-RAY DIFFRACTION' ? 0.003  ? 165  ? f_plane_restr      ? ? 
# 
loop_
_refine_ls_shell.pdbx_refine_id 
_refine_ls_shell.d_res_high 
_refine_ls_shell.d_res_low 
_refine_ls_shell.number_reflns_all 
_refine_ls_shell.number_reflns_obs 
_refine_ls_shell.number_reflns_R_free 
_refine_ls_shell.number_reflns_R_work 
_refine_ls_shell.percent_reflns_obs 
_refine_ls_shell.percent_reflns_R_free 
_refine_ls_shell.R_factor_all 
_refine_ls_shell.R_factor_obs 
_refine_ls_shell.R_factor_R_free 
_refine_ls_shell.R_factor_R_free_error 
_refine_ls_shell.R_factor_R_work 
_refine_ls_shell.redundancy_reflns_all 
_refine_ls_shell.redundancy_reflns_obs 
_refine_ls_shell.wR_factor_all 
_refine_ls_shell.wR_factor_obs 
_refine_ls_shell.wR_factor_R_free 
_refine_ls_shell.wR_factor_R_work 
_refine_ls_shell.pdbx_total_number_of_bins_used 
_refine_ls_shell.pdbx_phase_error 
_refine_ls_shell.pdbx_fsc_work 
_refine_ls_shell.pdbx_fsc_free 
'X-RAY DIFFRACTION' 2.2001 2.3700  . . 123 1111 100.00 . . . 0.3438 . 0.2970 . . . . . . . . . . 
'X-RAY DIFFRACTION' 2.3700 2.6084  . . 127 1134 100.00 . . . 0.3354 . 0.2973 . . . . . . . . . . 
'X-RAY DIFFRACTION' 2.6084 2.9857  . . 127 1154 100.00 . . . 0.2992 . 0.2714 . . . . . . . . . . 
'X-RAY DIFFRACTION' 2.9857 3.7612  . . 130 1166 100.00 . . . 0.2530 . 0.2070 . . . . . . . . . . 
'X-RAY DIFFRACTION' 3.7612 38.1820 . . 143 1278 100.00 . . . 0.1961 . 0.1959 . . . . . . . . . . 
# 
_struct.entry_id                     6AZ5 
_struct.title                        'Crystal structure of CBMd (family CBM41) from Eubacterium rectale Amy13K' 
_struct.pdbx_model_details           ? 
_struct.pdbx_formula_weight          ? 
_struct.pdbx_formula_weight_method   ? 
_struct.pdbx_model_type_details      ? 
_struct.pdbx_CASP_flag               N 
# 
_struct_keywords.entry_id        6AZ5 
_struct_keywords.text            
'Carbohydrate Binding Module, Amylase, Starch, Gut Microbiome, Eubacterium rectale, SUGAR BINDING PROTEIN' 
_struct_keywords.pdbx_keywords   'SUGAR BINDING PROTEIN' 
# 
loop_
_struct_asym.id 
_struct_asym.pdbx_blank_PDB_chainid_flag 
_struct_asym.pdbx_modified 
_struct_asym.entity_id 
_struct_asym.details 
A N N 1 ? 
B N N 2 ? 
# 
_struct_ref.id                         1 
_struct_ref.db_name                    UNP 
_struct_ref.db_code                    D6DYI9_9FIRM 
_struct_ref.pdbx_db_accession          D6DYI9 
_struct_ref.pdbx_db_isoform            ? 
_struct_ref.entity_id                  1 
_struct_ref.pdbx_seq_one_letter_code   
;PDHTFTIYYYNEDLSTDTDMGKVDLWMWNAGLDGSYVFDGTYYDAENKVTWFKQTITVAGSNVGKTVGLKARYDNTKGWD
GGSDTADRSFTISGDENEVLYYVDGSDPVHEKPVIV
;
_struct_ref.pdbx_align_begin           391 
# 
_struct_ref_seq.align_id                      1 
_struct_ref_seq.ref_id                        1 
_struct_ref_seq.pdbx_PDB_id_code              6AZ5 
_struct_ref_seq.pdbx_strand_id                A 
_struct_ref_seq.seq_align_beg                 1 
_struct_ref_seq.pdbx_seq_align_beg_ins_code   ? 
_struct_ref_seq.seq_align_end                 116 
_struct_ref_seq.pdbx_seq_align_end_ins_code   ? 
_struct_ref_seq.pdbx_db_accession             D6DYI9 
_struct_ref_seq.db_align_beg                  391 
_struct_ref_seq.pdbx_db_align_beg_ins_code    ? 
_struct_ref_seq.db_align_end                  506 
_struct_ref_seq.pdbx_db_align_end_ins_code    ? 
_struct_ref_seq.pdbx_auth_seq_align_beg       391 
_struct_ref_seq.pdbx_auth_seq_align_end       506 
# 
_pdbx_struct_assembly.id                   1 
_pdbx_struct_assembly.details              author_and_software_defined_assembly 
_pdbx_struct_assembly.method_details       PISA 
_pdbx_struct_assembly.oligomeric_details   monomeric 
_pdbx_struct_assembly.oligomeric_count     1 
# 
loop_
_pdbx_struct_assembly_prop.biol_id 
_pdbx_struct_assembly_prop.type 
_pdbx_struct_assembly_prop.value 
_pdbx_struct_assembly_prop.details 
1 'ABSA (A^2)' 0    ? 
1 MORE         0    ? 
1 'SSA (A^2)'  6120 ? 
# 
_pdbx_struct_assembly_gen.assembly_id       1 
_pdbx_struct_assembly_gen.oper_expression   1 
_pdbx_struct_assembly_gen.asym_id_list      A,B 
# 
_pdbx_struct_assembly_auth_evidence.id                     1 
_pdbx_struct_assembly_auth_evidence.assembly_id            1 
_pdbx_struct_assembly_auth_evidence.experimental_support   none 
_pdbx_struct_assembly_auth_evidence.details                ? 
# 
_pdbx_struct_oper_list.id                   1 
_pdbx_struct_oper_list.type                 'identity operation' 
_pdbx_struct_oper_list.name                 1_555 
_pdbx_struct_oper_list.symmetry_operation   x,y,z 
_pdbx_struct_oper_list.matrix[1][1]         1.0000000000 
_pdbx_struct_oper_list.matrix[1][2]         0.0000000000 
_pdbx_struct_oper_list.matrix[1][3]         0.0000000000 
_pdbx_struct_oper_list.vector[1]            0.0000000000 
_pdbx_struct_oper_list.matrix[2][1]         0.0000000000 
_pdbx_struct_oper_list.matrix[2][2]         1.0000000000 
_pdbx_struct_oper_list.matrix[2][3]         0.0000000000 
_pdbx_struct_oper_list.vector[2]            0.0000000000 
_pdbx_struct_oper_list.matrix[3][1]         0.0000000000 
_pdbx_struct_oper_list.matrix[3][2]         0.0000000000 
_pdbx_struct_oper_list.matrix[3][3]         1.0000000000 
_pdbx_struct_oper_list.vector[3]            0.0000000000 
# 
loop_
_struct_conf.conf_type_id 
_struct_conf.id 
_struct_conf.pdbx_PDB_helix_id 
_struct_conf.beg_label_comp_id 
_struct_conf.beg_label_asym_id 
_struct_conf.beg_label_seq_id 
_struct_conf.pdbx_beg_PDB_ins_code 
_struct_conf.end_label_comp_id 
_struct_conf.end_label_asym_id 
_struct_conf.end_label_seq_id 
_struct_conf.pdbx_end_PDB_ins_code 
_struct_conf.beg_auth_comp_id 
_struct_conf.beg_auth_asym_id 
_struct_conf.beg_auth_seq_id 
_struct_conf.end_auth_comp_id 
_struct_conf.end_auth_asym_id 
_struct_conf.end_auth_seq_id 
_struct_conf.pdbx_PDB_helix_class 
_struct_conf.details 
_struct_conf.pdbx_PDB_helix_length 
HELX_P HELX_P1 AA1 ALA A 59 ? VAL A 63 ? ALA A 449 VAL A 453 5 ? 5 
HELX_P HELX_P2 AA2 ASP A 74 ? GLY A 82 ? ASP A 464 GLY A 472 5 ? 9 
# 
_struct_conf_type.id          HELX_P 
_struct_conf_type.criteria    ? 
_struct_conf_type.reference   ? 
# 
loop_
_struct_sheet.id 
_struct_sheet.type 
_struct_sheet.number_strands 
_struct_sheet.details 
AA1 ? 4 ? 
AA2 ? 4 ? 
# 
loop_
_struct_sheet_order.sheet_id 
_struct_sheet_order.range_id_1 
_struct_sheet_order.range_id_2 
_struct_sheet_order.offset 
_struct_sheet_order.sense 
AA1 1 2 ? anti-parallel 
AA1 2 3 ? anti-parallel 
AA1 3 4 ? parallel      
AA2 1 2 ? anti-parallel 
AA2 2 3 ? anti-parallel 
AA2 3 4 ? anti-parallel 
# 
loop_
_struct_sheet_range.sheet_id 
_struct_sheet_range.id 
_struct_sheet_range.beg_label_comp_id 
_struct_sheet_range.beg_label_asym_id 
_struct_sheet_range.beg_label_seq_id 
_struct_sheet_range.pdbx_beg_PDB_ins_code 
_struct_sheet_range.end_label_comp_id 
_struct_sheet_range.end_label_asym_id 
_struct_sheet_range.end_label_seq_id 
_struct_sheet_range.pdbx_end_PDB_ins_code 
_struct_sheet_range.beg_auth_comp_id 
_struct_sheet_range.beg_auth_asym_id 
_struct_sheet_range.beg_auth_seq_id 
_struct_sheet_range.end_auth_comp_id 
_struct_sheet_range.end_auth_asym_id 
_struct_sheet_range.end_auth_seq_id 
AA1 1 GLY A 40 ? ASP A 44  ? GLY A 430 ASP A 434 
AA1 2 VAL A 49 ? VAL A 58  ? VAL A 439 VAL A 448 
AA1 3 HIS A 3  ? TYR A 10  ? HIS A 393 TYR A 400 
AA1 4 VAL A 99 ? VAL A 103 ? VAL A 489 VAL A 493 
AA2 1 LEU A 32 ? VAL A 37  ? LEU A 422 VAL A 427 
AA2 2 ASP A 24 ? ASN A 29  ? ASP A 414 ASN A 419 
AA2 3 THR A 66 ? ARG A 72  ? THR A 456 ARG A 462 
AA2 4 ARG A 88 ? THR A 91  ? ARG A 478 THR A 481 
# 
loop_
_pdbx_struct_sheet_hbond.sheet_id 
_pdbx_struct_sheet_hbond.range_id_1 
_pdbx_struct_sheet_hbond.range_id_2 
_pdbx_struct_sheet_hbond.range_1_label_atom_id 
_pdbx_struct_sheet_hbond.range_1_label_comp_id 
_pdbx_struct_sheet_hbond.range_1_label_asym_id 
_pdbx_struct_sheet_hbond.range_1_label_seq_id 
_pdbx_struct_sheet_hbond.range_1_PDB_ins_code 
_pdbx_struct_sheet_hbond.range_1_auth_atom_id 
_pdbx_struct_sheet_hbond.range_1_auth_comp_id 
_pdbx_struct_sheet_hbond.range_1_auth_asym_id 
_pdbx_struct_sheet_hbond.range_1_auth_seq_id 
_pdbx_struct_sheet_hbond.range_2_label_atom_id 
_pdbx_struct_sheet_hbond.range_2_label_comp_id 
_pdbx_struct_sheet_hbond.range_2_label_asym_id 
_pdbx_struct_sheet_hbond.range_2_label_seq_id 
_pdbx_struct_sheet_hbond.range_2_PDB_ins_code 
_pdbx_struct_sheet_hbond.range_2_auth_atom_id 
_pdbx_struct_sheet_hbond.range_2_auth_comp_id 
_pdbx_struct_sheet_hbond.range_2_auth_asym_id 
_pdbx_struct_sheet_hbond.range_2_auth_seq_id 
AA1 1 2 N ASP A 44 ? N ASP A 434 O VAL A 49  ? O VAL A 439 
AA1 2 3 O VAL A 58 ? O VAL A 448 N HIS A 3   ? N HIS A 393 
AA1 3 4 N TYR A 8  ? N TYR A 398 O LEU A 100 ? O LEU A 490 
AA2 1 2 O GLY A 34 ? O GLY A 424 N MET A 27  ? N MET A 417 
AA2 2 3 N TRP A 26 ? N TRP A 416 O LYS A 70  ? O LYS A 460 
AA2 3 4 N VAL A 67 ? N VAL A 457 O PHE A 90  ? O PHE A 480 
# 
_pdbx_validate_close_contact.id               1 
_pdbx_validate_close_contact.PDB_model_num    1 
_pdbx_validate_close_contact.auth_atom_id_1   O 
_pdbx_validate_close_contact.auth_asym_id_1   A 
_pdbx_validate_close_contact.auth_comp_id_1   HOH 
_pdbx_validate_close_contact.auth_seq_id_1    622 
_pdbx_validate_close_contact.PDB_ins_code_1   ? 
_pdbx_validate_close_contact.label_alt_id_1   ? 
_pdbx_validate_close_contact.auth_atom_id_2   O 
_pdbx_validate_close_contact.auth_asym_id_2   A 
_pdbx_validate_close_contact.auth_comp_id_2   HOH 
_pdbx_validate_close_contact.auth_seq_id_2    639 
_pdbx_validate_close_contact.PDB_ins_code_2   ? 
_pdbx_validate_close_contact.label_alt_id_2   ? 
_pdbx_validate_close_contact.dist             2.17 
# 
loop_
_pdbx_validate_torsion.id 
_pdbx_validate_torsion.PDB_model_num 
_pdbx_validate_torsion.auth_comp_id 
_pdbx_validate_torsion.auth_asym_id 
_pdbx_validate_torsion.auth_seq_id 
_pdbx_validate_torsion.PDB_ins_code 
_pdbx_validate_torsion.label_alt_id 
_pdbx_validate_torsion.phi 
_pdbx_validate_torsion.psi 
1 1 ASN A 419 ? ? 65.60   165.88 
2 1 LYS A 438 ? ? 36.78   56.14  
3 1 ASP A 464 ? ? -152.13 89.19  
4 1 ASN A 487 ? ? -113.33 67.50  
# 
_pdbx_struct_special_symmetry.id              1 
_pdbx_struct_special_symmetry.PDB_model_num   1 
_pdbx_struct_special_symmetry.auth_asym_id    A 
_pdbx_struct_special_symmetry.auth_comp_id    HOH 
_pdbx_struct_special_symmetry.auth_seq_id     642 
_pdbx_struct_special_symmetry.PDB_ins_code    ? 
_pdbx_struct_special_symmetry.label_asym_id   B 
_pdbx_struct_special_symmetry.label_comp_id   HOH 
_pdbx_struct_special_symmetry.label_seq_id    . 
# 
loop_
_chem_comp_atom.comp_id 
_chem_comp_atom.atom_id 
_chem_comp_atom.type_symbol 
_chem_comp_atom.pdbx_aromatic_flag 
_chem_comp_atom.pdbx_stereo_config 
_chem_comp_atom.pdbx_ordinal 
ALA N    N N N 1   
ALA CA   C N S 2   
ALA C    C N N 3   
ALA O    O N N 4   
ALA CB   C N N 5   
ALA OXT  O N N 6   
ALA H    H N N 7   
ALA H2   H N N 8   
ALA HA   H N N 9   
ALA HB1  H N N 10  
ALA HB2  H N N 11  
ALA HB3  H N N 12  
ALA HXT  H N N 13  
ARG N    N N N 14  
ARG CA   C N S 15  
ARG C    C N N 16  
ARG O    O N N 17  
ARG CB   C N N 18  
ARG CG   C N N 19  
ARG CD   C N N 20  
ARG NE   N N N 21  
ARG CZ   C N N 22  
ARG NH1  N N N 23  
ARG NH2  N N N 24  
ARG OXT  O N N 25  
ARG H    H N N 26  
ARG H2   H N N 27  
ARG HA   H N N 28  
ARG HB2  H N N 29  
ARG HB3  H N N 30  
ARG HG2  H N N 31  
ARG HG3  H N N 32  
ARG HD2  H N N 33  
ARG HD3  H N N 34  
ARG HE   H N N 35  
ARG HH11 H N N 36  
ARG HH12 H N N 37  
ARG HH21 H N N 38  
ARG HH22 H N N 39  
ARG HXT  H N N 40  
ASN N    N N N 41  
ASN CA   C N S 42  
ASN C    C N N 43  
ASN O    O N N 44  
ASN CB   C N N 45  
ASN CG   C N N 46  
ASN OD1  O N N 47  
ASN ND2  N N N 48  
ASN OXT  O N N 49  
ASN H    H N N 50  
ASN H2   H N N 51  
ASN HA   H N N 52  
ASN HB2  H N N 53  
ASN HB3  H N N 54  
ASN HD21 H N N 55  
ASN HD22 H N N 56  
ASN HXT  H N N 57  
ASP N    N N N 58  
ASP CA   C N S 59  
ASP C    C N N 60  
ASP O    O N N 61  
ASP CB   C N N 62  
ASP CG   C N N 63  
ASP OD1  O N N 64  
ASP OD2  O N N 65  
ASP OXT  O N N 66  
ASP H    H N N 67  
ASP H2   H N N 68  
ASP HA   H N N 69  
ASP HB2  H N N 70  
ASP HB3  H N N 71  
ASP HD2  H N N 72  
ASP HXT  H N N 73  
GLN N    N N N 74  
GLN CA   C N S 75  
GLN C    C N N 76  
GLN O    O N N 77  
GLN CB   C N N 78  
GLN CG   C N N 79  
GLN CD   C N N 80  
GLN OE1  O N N 81  
GLN NE2  N N N 82  
GLN OXT  O N N 83  
GLN H    H N N 84  
GLN H2   H N N 85  
GLN HA   H N N 86  
GLN HB2  H N N 87  
GLN HB3  H N N 88  
GLN HG2  H N N 89  
GLN HG3  H N N 90  
GLN HE21 H N N 91  
GLN HE22 H N N 92  
GLN HXT  H N N 93  
GLU N    N N N 94  
GLU CA   C N S 95  
GLU C    C N N 96  
GLU O    O N N 97  
GLU CB   C N N 98  
GLU CG   C N N 99  
GLU CD   C N N 100 
GLU OE1  O N N 101 
GLU OE2  O N N 102 
GLU OXT  O N N 103 
GLU H    H N N 104 
GLU H2   H N N 105 
GLU HA   H N N 106 
GLU HB2  H N N 107 
GLU HB3  H N N 108 
GLU HG2  H N N 109 
GLU HG3  H N N 110 
GLU HE2  H N N 111 
GLU HXT  H N N 112 
GLY N    N N N 113 
GLY CA   C N N 114 
GLY C    C N N 115 
GLY O    O N N 116 
GLY OXT  O N N 117 
GLY H    H N N 118 
GLY H2   H N N 119 
GLY HA2  H N N 120 
GLY HA3  H N N 121 
GLY HXT  H N N 122 
HIS N    N N N 123 
HIS CA   C N S 124 
HIS C    C N N 125 
HIS O    O N N 126 
HIS CB   C N N 127 
HIS CG   C Y N 128 
HIS ND1  N Y N 129 
HIS CD2  C Y N 130 
HIS CE1  C Y N 131 
HIS NE2  N Y N 132 
HIS OXT  O N N 133 
HIS H    H N N 134 
HIS H2   H N N 135 
HIS HA   H N N 136 
HIS HB2  H N N 137 
HIS HB3  H N N 138 
HIS HD1  H N N 139 
HIS HD2  H N N 140 
HIS HE1  H N N 141 
HIS HE2  H N N 142 
HIS HXT  H N N 143 
HOH O    O N N 144 
HOH H1   H N N 145 
HOH H2   H N N 146 
ILE N    N N N 147 
ILE CA   C N S 148 
ILE C    C N N 149 
ILE O    O N N 150 
ILE CB   C N S 151 
ILE CG1  C N N 152 
ILE CG2  C N N 153 
ILE CD1  C N N 154 
ILE OXT  O N N 155 
ILE H    H N N 156 
ILE H2   H N N 157 
ILE HA   H N N 158 
ILE HB   H N N 159 
ILE HG12 H N N 160 
ILE HG13 H N N 161 
ILE HG21 H N N 162 
ILE HG22 H N N 163 
ILE HG23 H N N 164 
ILE HD11 H N N 165 
ILE HD12 H N N 166 
ILE HD13 H N N 167 
ILE HXT  H N N 168 
LEU N    N N N 169 
LEU CA   C N S 170 
LEU C    C N N 171 
LEU O    O N N 172 
LEU CB   C N N 173 
LEU CG   C N N 174 
LEU CD1  C N N 175 
LEU CD2  C N N 176 
LEU OXT  O N N 177 
LEU H    H N N 178 
LEU H2   H N N 179 
LEU HA   H N N 180 
LEU HB2  H N N 181 
LEU HB3  H N N 182 
LEU HG   H N N 183 
LEU HD11 H N N 184 
LEU HD12 H N N 185 
LEU HD13 H N N 186 
LEU HD21 H N N 187 
LEU HD22 H N N 188 
LEU HD23 H N N 189 
LEU HXT  H N N 190 
LYS N    N N N 191 
LYS CA   C N S 192 
LYS C    C N N 193 
LYS O    O N N 194 
LYS CB   C N N 195 
LYS CG   C N N 196 
LYS CD   C N N 197 
LYS CE   C N N 198 
LYS NZ   N N N 199 
LYS OXT  O N N 200 
LYS H    H N N 201 
LYS H2   H N N 202 
LYS HA   H N N 203 
LYS HB2  H N N 204 
LYS HB3  H N N 205 
LYS HG2  H N N 206 
LYS HG3  H N N 207 
LYS HD2  H N N 208 
LYS HD3  H N N 209 
LYS HE2  H N N 210 
LYS HE3  H N N 211 
LYS HZ1  H N N 212 
LYS HZ2  H N N 213 
LYS HZ3  H N N 214 
LYS HXT  H N N 215 
MET N    N N N 216 
MET CA   C N S 217 
MET C    C N N 218 
MET O    O N N 219 
MET CB   C N N 220 
MET CG   C N N 221 
MET SD   S N N 222 
MET CE   C N N 223 
MET OXT  O N N 224 
MET H    H N N 225 
MET H2   H N N 226 
MET HA   H N N 227 
MET HB2  H N N 228 
MET HB3  H N N 229 
MET HG2  H N N 230 
MET HG3  H N N 231 
MET HE1  H N N 232 
MET HE2  H N N 233 
MET HE3  H N N 234 
MET HXT  H N N 235 
PHE N    N N N 236 
PHE CA   C N S 237 
PHE C    C N N 238 
PHE O    O N N 239 
PHE CB   C N N 240 
PHE CG   C Y N 241 
PHE CD1  C Y N 242 
PHE CD2  C Y N 243 
PHE CE1  C Y N 244 
PHE CE2  C Y N 245 
PHE CZ   C Y N 246 
PHE OXT  O N N 247 
PHE H    H N N 248 
PHE H2   H N N 249 
PHE HA   H N N 250 
PHE HB2  H N N 251 
PHE HB3  H N N 252 
PHE HD1  H N N 253 
PHE HD2  H N N 254 
PHE HE1  H N N 255 
PHE HE2  H N N 256 
PHE HZ   H N N 257 
PHE HXT  H N N 258 
PRO N    N N N 259 
PRO CA   C N S 260 
PRO C    C N N 261 
PRO O    O N N 262 
PRO CB   C N N 263 
PRO CG   C N N 264 
PRO CD   C N N 265 
PRO OXT  O N N 266 
PRO H    H N N 267 
PRO HA   H N N 268 
PRO HB2  H N N 269 
PRO HB3  H N N 270 
PRO HG2  H N N 271 
PRO HG3  H N N 272 
PRO HD2  H N N 273 
PRO HD3  H N N 274 
PRO HXT  H N N 275 
SER N    N N N 276 
SER CA   C N S 277 
SER C    C N N 278 
SER O    O N N 279 
SER CB   C N N 280 
SER OG   O N N 281 
SER OXT  O N N 282 
SER H    H N N 283 
SER H2   H N N 284 
SER HA   H N N 285 
SER HB2  H N N 286 
SER HB3  H N N 287 
SER HG   H N N 288 
SER HXT  H N N 289 
THR N    N N N 290 
THR CA   C N S 291 
THR C    C N N 292 
THR O    O N N 293 
THR CB   C N R 294 
THR OG1  O N N 295 
THR CG2  C N N 296 
THR OXT  O N N 297 
THR H    H N N 298 
THR H2   H N N 299 
THR HA   H N N 300 
THR HB   H N N 301 
THR HG1  H N N 302 
THR HG21 H N N 303 
THR HG22 H N N 304 
THR HG23 H N N 305 
THR HXT  H N N 306 
TRP N    N N N 307 
TRP CA   C N S 308 
TRP C    C N N 309 
TRP O    O N N 310 
TRP CB   C N N 311 
TRP CG   C Y N 312 
TRP CD1  C Y N 313 
TRP CD2  C Y N 314 
TRP NE1  N Y N 315 
TRP CE2  C Y N 316 
TRP CE3  C Y N 317 
TRP CZ2  C Y N 318 
TRP CZ3  C Y N 319 
TRP CH2  C Y N 320 
TRP OXT  O N N 321 
TRP H    H N N 322 
TRP H2   H N N 323 
TRP HA   H N N 324 
TRP HB2  H N N 325 
TRP HB3  H N N 326 
TRP HD1  H N N 327 
TRP HE1  H N N 328 
TRP HE3  H N N 329 
TRP HZ2  H N N 330 
TRP HZ3  H N N 331 
TRP HH2  H N N 332 
TRP HXT  H N N 333 
TYR N    N N N 334 
TYR CA   C N S 335 
TYR C    C N N 336 
TYR O    O N N 337 
TYR CB   C N N 338 
TYR CG   C Y N 339 
TYR CD1  C Y N 340 
TYR CD2  C Y N 341 
TYR CE1  C Y N 342 
TYR CE2  C Y N 343 
TYR CZ   C Y N 344 
TYR OH   O N N 345 
TYR OXT  O N N 346 
TYR H    H N N 347 
TYR H2   H N N 348 
TYR HA   H N N 349 
TYR HB2  H N N 350 
TYR HB3  H N N 351 
TYR HD1  H N N 352 
TYR HD2  H N N 353 
TYR HE1  H N N 354 
TYR HE2  H N N 355 
TYR HH   H N N 356 
TYR HXT  H N N 357 
VAL N    N N N 358 
VAL CA   C N S 359 
VAL C    C N N 360 
VAL O    O N N 361 
VAL CB   C N N 362 
VAL CG1  C N N 363 
VAL CG2  C N N 364 
VAL OXT  O N N 365 
VAL H    H N N 366 
VAL H2   H N N 367 
VAL HA   H N N 368 
VAL HB   H N N 369 
VAL HG11 H N N 370 
VAL HG12 H N N 371 
VAL HG13 H N N 372 
VAL HG21 H N N 373 
VAL HG22 H N N 374 
VAL HG23 H N N 375 
VAL HXT  H N N 376 
# 
loop_
_chem_comp_bond.comp_id 
_chem_comp_bond.atom_id_1 
_chem_comp_bond.atom_id_2 
_chem_comp_bond.value_order 
_chem_comp_bond.pdbx_aromatic_flag 
_chem_comp_bond.pdbx_stereo_config 
_chem_comp_bond.pdbx_ordinal 
ALA N   CA   sing N N 1   
ALA N   H    sing N N 2   
ALA N   H2   sing N N 3   
ALA CA  C    sing N N 4   
ALA CA  CB   sing N N 5   
ALA CA  HA   sing N N 6   
ALA C   O    doub N N 7   
ALA C   OXT  sing N N 8   
ALA CB  HB1  sing N N 9   
ALA CB  HB2  sing N N 10  
ALA CB  HB3  sing N N 11  
ALA OXT HXT  sing N N 12  
ARG N   CA   sing N N 13  
ARG N   H    sing N N 14  
ARG N   H2   sing N N 15  
ARG CA  C    sing N N 16  
ARG CA  CB   sing N N 17  
ARG CA  HA   sing N N 18  
ARG C   O    doub N N 19  
ARG C   OXT  sing N N 20  
ARG CB  CG   sing N N 21  
ARG CB  HB2  sing N N 22  
ARG CB  HB3  sing N N 23  
ARG CG  CD   sing N N 24  
ARG CG  HG2  sing N N 25  
ARG CG  HG3  sing N N 26  
ARG CD  NE   sing N N 27  
ARG CD  HD2  sing N N 28  
ARG CD  HD3  sing N N 29  
ARG NE  CZ   sing N N 30  
ARG NE  HE   sing N N 31  
ARG CZ  NH1  sing N N 32  
ARG CZ  NH2  doub N N 33  
ARG NH1 HH11 sing N N 34  
ARG NH1 HH12 sing N N 35  
ARG NH2 HH21 sing N N 36  
ARG NH2 HH22 sing N N 37  
ARG OXT HXT  sing N N 38  
ASN N   CA   sing N N 39  
ASN N   H    sing N N 40  
ASN N   H2   sing N N 41  
ASN CA  C    sing N N 42  
ASN CA  CB   sing N N 43  
ASN CA  HA   sing N N 44  
ASN C   O    doub N N 45  
ASN C   OXT  sing N N 46  
ASN CB  CG   sing N N 47  
ASN CB  HB2  sing N N 48  
ASN CB  HB3  sing N N 49  
ASN CG  OD1  doub N N 50  
ASN CG  ND2  sing N N 51  
ASN ND2 HD21 sing N N 52  
ASN ND2 HD22 sing N N 53  
ASN OXT HXT  sing N N 54  
ASP N   CA   sing N N 55  
ASP N   H    sing N N 56  
ASP N   H2   sing N N 57  
ASP CA  C    sing N N 58  
ASP CA  CB   sing N N 59  
ASP CA  HA   sing N N 60  
ASP C   O    doub N N 61  
ASP C   OXT  sing N N 62  
ASP CB  CG   sing N N 63  
ASP CB  HB2  sing N N 64  
ASP CB  HB3  sing N N 65  
ASP CG  OD1  doub N N 66  
ASP CG  OD2  sing N N 67  
ASP OD2 HD2  sing N N 68  
ASP OXT HXT  sing N N 69  
GLN N   CA   sing N N 70  
GLN N   H    sing N N 71  
GLN N   H2   sing N N 72  
GLN CA  C    sing N N 73  
GLN CA  CB   sing N N 74  
GLN CA  HA   sing N N 75  
GLN C   O    doub N N 76  
GLN C   OXT  sing N N 77  
GLN CB  CG   sing N N 78  
GLN CB  HB2  sing N N 79  
GLN CB  HB3  sing N N 80  
GLN CG  CD   sing N N 81  
GLN CG  HG2  sing N N 82  
GLN CG  HG3  sing N N 83  
GLN CD  OE1  doub N N 84  
GLN CD  NE2  sing N N 85  
GLN NE2 HE21 sing N N 86  
GLN NE2 HE22 sing N N 87  
GLN OXT HXT  sing N N 88  
GLU N   CA   sing N N 89  
GLU N   H    sing N N 90  
GLU N   H2   sing N N 91  
GLU CA  C    sing N N 92  
GLU CA  CB   sing N N 93  
GLU CA  HA   sing N N 94  
GLU C   O    doub N N 95  
GLU C   OXT  sing N N 96  
GLU CB  CG   sing N N 97  
GLU CB  HB2  sing N N 98  
GLU CB  HB3  sing N N 99  
GLU CG  CD   sing N N 100 
GLU CG  HG2  sing N N 101 
GLU CG  HG3  sing N N 102 
GLU CD  OE1  doub N N 103 
GLU CD  OE2  sing N N 104 
GLU OE2 HE2  sing N N 105 
GLU OXT HXT  sing N N 106 
GLY N   CA   sing N N 107 
GLY N   H    sing N N 108 
GLY N   H2   sing N N 109 
GLY CA  C    sing N N 110 
GLY CA  HA2  sing N N 111 
GLY CA  HA3  sing N N 112 
GLY C   O    doub N N 113 
GLY C   OXT  sing N N 114 
GLY OXT HXT  sing N N 115 
HIS N   CA   sing N N 116 
HIS N   H    sing N N 117 
HIS N   H2   sing N N 118 
HIS CA  C    sing N N 119 
HIS CA  CB   sing N N 120 
HIS CA  HA   sing N N 121 
HIS C   O    doub N N 122 
HIS C   OXT  sing N N 123 
HIS CB  CG   sing N N 124 
HIS CB  HB2  sing N N 125 
HIS CB  HB3  sing N N 126 
HIS CG  ND1  sing Y N 127 
HIS CG  CD2  doub Y N 128 
HIS ND1 CE1  doub Y N 129 
HIS ND1 HD1  sing N N 130 
HIS CD2 NE2  sing Y N 131 
HIS CD2 HD2  sing N N 132 
HIS CE1 NE2  sing Y N 133 
HIS CE1 HE1  sing N N 134 
HIS NE2 HE2  sing N N 135 
HIS OXT HXT  sing N N 136 
HOH O   H1   sing N N 137 
HOH O   H2   sing N N 138 
ILE N   CA   sing N N 139 
ILE N   H    sing N N 140 
ILE N   H2   sing N N 141 
ILE CA  C    sing N N 142 
ILE CA  CB   sing N N 143 
ILE CA  HA   sing N N 144 
ILE C   O    doub N N 145 
ILE C   OXT  sing N N 146 
ILE CB  CG1  sing N N 147 
ILE CB  CG2  sing N N 148 
ILE CB  HB   sing N N 149 
ILE CG1 CD1  sing N N 150 
ILE CG1 HG12 sing N N 151 
ILE CG1 HG13 sing N N 152 
ILE CG2 HG21 sing N N 153 
ILE CG2 HG22 sing N N 154 
ILE CG2 HG23 sing N N 155 
ILE CD1 HD11 sing N N 156 
ILE CD1 HD12 sing N N 157 
ILE CD1 HD13 sing N N 158 
ILE OXT HXT  sing N N 159 
LEU N   CA   sing N N 160 
LEU N   H    sing N N 161 
LEU N   H2   sing N N 162 
LEU CA  C    sing N N 163 
LEU CA  CB   sing N N 164 
LEU CA  HA   sing N N 165 
LEU C   O    doub N N 166 
LEU C   OXT  sing N N 167 
LEU CB  CG   sing N N 168 
LEU CB  HB2  sing N N 169 
LEU CB  HB3  sing N N 170 
LEU CG  CD1  sing N N 171 
LEU CG  CD2  sing N N 172 
LEU CG  HG   sing N N 173 
LEU CD1 HD11 sing N N 174 
LEU CD1 HD12 sing N N 175 
LEU CD1 HD13 sing N N 176 
LEU CD2 HD21 sing N N 177 
LEU CD2 HD22 sing N N 178 
LEU CD2 HD23 sing N N 179 
LEU OXT HXT  sing N N 180 
LYS N   CA   sing N N 181 
LYS N   H    sing N N 182 
LYS N   H2   sing N N 183 
LYS CA  C    sing N N 184 
LYS CA  CB   sing N N 185 
LYS CA  HA   sing N N 186 
LYS C   O    doub N N 187 
LYS C   OXT  sing N N 188 
LYS CB  CG   sing N N 189 
LYS CB  HB2  sing N N 190 
LYS CB  HB3  sing N N 191 
LYS CG  CD   sing N N 192 
LYS CG  HG2  sing N N 193 
LYS CG  HG3  sing N N 194 
LYS CD  CE   sing N N 195 
LYS CD  HD2  sing N N 196 
LYS CD  HD3  sing N N 197 
LYS CE  NZ   sing N N 198 
LYS CE  HE2  sing N N 199 
LYS CE  HE3  sing N N 200 
LYS NZ  HZ1  sing N N 201 
LYS NZ  HZ2  sing N N 202 
LYS NZ  HZ3  sing N N 203 
LYS OXT HXT  sing N N 204 
MET N   CA   sing N N 205 
MET N   H    sing N N 206 
MET N   H2   sing N N 207 
MET CA  C    sing N N 208 
MET CA  CB   sing N N 209 
MET CA  HA   sing N N 210 
MET C   O    doub N N 211 
MET C   OXT  sing N N 212 
MET CB  CG   sing N N 213 
MET CB  HB2  sing N N 214 
MET CB  HB3  sing N N 215 
MET CG  SD   sing N N 216 
MET CG  HG2  sing N N 217 
MET CG  HG3  sing N N 218 
MET SD  CE   sing N N 219 
MET CE  HE1  sing N N 220 
MET CE  HE2  sing N N 221 
MET CE  HE3  sing N N 222 
MET OXT HXT  sing N N 223 
PHE N   CA   sing N N 224 
PHE N   H    sing N N 225 
PHE N   H2   sing N N 226 
PHE CA  C    sing N N 227 
PHE CA  CB   sing N N 228 
PHE CA  HA   sing N N 229 
PHE C   O    doub N N 230 
PHE C   OXT  sing N N 231 
PHE CB  CG   sing N N 232 
PHE CB  HB2  sing N N 233 
PHE CB  HB3  sing N N 234 
PHE CG  CD1  doub Y N 235 
PHE CG  CD2  sing Y N 236 
PHE CD1 CE1  sing Y N 237 
PHE CD1 HD1  sing N N 238 
PHE CD2 CE2  doub Y N 239 
PHE CD2 HD2  sing N N 240 
PHE CE1 CZ   doub Y N 241 
PHE CE1 HE1  sing N N 242 
PHE CE2 CZ   sing Y N 243 
PHE CE2 HE2  sing N N 244 
PHE CZ  HZ   sing N N 245 
PHE OXT HXT  sing N N 246 
PRO N   CA   sing N N 247 
PRO N   CD   sing N N 248 
PRO N   H    sing N N 249 
PRO CA  C    sing N N 250 
PRO CA  CB   sing N N 251 
PRO CA  HA   sing N N 252 
PRO C   O    doub N N 253 
PRO C   OXT  sing N N 254 
PRO CB  CG   sing N N 255 
PRO CB  HB2  sing N N 256 
PRO CB  HB3  sing N N 257 
PRO CG  CD   sing N N 258 
PRO CG  HG2  sing N N 259 
PRO CG  HG3  sing N N 260 
PRO CD  HD2  sing N N 261 
PRO CD  HD3  sing N N 262 
PRO OXT HXT  sing N N 263 
SER N   CA   sing N N 264 
SER N   H    sing N N 265 
SER N   H2   sing N N 266 
SER CA  C    sing N N 267 
SER CA  CB   sing N N 268 
SER CA  HA   sing N N 269 
SER C   O    doub N N 270 
SER C   OXT  sing N N 271 
SER CB  OG   sing N N 272 
SER CB  HB2  sing N N 273 
SER CB  HB3  sing N N 274 
SER OG  HG   sing N N 275 
SER OXT HXT  sing N N 276 
THR N   CA   sing N N 277 
THR N   H    sing N N 278 
THR N   H2   sing N N 279 
THR CA  C    sing N N 280 
THR CA  CB   sing N N 281 
THR CA  HA   sing N N 282 
THR C   O    doub N N 283 
THR C   OXT  sing N N 284 
THR CB  OG1  sing N N 285 
THR CB  CG2  sing N N 286 
THR CB  HB   sing N N 287 
THR OG1 HG1  sing N N 288 
THR CG2 HG21 sing N N 289 
THR CG2 HG22 sing N N 290 
THR CG2 HG23 sing N N 291 
THR OXT HXT  sing N N 292 
TRP N   CA   sing N N 293 
TRP N   H    sing N N 294 
TRP N   H2   sing N N 295 
TRP CA  C    sing N N 296 
TRP CA  CB   sing N N 297 
TRP CA  HA   sing N N 298 
TRP C   O    doub N N 299 
TRP C   OXT  sing N N 300 
TRP CB  CG   sing N N 301 
TRP CB  HB2  sing N N 302 
TRP CB  HB3  sing N N 303 
TRP CG  CD1  doub Y N 304 
TRP CG  CD2  sing Y N 305 
TRP CD1 NE1  sing Y N 306 
TRP CD1 HD1  sing N N 307 
TRP CD2 CE2  doub Y N 308 
TRP CD2 CE3  sing Y N 309 
TRP NE1 CE2  sing Y N 310 
TRP NE1 HE1  sing N N 311 
TRP CE2 CZ2  sing Y N 312 
TRP CE3 CZ3  doub Y N 313 
TRP CE3 HE3  sing N N 314 
TRP CZ2 CH2  doub Y N 315 
TRP CZ2 HZ2  sing N N 316 
TRP CZ3 CH2  sing Y N 317 
TRP CZ3 HZ3  sing N N 318 
TRP CH2 HH2  sing N N 319 
TRP OXT HXT  sing N N 320 
TYR N   CA   sing N N 321 
TYR N   H    sing N N 322 
TYR N   H2   sing N N 323 
TYR CA  C    sing N N 324 
TYR CA  CB   sing N N 325 
TYR CA  HA   sing N N 326 
TYR C   O    doub N N 327 
TYR C   OXT  sing N N 328 
TYR CB  CG   sing N N 329 
TYR CB  HB2  sing N N 330 
TYR CB  HB3  sing N N 331 
TYR CG  CD1  doub Y N 332 
TYR CG  CD2  sing Y N 333 
TYR CD1 CE1  sing Y N 334 
TYR CD1 HD1  sing N N 335 
TYR CD2 CE2  doub Y N 336 
TYR CD2 HD2  sing N N 337 
TYR CE1 CZ   doub Y N 338 
TYR CE1 HE1  sing N N 339 
TYR CE2 CZ   sing Y N 340 
TYR CE2 HE2  sing N N 341 
TYR CZ  OH   sing N N 342 
TYR OH  HH   sing N N 343 
TYR OXT HXT  sing N N 344 
VAL N   CA   sing N N 345 
VAL N   H    sing N N 346 
VAL N   H2   sing N N 347 
VAL CA  C    sing N N 348 
VAL CA  CB   sing N N 349 
VAL CA  HA   sing N N 350 
VAL C   O    doub N N 351 
VAL C   OXT  sing N N 352 
VAL CB  CG1  sing N N 353 
VAL CB  CG2  sing N N 354 
VAL CB  HB   sing N N 355 
VAL CG1 HG11 sing N N 356 
VAL CG1 HG12 sing N N 357 
VAL CG1 HG13 sing N N 358 
VAL CG2 HG21 sing N N 359 
VAL CG2 HG22 sing N N 360 
VAL CG2 HG23 sing N N 361 
VAL OXT HXT  sing N N 362 
# 
loop_
_pdbx_audit_support.funding_organization 
_pdbx_audit_support.country 
_pdbx_audit_support.grant_number 
_pdbx_audit_support.ordinal 
'University of Michigan Gastrointestinal Peptides Research Center'                   'United States' DK034933          1 
'Department of Energy (DOE, United States)'                                          'United States' DE-AC02-06CH11357 2 
'Michigan Economic Development Corporation and the Michigan Technology Tri-Corridor' 'United States' 085P1000817       3 
# 
_atom_sites.entry_id                    6AZ5 
_atom_sites.fract_transf_matrix[1][1]   -0.02175442 
_atom_sites.fract_transf_matrix[1][2]   0.00309463 
_atom_sites.fract_transf_matrix[1][3]   -0.00545960 
_atom_sites.fract_transf_matrix[2][1]   -0.01409158 
_atom_sites.fract_transf_matrix[2][2]   -0.01770167 
_atom_sites.fract_transf_matrix[2][3]   -0.00083244 
_atom_sites.fract_transf_matrix[3][1]   -0.00147195 
_atom_sites.fract_transf_matrix[3][2]   0.00087268 
_atom_sites.fract_transf_matrix[3][3]   0.00635981 
_atom_sites.fract_transf_vector[1]      -0.291966 
_atom_sites.fract_transf_vector[2]      -0.414064 
_atom_sites.fract_transf_vector[3]      -0.033842 
# 
loop_
_atom_type.symbol 
C 
N 
O 
S 
# 
loop_
_atom_site.group_PDB 
_atom_site.id 
_atom_site.type_symbol 
_atom_site.label_atom_id 
_atom_site.label_alt_id 
_atom_site.label_comp_id 
_atom_site.label_asym_id 
_atom_site.label_entity_id 
_atom_site.label_seq_id 
_atom_site.pdbx_PDB_ins_code 
_atom_site.Cartn_x 
_atom_site.Cartn_y 
_atom_site.Cartn_z 
_atom_site.occupancy 
_atom_site.B_iso_or_equiv 
_atom_site.pdbx_formal_charge 
_atom_site.auth_seq_id 
_atom_site.auth_comp_id 
_atom_site.auth_asym_id 
_atom_site.auth_atom_id 
_atom_site.pdbx_PDB_model_num 
ATOM   1   N N   . PRO A 1 1   ? 14.161  16.168  8.440   1.00 45.23 ? 391 PRO A N   1 
ATOM   2   C CA  . PRO A 1 1   ? 12.853  15.813  9.005   1.00 46.11 ? 391 PRO A CA  1 
ATOM   3   C C   . PRO A 1 1   ? 12.170  14.680  8.238   1.00 38.50 ? 391 PRO A C   1 
ATOM   4   O O   . PRO A 1 1   ? 12.351  14.559  7.025   1.00 33.02 ? 391 PRO A O   1 
ATOM   5   C CB  . PRO A 1 1   ? 12.055  17.113  8.883   1.00 37.28 ? 391 PRO A CB  1 
ATOM   6   C CG  . PRO A 1 1   ? 12.670  17.809  7.720   1.00 39.20 ? 391 PRO A CG  1 
ATOM   7   C CD  . PRO A 1 1   ? 14.136  17.487  7.784   1.00 40.13 ? 391 PRO A CD  1 
ATOM   8   N N   . ASP A 1 2   ? 11.393  13.868  8.953   1.00 35.98 ? 392 ASP A N   1 
ATOM   9   C CA  . ASP A 1 2   ? 10.745  12.688  8.383   1.00 29.75 ? 392 ASP A CA  1 
ATOM   10  C C   . ASP A 1 2   ? 9.807   13.027  7.237   1.00 27.38 ? 392 ASP A C   1 
ATOM   11  O O   . ASP A 1 2   ? 9.327   14.153  7.118   1.00 32.63 ? 392 ASP A O   1 
ATOM   12  C CB  . ASP A 1 2   ? 9.961   11.930  9.460   1.00 28.73 ? 392 ASP A CB  1 
ATOM   13  C CG  . ASP A 1 2   ? 10.857  11.352  10.532  1.00 38.32 ? 392 ASP A CG  1 
ATOM   14  O OD1 . ASP A 1 2   ? 12.083  11.275  10.292  1.00 40.45 ? 392 ASP A OD1 1 
ATOM   15  O OD2 . ASP A 1 2   ? 10.341  10.969  11.607  1.00 36.05 ? 392 ASP A OD2 1 
ATOM   16  N N   . HIS A 1 3   ? 9.550   12.035  6.393   1.00 24.60 ? 393 HIS A N   1 
ATOM   17  C CA  . HIS A 1 3   ? 8.593   12.179  5.307   1.00 19.22 ? 393 HIS A CA  1 
ATOM   18  C C   . HIS A 1 3   ? 7.495   11.123  5.405   1.00 17.77 ? 393 HIS A C   1 
ATOM   19  O O   . HIS A 1 3   ? 7.775   9.927   5.506   1.00 18.81 ? 393 HIS A O   1 
ATOM   20  C CB  . HIS A 1 3   ? 9.296   12.080  3.955   1.00 17.48 ? 393 HIS A CB  1 
ATOM   21  C CG  . HIS A 1 3   ? 8.352   11.977  2.802   1.00 16.01 ? 393 HIS A CG  1 
ATOM   22  N ND1 . HIS A 1 3   ? 7.567   13.035  2.389   1.00 15.06 ? 393 HIS A ND1 1 
ATOM   23  C CD2 . HIS A 1 3   ? 8.039   10.939  1.995   1.00 16.76 ? 393 HIS A CD2 1 
ATOM   24  C CE1 . HIS A 1 3   ? 6.824   12.651  1.368   1.00 19.38 ? 393 HIS A CE1 1 
ATOM   25  N NE2 . HIS A 1 3   ? 7.091   11.390  1.103   1.00 22.01 ? 393 HIS A NE2 1 
ATOM   26  N N   . THR A 1 4   ? 6.244   11.569  5.369   1.00 18.75 ? 394 THR A N   1 
ATOM   27  C CA  . THR A 1 4   ? 5.103   10.658  5.425   1.00 16.99 ? 394 THR A CA  1 
ATOM   28  C C   . THR A 1 4   ? 4.351   10.636  4.094   1.00 21.12 ? 394 THR A C   1 
ATOM   29  O O   . THR A 1 4   ? 4.046   11.682  3.526   1.00 20.67 ? 394 THR A O   1 
ATOM   30  C CB  . THR A 1 4   ? 4.127   11.049  6.553   1.00 15.72 ? 394 THR A CB  1 
ATOM   31  O OG1 . THR A 1 4   ? 4.764   10.868  7.822   1.00 15.21 ? 394 THR A OG1 1 
ATOM   32  C CG2 . THR A 1 4   ? 2.881   10.181  6.510   1.00 18.67 ? 394 THR A CG2 1 
ATOM   33  N N   . PHE A 1 5   ? 4.062   9.439   3.591   1.00 16.90 ? 395 PHE A N   1 
ATOM   34  C CA  . PHE A 1 5   ? 3.219   9.308   2.415   1.00 13.02 ? 395 PHE A CA  1 
ATOM   35  C C   . PHE A 1 5   ? 2.028   8.409   2.718   1.00 13.42 ? 395 PHE A C   1 
ATOM   36  O O   . PHE A 1 5   ? 2.040   7.642   3.672   1.00 12.92 ? 395 PHE A O   1 
ATOM   37  C CB  . PHE A 1 5   ? 4.010   8.765   1.221   1.00 17.74 ? 395 PHE A CB  1 
ATOM   38  C CG  . PHE A 1 5   ? 4.627   7.412   1.452   1.00 21.24 ? 395 PHE A CG  1 
ATOM   39  C CD1 . PHE A 1 5   ? 5.898   7.297   1.999   1.00 23.17 ? 395 PHE A CD1 1 
ATOM   40  C CD2 . PHE A 1 5   ? 3.949   6.255   1.098   1.00 17.71 ? 395 PHE A CD2 1 
ATOM   41  C CE1 . PHE A 1 5   ? 6.475   6.053   2.203   1.00 20.35 ? 395 PHE A CE1 1 
ATOM   42  C CE2 . PHE A 1 5   ? 4.518   5.007   1.303   1.00 21.63 ? 395 PHE A CE2 1 
ATOM   43  C CZ  . PHE A 1 5   ? 5.783   4.907   1.855   1.00 18.02 ? 395 PHE A CZ  1 
ATOM   44  N N   . THR A 1 6   ? 0.994   8.534   1.900   1.00 10.59 ? 396 THR A N   1 
ATOM   45  C CA  . THR A 1 6   ? -0.185  7.697   2.012   1.00 16.79 ? 396 THR A CA  1 
ATOM   46  C C   . THR A 1 6   ? -0.137  6.644   0.916   1.00 15.47 ? 396 THR A C   1 
ATOM   47  O O   . THR A 1 6   ? 0.297   6.924   -0.201  1.00 15.41 ? 396 THR A O   1 
ATOM   48  C CB  . THR A 1 6   ? -1.477  8.529   1.889   1.00 15.00 ? 396 THR A CB  1 
ATOM   49  O OG1 . THR A 1 6   ? -1.490  9.538   2.905   1.00 18.87 ? 396 THR A OG1 1 
ATOM   50  C CG2 . THR A 1 6   ? -2.702  7.655   2.039   1.00 16.27 ? 396 THR A CG2 1 
ATOM   51  N N   . ILE A 1 7   ? -0.560  5.428   1.229   1.00 15.17 ? 397 ILE A N   1 
ATOM   52  C CA  . ILE A 1 7   ? -0.677  4.419   0.192   1.00 14.56 ? 397 ILE A CA  1 
ATOM   53  C C   . ILE A 1 7   ? -2.046  3.745   0.239   1.00 15.07 ? 397 ILE A C   1 
ATOM   54  O O   . ILE A 1 7   ? -2.479  3.231   1.275   1.00 12.89 ? 397 ILE A O   1 
ATOM   55  C CB  . ILE A 1 7   ? 0.470   3.374   0.283   1.00 13.27 ? 397 ILE A CB  1 
ATOM   56  C CG1 . ILE A 1 7   ? 0.210   2.211   -0.668  1.00 12.77 ? 397 ILE A CG1 1 
ATOM   57  C CG2 . ILE A 1 7   ? 0.653   2.873   1.701   1.00 16.20 ? 397 ILE A CG2 1 
ATOM   58  C CD1 . ILE A 1 7   ? 1.470   1.435   -1.005  1.00 19.08 ? 397 ILE A CD1 1 
ATOM   59  N N   . TYR A 1 8   ? -2.735  3.804   -0.898  1.00 14.95 ? 398 TYR A N   1 
ATOM   60  C CA  . TYR A 1 8   ? -4.026  3.153   -1.083  1.00 18.56 ? 398 TYR A CA  1 
ATOM   61  C C   . TYR A 1 8   ? -3.841  1.793   -1.737  1.00 19.12 ? 398 TYR A C   1 
ATOM   62  O O   . TYR A 1 8   ? -2.984  1.637   -2.608  1.00 14.92 ? 398 TYR A O   1 
ATOM   63  C CB  . TYR A 1 8   ? -4.952  3.995   -1.959  1.00 17.86 ? 398 TYR A CB  1 
ATOM   64  C CG  . TYR A 1 8   ? -5.260  5.383   -1.449  1.00 20.52 ? 398 TYR A CG  1 
ATOM   65  C CD1 . TYR A 1 8   ? -5.367  5.649   -0.095  1.00 21.01 ? 398 TYR A CD1 1 
ATOM   66  C CD2 . TYR A 1 8   ? -5.460  6.431   -2.339  1.00 26.70 ? 398 TYR A CD2 1 
ATOM   67  C CE1 . TYR A 1 8   ? -5.664  6.926   0.360   1.00 19.14 ? 398 TYR A CE1 1 
ATOM   68  C CE2 . TYR A 1 8   ? -5.751  7.706   -1.895  1.00 25.97 ? 398 TYR A CE2 1 
ATOM   69  C CZ  . TYR A 1 8   ? -5.847  7.949   -0.545  1.00 23.16 ? 398 TYR A CZ  1 
ATOM   70  O OH  . TYR A 1 8   ? -6.136  9.218   -0.103  1.00 25.97 ? 398 TYR A OH  1 
ATOM   71  N N   . TYR A 1 9   ? -4.657  0.820   -1.334  1.00 15.74 ? 399 TYR A N   1 
ATOM   72  C CA  . TYR A 1 9   ? -4.602  -0.518  -1.922  1.00 17.34 ? 399 TYR A CA  1 
ATOM   73  C C   . TYR A 1 9   ? -5.984  -1.041  -2.297  1.00 20.05 ? 399 TYR A C   1 
ATOM   74  O O   . TYR A 1 9   ? -6.931  -0.967  -1.512  1.00 19.77 ? 399 TYR A O   1 
ATOM   75  C CB  . TYR A 1 9   ? -3.921  -1.498  -0.965  1.00 17.89 ? 399 TYR A CB  1 
ATOM   76  C CG  . TYR A 1 9   ? -4.010  -2.950  -1.380  1.00 21.40 ? 399 TYR A CG  1 
ATOM   77  C CD1 . TYR A 1 9   ? -3.273  -3.436  -2.455  1.00 24.25 ? 399 TYR A CD1 1 
ATOM   78  C CD2 . TYR A 1 9   ? -4.822  -3.845  -0.686  1.00 24.86 ? 399 TYR A CD2 1 
ATOM   79  C CE1 . TYR A 1 9   ? -3.348  -4.768  -2.836  1.00 24.54 ? 399 TYR A CE1 1 
ATOM   80  C CE2 . TYR A 1 9   ? -4.900  -5.180  -1.056  1.00 24.11 ? 399 TYR A CE2 1 
ATOM   81  C CZ  . TYR A 1 9   ? -4.162  -5.636  -2.133  1.00 27.68 ? 399 TYR A CZ  1 
ATOM   82  O OH  . TYR A 1 9   ? -4.239  -6.961  -2.505  1.00 24.20 ? 399 TYR A OH  1 
ATOM   83  N N   . TYR A 1 10  ? -6.100  -1.569  -3.506  1.00 20.95 ? 400 TYR A N   1 
ATOM   84  C CA  . TYR A 1 10  ? -7.369  -2.124  -3.941  1.00 25.14 ? 400 TYR A CA  1 
ATOM   85  C C   . TYR A 1 10  ? -7.221  -3.577  -4.365  1.00 26.84 ? 400 TYR A C   1 
ATOM   86  O O   . TYR A 1 10  ? -6.286  -3.943  -5.081  1.00 24.56 ? 400 TYR A O   1 
ATOM   87  C CB  . TYR A 1 10  ? -7.964  -1.308  -5.092  1.00 27.38 ? 400 TYR A CB  1 
ATOM   88  C CG  . TYR A 1 10  ? -9.238  -1.904  -5.643  1.00 26.13 ? 400 TYR A CG  1 
ATOM   89  C CD1 . TYR A 1 10  ? -10.461 -1.665  -5.030  1.00 26.41 ? 400 TYR A CD1 1 
ATOM   90  C CD2 . TYR A 1 10  ? -9.218  -2.715  -6.774  1.00 30.87 ? 400 TYR A CD2 1 
ATOM   91  C CE1 . TYR A 1 10  ? -11.630 -2.217  -5.528  1.00 37.35 ? 400 TYR A CE1 1 
ATOM   92  C CE2 . TYR A 1 10  ? -10.385 -3.271  -7.279  1.00 31.30 ? 400 TYR A CE2 1 
ATOM   93  C CZ  . TYR A 1 10  ? -11.584 -3.019  -6.653  1.00 34.07 ? 400 TYR A CZ  1 
ATOM   94  O OH  . TYR A 1 10  ? -12.743 -3.567  -7.151  1.00 46.11 ? 400 TYR A OH  1 
ATOM   95  N N   . ASN A 1 11  ? -8.162  -4.392  -3.903  1.00 31.72 ? 401 ASN A N   1 
ATOM   96  C CA  . ASN A 1 11  ? -8.274  -5.789  -4.295  1.00 32.40 ? 401 ASN A CA  1 
ATOM   97  C C   . ASN A 1 11  ? -9.752  -6.149  -4.312  1.00 33.50 ? 401 ASN A C   1 
ATOM   98  O O   . ASN A 1 11  ? -10.415 -6.126  -3.275  1.00 34.98 ? 401 ASN A O   1 
ATOM   99  C CB  . ASN A 1 11  ? -7.495  -6.701  -3.341  1.00 32.05 ? 401 ASN A CB  1 
ATOM   100 C CG  . ASN A 1 11  ? -7.426  -8.142  -3.828  1.00 32.44 ? 401 ASN A CG  1 
ATOM   101 O OD1 . ASN A 1 11  ? -8.363  -8.650  -4.442  1.00 39.97 ? 401 ASN A OD1 1 
ATOM   102 N ND2 . ASN A 1 11  ? -6.313  -8.803  -3.553  1.00 27.02 ? 401 ASN A ND2 1 
ATOM   103 N N   . GLU A 1 12  ? -10.268 -6.462  -5.497  1.00 40.00 ? 402 GLU A N   1 
ATOM   104 C CA  . GLU A 1 12  ? -11.687 -6.762  -5.654  1.00 40.86 ? 402 GLU A CA  1 
ATOM   105 C C   . GLU A 1 12  ? -12.080 -8.004  -4.862  1.00 31.83 ? 402 GLU A C   1 
ATOM   106 O O   . GLU A 1 12  ? -13.246 -8.180  -4.510  1.00 32.82 ? 402 GLU A O   1 
ATOM   107 C CB  . GLU A 1 12  ? -12.037 -6.942  -7.134  1.00 40.88 ? 402 GLU A CB  1 
ATOM   108 C CG  . GLU A 1 12  ? -11.156 -7.943  -7.864  1.00 44.49 ? 402 GLU A CG  1 
ATOM   109 C CD  . GLU A 1 12  ? -11.608 -8.183  -9.296  1.00 56.89 ? 402 GLU A CD  1 
ATOM   110 O OE1 . GLU A 1 12  ? -12.685 -7.672  -9.673  1.00 57.84 ? 402 GLU A OE1 1 
ATOM   111 O OE2 . GLU A 1 12  ? -10.887 -8.883  -10.039 1.00 51.74 ? 402 GLU A OE2 1 
ATOM   112 N N   . ASP A 1 13  ? -11.098 -8.853  -4.574  1.00 29.29 ? 403 ASP A N   1 
ATOM   113 C CA  . ASP A 1 13  ? -11.339 -10.080 -3.820  1.00 39.61 ? 403 ASP A CA  1 
ATOM   114 C C   . ASP A 1 13  ? -11.246 -9.878  -2.305  1.00 39.81 ? 403 ASP A C   1 
ATOM   115 O O   . ASP A 1 13  ? -11.345 -10.839 -1.541  1.00 37.20 ? 403 ASP A O   1 
ATOM   116 C CB  . ASP A 1 13  ? -10.359 -11.170 -4.259  1.00 37.93 ? 403 ASP A CB  1 
ATOM   117 C CG  . ASP A 1 13  ? -10.576 -11.606 -5.697  1.00 45.56 ? 403 ASP A CG  1 
ATOM   118 O OD1 . ASP A 1 13  ? -11.731 -11.529 -6.175  1.00 45.70 ? 403 ASP A OD1 1 
ATOM   119 O OD2 . ASP A 1 13  ? -9.594  -12.021 -6.351  1.00 51.49 ? 403 ASP A OD2 1 
ATOM   120 N N   . LEU A 1 14  ? -11.049 -8.635  -1.876  1.00 34.89 ? 404 LEU A N   1 
ATOM   121 C CA  . LEU A 1 14  ? -11.013 -8.316  -0.453  1.00 33.12 ? 404 LEU A CA  1 
ATOM   122 C C   . LEU A 1 14  ? -12.068 -7.278  -0.128  1.00 33.35 ? 404 LEU A C   1 
ATOM   123 O O   . LEU A 1 14  ? -12.580 -6.604  -1.019  1.00 41.64 ? 404 LEU A O   1 
ATOM   124 C CB  . LEU A 1 14  ? -9.633  -7.813  -0.031  1.00 28.58 ? 404 LEU A CB  1 
ATOM   125 C CG  . LEU A 1 14  ? -8.473  -8.800  -0.181  1.00 27.28 ? 404 LEU A CG  1 
ATOM   126 C CD1 . LEU A 1 14  ? -7.170  -8.153  0.264   1.00 25.82 ? 404 LEU A CD1 1 
ATOM   127 C CD2 . LEU A 1 14  ? -8.727  -10.088 0.591   1.00 25.10 ? 404 LEU A CD2 1 
ATOM   128 N N   . SER A 1 15  ? -12.399 -7.160  1.154   1.00 35.05 ? 405 SER A N   1 
ATOM   129 C CA  . SER A 1 15  ? -13.413 -6.212  1.595   1.00 36.17 ? 405 SER A CA  1 
ATOM   130 C C   . SER A 1 15  ? -12.898 -5.339  2.732   1.00 36.07 ? 405 SER A C   1 
ATOM   131 O O   . SER A 1 15  ? -12.310 -5.836  3.691   1.00 31.77 ? 405 SER A O   1 
ATOM   132 C CB  . SER A 1 15  ? -14.677 -6.953  2.024   1.00 35.32 ? 405 SER A CB  1 
ATOM   133 O OG  . SER A 1 15  ? -15.471 -6.156  2.882   1.00 40.95 ? 405 SER A OG  1 
ATOM   134 N N   . THR A 1 16  ? -13.121 -4.033  2.618   1.00 35.78 ? 406 THR A N   1 
ATOM   135 C CA  . THR A 1 16  ? -12.636 -3.093  3.620   1.00 33.91 ? 406 THR A CA  1 
ATOM   136 C C   . THR A 1 16  ? -13.551 -3.080  4.837   1.00 38.64 ? 406 THR A C   1 
ATOM   137 O O   . THR A 1 16  ? -13.272 -2.407  5.828   1.00 41.89 ? 406 THR A O   1 
ATOM   138 C CB  . THR A 1 16  ? -12.512 -1.665  3.051   1.00 32.17 ? 406 THR A CB  1 
ATOM   139 O OG1 . THR A 1 16  ? -13.805 -1.172  2.688   1.00 38.97 ? 406 THR A OG1 1 
ATOM   140 C CG2 . THR A 1 16  ? -11.615 -1.657  1.825   1.00 29.36 ? 406 THR A CG2 1 
ATOM   141 N N   . ASP A 1 17  ? -14.645 -3.830  4.765   1.00 37.03 ? 407 ASP A N   1 
ATOM   142 C CA  . ASP A 1 17  ? -15.499 -4.012  5.930   1.00 44.90 ? 407 ASP A CA  1 
ATOM   143 C C   . ASP A 1 17  ? -14.992 -5.160  6.803   1.00 43.35 ? 407 ASP A C   1 
ATOM   144 O O   . ASP A 1 17  ? -14.775 -4.981  8.000   1.00 46.93 ? 407 ASP A O   1 
ATOM   145 C CB  . ASP A 1 17  ? -16.949 -4.270  5.517   1.00 52.42 ? 407 ASP A CB  1 
ATOM   146 C CG  . ASP A 1 17  ? -17.947 -3.852  6.590   1.00 62.01 ? 407 ASP A CG  1 
ATOM   147 O OD1 . ASP A 1 17  ? -17.523 -3.609  7.742   1.00 63.61 ? 407 ASP A OD1 1 
ATOM   148 O OD2 . ASP A 1 17  ? -19.157 -3.776  6.287   1.00 65.43 ? 407 ASP A OD2 1 
ATOM   149 N N   . THR A 1 18  ? -14.795 -6.333  6.205   1.00 40.77 ? 408 THR A N   1 
ATOM   150 C CA  . THR A 1 18  ? -14.456 -7.523  6.981   1.00 40.44 ? 408 THR A CA  1 
ATOM   151 C C   . THR A 1 18  ? -12.955 -7.747  7.175   1.00 36.30 ? 408 THR A C   1 
ATOM   152 O O   . THR A 1 18  ? -12.527 -8.190  8.239   1.00 38.15 ? 408 THR A O   1 
ATOM   153 C CB  . THR A 1 18  ? -15.057 -8.799  6.345   1.00 40.91 ? 408 THR A CB  1 
ATOM   154 O OG1 . THR A 1 18  ? -14.485 -9.957  6.966   1.00 49.25 ? 408 THR A OG1 1 
ATOM   155 C CG2 . THR A 1 18  ? -14.766 -8.855  4.866   1.00 39.33 ? 408 THR A CG2 1 
ATOM   156 N N   . ASP A 1 19  ? -12.153 -7.442  6.162   1.00 30.27 ? 409 ASP A N   1 
ATOM   157 C CA  . ASP A 1 19  ? -10.740 -7.799  6.212   1.00 28.83 ? 409 ASP A CA  1 
ATOM   158 C C   . ASP A 1 19  ? -9.852  -6.731  6.853   1.00 26.11 ? 409 ASP A C   1 
ATOM   159 O O   . ASP A 1 19  ? -8.627  -6.846  6.822   1.00 25.38 ? 409 ASP A O   1 
ATOM   160 C CB  . ASP A 1 19  ? -10.228 -8.109  4.803   1.00 33.78 ? 409 ASP A CB  1 
ATOM   161 C CG  . ASP A 1 19  ? -11.008 -9.225  4.129   1.00 43.77 ? 409 ASP A CG  1 
ATOM   162 O OD1 . ASP A 1 19  ? -10.807 -10.402 4.507   1.00 45.75 ? 409 ASP A OD1 1 
ATOM   163 O OD2 . ASP A 1 19  ? -11.819 -8.926  3.220   1.00 40.81 ? 409 ASP A OD2 1 
ATOM   164 N N   . MET A 1 20  ? -10.462 -5.698  7.429   1.00 30.98 ? 410 MET A N   1 
ATOM   165 C CA  . MET A 1 20  ? -9.699  -4.603  8.023   1.00 27.88 ? 410 MET A CA  1 
ATOM   166 C C   . MET A 1 20  ? -8.954  -5.082  9.259   1.00 29.67 ? 410 MET A C   1 
ATOM   167 O O   . MET A 1 20  ? -9.570  -5.559  10.210  1.00 33.42 ? 410 MET A O   1 
ATOM   168 C CB  . MET A 1 20  ? -10.611 -3.433  8.386   1.00 29.74 ? 410 MET A CB  1 
ATOM   169 C CG  . MET A 1 20  ? -9.869  -2.175  8.816   1.00 31.03 ? 410 MET A CG  1 
ATOM   170 S SD  . MET A 1 20  ? -8.918  -1.455  7.461   1.00 32.58 ? 410 MET A SD  1 
ATOM   171 C CE  . MET A 1 20  ? -10.197 -1.268  6.224   1.00 26.02 ? 410 MET A CE  1 
ATOM   172 N N   . GLY A 1 21  ? -7.631  -4.953  9.240   1.00 29.77 ? 411 GLY A N   1 
ATOM   173 C CA  . GLY A 1 21  ? -6.798  -5.442  10.325  1.00 23.12 ? 411 GLY A CA  1 
ATOM   174 C C   . GLY A 1 21  ? -6.026  -6.688  9.934   1.00 25.73 ? 411 GLY A C   1 
ATOM   175 O O   . GLY A 1 21  ? -5.035  -7.052  10.575  1.00 22.21 ? 411 GLY A O   1 
ATOM   176 N N   . LYS A 1 22  ? -6.476  -7.337  8.865   1.00 20.46 ? 412 LYS A N   1 
ATOM   177 C CA  . LYS A 1 22  ? -5.829  -8.548  8.383   1.00 24.12 ? 412 LYS A CA  1 
ATOM   178 C C   . LYS A 1 22  ? -5.014  -8.290  7.114   1.00 21.32 ? 412 LYS A C   1 
ATOM   179 O O   . LYS A 1 22  ? -4.079  -9.025  6.810   1.00 23.32 ? 412 LYS A O   1 
ATOM   180 C CB  . LYS A 1 22  ? -6.876  -9.640  8.141   1.00 26.86 ? 412 LYS A CB  1 
ATOM   181 C CG  . LYS A 1 22  ? -7.850  -9.794  9.303   1.00 32.57 ? 412 LYS A CG  1 
ATOM   182 C CD  . LYS A 1 22  ? -8.734  -11.026 9.182   1.00 36.85 ? 412 LYS A CD  1 
ATOM   183 C CE  . LYS A 1 22  ? -9.703  -11.099 10.354  1.00 42.57 ? 412 LYS A CE  1 
ATOM   184 N NZ  . LYS A 1 22  ? -10.407 -12.404 10.436  1.00 47.88 ? 412 LYS A NZ  1 
ATOM   185 N N   . VAL A 1 23  ? -5.371  -7.247  6.372   1.00 23.94 ? 413 VAL A N   1 
ATOM   186 C CA  . VAL A 1 23  ? -4.633  -6.894  5.157   1.00 18.94 ? 413 VAL A CA  1 
ATOM   187 C C   . VAL A 1 23  ? -3.449  -6.001  5.508   1.00 19.29 ? 413 VAL A C   1 
ATOM   188 O O   . VAL A 1 23  ? -3.619  -4.985  6.188   1.00 20.59 ? 413 VAL A O   1 
ATOM   189 C CB  . VAL A 1 23  ? -5.528  -6.161  4.137   1.00 22.27 ? 413 VAL A CB  1 
ATOM   190 C CG1 . VAL A 1 23  ? -4.793  -5.965  2.821   1.00 18.55 ? 413 VAL A CG1 1 
ATOM   191 C CG2 . VAL A 1 23  ? -6.824  -6.917  3.921   1.00 23.60 ? 413 VAL A CG2 1 
ATOM   192 N N   . ASP A 1 24  ? -2.251  -6.378  5.071   1.00 17.70 ? 414 ASP A N   1 
ATOM   193 C CA  . ASP A 1 24  ? -1.098  -5.503  5.260   1.00 17.94 ? 414 ASP A CA  1 
ATOM   194 C C   . ASP A 1 24  ? -0.198  -5.437  4.028   1.00 17.09 ? 414 ASP A C   1 
ATOM   195 O O   . ASP A 1 24  ? -0.528  -5.960  2.959   1.00 14.73 ? 414 ASP A O   1 
ATOM   196 C CB  . ASP A 1 24  ? -0.275  -5.919  6.498   1.00 16.77 ? 414 ASP A CB  1 
ATOM   197 C CG  . ASP A 1 24  ? 0.351   -7.313  6.384   1.00 24.49 ? 414 ASP A CG  1 
ATOM   198 O OD1 . ASP A 1 24  ? 0.693   -7.759  5.268   1.00 25.50 ? 414 ASP A OD1 1 
ATOM   199 O OD2 . ASP A 1 24  ? 0.527   -7.966  7.438   1.00 24.76 ? 414 ASP A OD2 1 
ATOM   200 N N   . LEU A 1 25  ? 0.925   -4.755  4.199   1.00 11.91 ? 415 LEU A N   1 
ATOM   201 C CA  . LEU A 1 25  ? 1.982   -4.708  3.208   1.00 15.78 ? 415 LEU A CA  1 
ATOM   202 C C   . LEU A 1 25  ? 3.247   -5.247  3.844   1.00 14.86 ? 415 LEU A C   1 
ATOM   203 O O   . LEU A 1 25  ? 3.601   -4.848  4.952   1.00 13.25 ? 415 LEU A O   1 
ATOM   204 C CB  . LEU A 1 25  ? 2.228   -3.281  2.712   1.00 13.63 ? 415 LEU A CB  1 
ATOM   205 C CG  . LEU A 1 25  ? 1.096   -2.472  2.097   1.00 11.69 ? 415 LEU A CG  1 
ATOM   206 C CD1 . LEU A 1 25  ? 1.592   -1.063  1.772   1.00 11.89 ? 415 LEU A CD1 1 
ATOM   207 C CD2 . LEU A 1 25  ? 0.546   -3.172  0.849   1.00 13.30 ? 415 LEU A CD2 1 
ATOM   208 N N   . TRP A 1 26  ? 3.922   -6.153  3.151   1.00 15.68 ? 416 TRP A N   1 
ATOM   209 C CA  . TRP A 1 26  ? 5.257   -6.557  3.550   1.00 15.13 ? 416 TRP A CA  1 
ATOM   210 C C   . TRP A 1 26  ? 6.253   -5.696  2.785   1.00 17.08 ? 416 TRP A C   1 
ATOM   211 O O   . TRP A 1 26  ? 6.306   -5.746  1.561   1.00 14.49 ? 416 TRP A O   1 
ATOM   212 C CB  . TRP A 1 26  ? 5.493   -8.038  3.271   1.00 13.20 ? 416 TRP A CB  1 
ATOM   213 C CG  . TRP A 1 26  ? 6.720   -8.562  3.925   1.00 19.78 ? 416 TRP A CG  1 
ATOM   214 C CD1 . TRP A 1 26  ? 7.953   -8.707  3.362   1.00 19.37 ? 416 TRP A CD1 1 
ATOM   215 C CD2 . TRP A 1 26  ? 6.840   -9.003  5.280   1.00 22.57 ? 416 TRP A CD2 1 
ATOM   216 N NE1 . TRP A 1 26  ? 8.833   -9.221  4.283   1.00 22.30 ? 416 TRP A NE1 1 
ATOM   217 C CE2 . TRP A 1 26  ? 8.171   -9.413  5.470   1.00 23.04 ? 416 TRP A CE2 1 
ATOM   218 C CE3 . TRP A 1 26  ? 5.946   -9.097  6.355   1.00 24.55 ? 416 TRP A CE3 1 
ATOM   219 C CZ2 . TRP A 1 26  ? 8.636   -9.903  6.689   1.00 25.57 ? 416 TRP A CZ2 1 
ATOM   220 C CZ3 . TRP A 1 26  ? 6.405   -9.589  7.559   1.00 24.37 ? 416 TRP A CZ3 1 
ATOM   221 C CH2 . TRP A 1 26  ? 7.739   -9.984  7.717   1.00 24.44 ? 416 TRP A CH2 1 
ATOM   222 N N   . MET A 1 27  ? 7.032   -4.893  3.498   1.00 17.75 ? 417 MET A N   1 
ATOM   223 C CA  . MET A 1 27  ? 7.885   -3.922  2.825   1.00 14.19 ? 417 MET A CA  1 
ATOM   224 C C   . MET A 1 27  ? 9.344   -4.068  3.217   1.00 14.21 ? 417 MET A C   1 
ATOM   225 O O   . MET A 1 27  ? 9.655   -4.532  4.316   1.00 18.55 ? 417 MET A O   1 
ATOM   226 C CB  . MET A 1 27  ? 7.393   -2.504  3.121   1.00 14.16 ? 417 MET A CB  1 
ATOM   227 C CG  . MET A 1 27  ? 5.899   -2.327  2.944   1.00 11.48 ? 417 MET A CG  1 
ATOM   228 S SD  . MET A 1 27  ? 5.347   -0.642  3.297   1.00 17.50 ? 417 MET A SD  1 
ATOM   229 C CE  . MET A 1 27  ? 5.843   0.197   1.793   1.00 9.91  ? 417 MET A CE  1 
ATOM   230 N N   . TRP A 1 28  ? 10.234  -3.687  2.303   1.00 13.65 ? 418 TRP A N   1 
ATOM   231 C CA  . TRP A 1 28  ? 11.671  -3.718  2.559   1.00 15.15 ? 418 TRP A CA  1 
ATOM   232 C C   . TRP A 1 28  ? 12.408  -2.607  1.803   1.00 17.90 ? 418 TRP A C   1 
ATOM   233 O O   . TRP A 1 28  ? 11.846  -1.987  0.901   1.00 21.42 ? 418 TRP A O   1 
ATOM   234 C CB  . TRP A 1 28  ? 12.248  -5.086  2.197   1.00 17.72 ? 418 TRP A CB  1 
ATOM   235 C CG  . TRP A 1 28  ? 12.139  -5.460  0.746   1.00 18.80 ? 418 TRP A CG  1 
ATOM   236 C CD1 . TRP A 1 28  ? 13.105  -5.321  -0.201  1.00 20.74 ? 418 TRP A CD1 1 
ATOM   237 C CD2 . TRP A 1 28  ? 11.013  -6.058  0.082   1.00 18.24 ? 418 TRP A CD2 1 
ATOM   238 N NE1 . TRP A 1 28  ? 12.655  -5.785  -1.410  1.00 20.39 ? 418 TRP A NE1 1 
ATOM   239 C CE2 . TRP A 1 28  ? 11.377  -6.245  -1.264  1.00 16.91 ? 418 TRP A CE2 1 
ATOM   240 C CE3 . TRP A 1 28  ? 9.737   -6.446  0.498   1.00 16.80 ? 418 TRP A CE3 1 
ATOM   241 C CZ2 . TRP A 1 28  ? 10.506  -6.797  -2.203  1.00 21.43 ? 418 TRP A CZ2 1 
ATOM   242 C CZ3 . TRP A 1 28  ? 8.877   -7.001  -0.433  1.00 16.55 ? 418 TRP A CZ3 1 
ATOM   243 C CH2 . TRP A 1 28  ? 9.263   -7.167  -1.770  1.00 25.44 ? 418 TRP A CH2 1 
ATOM   244 N N   . ASN A 1 29  ? 13.656  -2.361  2.196   1.00 17.15 ? 419 ASN A N   1 
ATOM   245 C CA  . ASN A 1 29  ? 14.472  -1.230  1.721   1.00 25.12 ? 419 ASN A CA  1 
ATOM   246 C C   . ASN A 1 29  ? 13.942  0.139   2.136   1.00 20.93 ? 419 ASN A C   1 
ATOM   247 O O   . ASN A 1 29  ? 12.810  0.269   2.594   1.00 25.23 ? 419 ASN A O   1 
ATOM   248 C CB  . ASN A 1 29  ? 14.635  -1.260  0.198   1.00 24.85 ? 419 ASN A CB  1 
ATOM   249 C CG  . ASN A 1 29  ? 15.286  -2.533  -0.287  1.00 32.65 ? 419 ASN A CG  1 
ATOM   250 O OD1 . ASN A 1 29  ? 14.825  -3.146  -1.249  1.00 35.01 ? 419 ASN A OD1 1 
ATOM   251 N ND2 . ASN A 1 29  ? 16.355  -2.954  0.390   1.00 32.93 ? 419 ASN A ND2 1 
ATOM   252 N N   . ALA A 1 30  ? 14.797  1.149   1.981   1.00 25.82 ? 420 ALA A N   1 
ATOM   253 C CA  . ALA A 1 30  ? 14.499  2.535   2.341   1.00 23.77 ? 420 ALA A CA  1 
ATOM   254 C C   . ALA A 1 30  ? 14.132  2.669   3.813   1.00 26.22 ? 420 ALA A C   1 
ATOM   255 O O   . ALA A 1 30  ? 13.313  3.511   4.184   1.00 24.48 ? 420 ALA A O   1 
ATOM   256 C CB  . ALA A 1 30  ? 13.381  3.094   1.456   1.00 26.46 ? 420 ALA A CB  1 
ATOM   257 N N   . GLY A 1 31  ? 14.753  1.840   4.650   1.00 23.53 ? 421 GLY A N   1 
ATOM   258 C CA  . GLY A 1 31  ? 14.528  1.881   6.082   1.00 19.84 ? 421 GLY A CA  1 
ATOM   259 C C   . GLY A 1 31  ? 13.330  1.061   6.522   1.00 19.30 ? 421 GLY A C   1 
ATOM   260 O O   . GLY A 1 31  ? 13.149  0.788   7.710   1.00 21.08 ? 421 GLY A O   1 
ATOM   261 N N   . LEU A 1 32  ? 12.508  0.659   5.562   1.00 18.25 ? 422 LEU A N   1 
ATOM   262 C CA  . LEU A 1 32  ? 11.307  -0.101  5.871   1.00 18.71 ? 422 LEU A CA  1 
ATOM   263 C C   . LEU A 1 32  ? 11.622  -1.564  6.139   1.00 20.86 ? 422 LEU A C   1 
ATOM   264 O O   . LEU A 1 32  ? 12.551  -2.127  5.553   1.00 20.94 ? 422 LEU A O   1 
ATOM   265 C CB  . LEU A 1 32  ? 10.298  0.016   4.732   1.00 19.21 ? 422 LEU A CB  1 
ATOM   266 C CG  . LEU A 1 32  ? 9.848   1.447   4.431   1.00 17.18 ? 422 LEU A CG  1 
ATOM   267 C CD1 . LEU A 1 32  ? 9.009   1.472   3.172   1.00 21.48 ? 422 LEU A CD1 1 
ATOM   268 C CD2 . LEU A 1 32  ? 9.068   2.014   5.607   1.00 18.20 ? 422 LEU A CD2 1 
ATOM   269 N N   . ASP A 1 33  ? 10.847  -2.173  7.032   1.00 20.24 ? 423 ASP A N   1 
ATOM   270 C CA  . ASP A 1 33  ? 10.994  -3.594  7.317   1.00 25.23 ? 423 ASP A CA  1 
ATOM   271 C C   . ASP A 1 33  ? 9.733   -4.217  7.904   1.00 21.70 ? 423 ASP A C   1 
ATOM   272 O O   . ASP A 1 33  ? 9.141   -3.684  8.839   1.00 21.71 ? 423 ASP A O   1 
ATOM   273 C CB  . ASP A 1 33  ? 12.160  -3.829  8.274   1.00 21.07 ? 423 ASP A CB  1 
ATOM   274 C CG  . ASP A 1 33  ? 12.572  -5.288  8.328   1.00 26.64 ? 423 ASP A CG  1 
ATOM   275 O OD1 . ASP A 1 33  ? 12.735  -5.886  7.244   1.00 24.26 ? 423 ASP A OD1 1 
ATOM   276 O OD2 . ASP A 1 33  ? 12.716  -5.835  9.444   1.00 25.66 ? 423 ASP A OD2 1 
ATOM   277 N N   . GLY A 1 34  ? 9.332   -5.355  7.345   1.00 21.49 ? 424 GLY A N   1 
ATOM   278 C CA  . GLY A 1 34  ? 8.238   -6.133  7.891   1.00 20.32 ? 424 GLY A CA  1 
ATOM   279 C C   . GLY A 1 34  ? 6.848   -5.659  7.520   1.00 16.85 ? 424 GLY A C   1 
ATOM   280 O O   . GLY A 1 34  ? 6.616   -5.122  6.437   1.00 18.13 ? 424 GLY A O   1 
ATOM   281 N N   . SER A 1 35  ? 5.919   -5.857  8.447   1.00 18.28 ? 425 SER A N   1 
ATOM   282 C CA  . SER A 1 35  ? 4.502   -5.637  8.191   1.00 17.97 ? 425 SER A CA  1 
ATOM   283 C C   . SER A 1 35  ? 4.022   -4.207  8.444   1.00 17.25 ? 425 SER A C   1 
ATOM   284 O O   . SER A 1 35  ? 4.413   -3.570  9.424   1.00 14.10 ? 425 SER A O   1 
ATOM   285 C CB  . SER A 1 35  ? 3.683   -6.596  9.043   1.00 18.42 ? 425 SER A CB  1 
ATOM   286 O OG  . SER A 1 35  ? 2.310   -6.325  8.887   1.00 19.30 ? 425 SER A OG  1 
ATOM   287 N N   . TYR A 1 36  ? 3.161   -3.726  7.548   1.00 17.14 ? 426 TYR A N   1 
ATOM   288 C CA  . TYR A 1 36  ? 2.542   -2.404  7.643   1.00 12.77 ? 426 TYR A CA  1 
ATOM   289 C C   . TYR A 1 36  ? 1.052   -2.547  7.358   1.00 14.12 ? 426 TYR A C   1 
ATOM   290 O O   . TYR A 1 36  ? 0.651   -2.798  6.220   1.00 11.01 ? 426 TYR A O   1 
ATOM   291 C CB  . TYR A 1 36  ? 3.202   -1.413  6.669   1.00 11.63 ? 426 TYR A CB  1 
ATOM   292 C CG  . TYR A 1 36  ? 4.637   -1.130  7.019   1.00 13.57 ? 426 TYR A CG  1 
ATOM   293 C CD1 . TYR A 1 36  ? 5.649   -2.000  6.636   1.00 14.29 ? 426 TYR A CD1 1 
ATOM   294 C CD2 . TYR A 1 36  ? 4.982   -0.012  7.762   1.00 16.03 ? 426 TYR A CD2 1 
ATOM   295 C CE1 . TYR A 1 36  ? 6.963   -1.758  6.972   1.00 13.65 ? 426 TYR A CE1 1 
ATOM   296 C CE2 . TYR A 1 36  ? 6.292   0.235   8.105   1.00 14.46 ? 426 TYR A CE2 1 
ATOM   297 C CZ  . TYR A 1 36  ? 7.280   -0.640  7.706   1.00 14.12 ? 426 TYR A CZ  1 
ATOM   298 O OH  . TYR A 1 36  ? 8.591   -0.398  8.047   1.00 15.48 ? 426 TYR A OH  1 
ATOM   299 N N   . VAL A 1 37  ? 0.241   -2.388  8.400   1.00 14.53 ? 427 VAL A N   1 
ATOM   300 C CA  . VAL A 1 37  ? -1.167  -2.781  8.374   1.00 13.89 ? 427 VAL A CA  1 
ATOM   301 C C   . VAL A 1 37  ? -2.107  -1.635  8.007   1.00 16.43 ? 427 VAL A C   1 
ATOM   302 O O   . VAL A 1 37  ? -2.011  -0.543  8.555   1.00 19.79 ? 427 VAL A O   1 
ATOM   303 C CB  . VAL A 1 37  ? -1.601  -3.364  9.753   1.00 17.89 ? 427 VAL A CB  1 
ATOM   304 C CG1 . VAL A 1 37  ? -3.094  -3.662  9.776   1.00 20.84 ? 427 VAL A CG1 1 
ATOM   305 C CG2 . VAL A 1 37  ? -0.802  -4.616  10.092  1.00 13.86 ? 427 VAL A CG2 1 
ATOM   306 N N   . PHE A 1 38  ? -3.023  -1.888  7.078   1.00 18.25 ? 428 PHE A N   1 
ATOM   307 C CA  . PHE A 1 38  ? -4.015  -0.884  6.721   1.00 16.45 ? 428 PHE A CA  1 
ATOM   308 C C   . PHE A 1 38  ? -4.970  -0.671  7.884   1.00 20.38 ? 428 PHE A C   1 
ATOM   309 O O   . PHE A 1 38  ? -5.423  -1.634  8.511   1.00 17.50 ? 428 PHE A O   1 
ATOM   310 C CB  . PHE A 1 38  ? -4.778  -1.300  5.463   1.00 17.67 ? 428 PHE A CB  1 
ATOM   311 C CG  . PHE A 1 38  ? -3.925  -1.335  4.227   1.00 16.72 ? 428 PHE A CG  1 
ATOM   312 C CD1 . PHE A 1 38  ? -3.658  -0.169  3.524   1.00 16.61 ? 428 PHE A CD1 1 
ATOM   313 C CD2 . PHE A 1 38  ? -3.385  -2.526  3.774   1.00 15.33 ? 428 PHE A CD2 1 
ATOM   314 C CE1 . PHE A 1 38  ? -2.870  -0.190  2.395   1.00 14.86 ? 428 PHE A CE1 1 
ATOM   315 C CE2 . PHE A 1 38  ? -2.595  -2.555  2.643   1.00 21.77 ? 428 PHE A CE2 1 
ATOM   316 C CZ  . PHE A 1 38  ? -2.333  -1.384  1.956   1.00 16.51 ? 428 PHE A CZ  1 
ATOM   317 N N   . ASP A 1 39  ? -5.272  0.590   8.174   1.00 18.47 ? 429 ASP A N   1 
ATOM   318 C CA  . ASP A 1 39  ? -6.137  0.910   9.297   1.00 20.01 ? 429 ASP A CA  1 
ATOM   319 C C   . ASP A 1 39  ? -7.206  1.942   8.943   1.00 20.75 ? 429 ASP A C   1 
ATOM   320 O O   . ASP A 1 39  ? -7.877  2.473   9.825   1.00 27.46 ? 429 ASP A O   1 
ATOM   321 C CB  . ASP A 1 39  ? -5.307  1.401   10.487  1.00 21.51 ? 429 ASP A CB  1 
ATOM   322 C CG  . ASP A 1 39  ? -4.345  2.526   10.124  1.00 24.30 ? 429 ASP A CG  1 
ATOM   323 O OD1 . ASP A 1 39  ? -4.409  3.052   8.995   1.00 18.48 ? 429 ASP A OD1 1 
ATOM   324 O OD2 . ASP A 1 39  ? -3.522  2.896   10.992  1.00 36.19 ? 429 ASP A OD2 1 
ATOM   325 N N   . GLY A 1 40  ? -7.370  2.215   7.654   1.00 20.16 ? 430 GLY A N   1 
ATOM   326 C CA  . GLY A 1 40  ? -8.378  3.156   7.202   1.00 16.89 ? 430 GLY A CA  1 
ATOM   327 C C   . GLY A 1 40  ? -8.875  2.841   5.807   1.00 21.10 ? 430 GLY A C   1 
ATOM   328 O O   . GLY A 1 40  ? -8.411  1.896   5.173   1.00 18.77 ? 430 GLY A O   1 
ATOM   329 N N   . THR A 1 41  ? -9.840  3.622   5.332   1.00 21.48 ? 431 THR A N   1 
ATOM   330 C CA  . THR A 1 41  ? -10.333 3.463   3.969   1.00 25.79 ? 431 THR A CA  1 
ATOM   331 C C   . THR A 1 41  ? -10.382 4.799   3.246   1.00 20.39 ? 431 THR A C   1 
ATOM   332 O O   . THR A 1 41  ? -10.414 5.860   3.871   1.00 23.49 ? 431 THR A O   1 
ATOM   333 C CB  . THR A 1 41  ? -11.750 2.845   3.916   1.00 25.16 ? 431 THR A CB  1 
ATOM   334 O OG1 . THR A 1 41  ? -12.704 3.796   4.404   1.00 23.42 ? 431 THR A OG1 1 
ATOM   335 C CG2 . THR A 1 41  ? -11.826 1.573   4.743   1.00 24.92 ? 431 THR A CG2 1 
ATOM   336 N N   . TYR A 1 42  ? -10.397 4.731   1.922   1.00 19.19 ? 432 TYR A N   1 
ATOM   337 C CA  . TYR A 1 42  ? -10.629 5.903   1.090   1.00 26.39 ? 432 TYR A CA  1 
ATOM   338 C C   . TYR A 1 42  ? -11.673 5.581   0.034   1.00 20.72 ? 432 TYR A C   1 
ATOM   339 O O   . TYR A 1 42  ? -11.480 4.671   -0.772  1.00 23.15 ? 432 TYR A O   1 
ATOM   340 C CB  . TYR A 1 42  ? -9.333  6.365   0.429   1.00 18.48 ? 432 TYR A CB  1 
ATOM   341 C CG  . TYR A 1 42  ? -9.527  7.312   -0.735  1.00 19.49 ? 432 TYR A CG  1 
ATOM   342 C CD1 . TYR A 1 42  ? -10.024 8.593   -0.538  1.00 19.18 ? 432 TYR A CD1 1 
ATOM   343 C CD2 . TYR A 1 42  ? -9.191  6.932   -2.027  1.00 23.63 ? 432 TYR A CD2 1 
ATOM   344 C CE1 . TYR A 1 42  ? -10.189 9.465   -1.596  1.00 23.06 ? 432 TYR A CE1 1 
ATOM   345 C CE2 . TYR A 1 42  ? -9.354  7.800   -3.093  1.00 25.03 ? 432 TYR A CE2 1 
ATOM   346 C CZ  . TYR A 1 42  ? -9.851  9.064   -2.872  1.00 25.73 ? 432 TYR A CZ  1 
ATOM   347 O OH  . TYR A 1 42  ? -10.016 9.931   -3.929  1.00 30.35 ? 432 TYR A OH  1 
ATOM   348 N N   . TYR A 1 43  ? -12.781 6.315   0.031   1.00 18.96 ? 433 TYR A N   1 
ATOM   349 C CA  . TYR A 1 43  ? -13.785 6.081   -0.994  1.00 20.71 ? 433 TYR A CA  1 
ATOM   350 C C   . TYR A 1 43  ? -13.449 6.826   -2.276  1.00 26.01 ? 433 TYR A C   1 
ATOM   351 O O   . TYR A 1 43  ? -13.383 8.055   -2.303  1.00 25.78 ? 433 TYR A O   1 
ATOM   352 C CB  . TYR A 1 43  ? -15.177 6.481   -0.530  1.00 22.41 ? 433 TYR A CB  1 
ATOM   353 C CG  . TYR A 1 43  ? -16.216 6.150   -1.573  1.00 25.85 ? 433 TYR A CG  1 
ATOM   354 C CD1 . TYR A 1 43  ? -16.479 4.830   -1.913  1.00 25.59 ? 433 TYR A CD1 1 
ATOM   355 C CD2 . TYR A 1 43  ? -16.911 7.153   -2.241  1.00 27.51 ? 433 TYR A CD2 1 
ATOM   356 C CE1 . TYR A 1 43  ? -17.413 4.516   -2.876  1.00 30.28 ? 433 TYR A CE1 1 
ATOM   357 C CE2 . TYR A 1 43  ? -17.855 6.846   -3.205  1.00 24.36 ? 433 TYR A CE2 1 
ATOM   358 C CZ  . TYR A 1 43  ? -18.099 5.524   -3.518  1.00 29.48 ? 433 TYR A CZ  1 
ATOM   359 O OH  . TYR A 1 43  ? -19.030 5.199   -4.479  1.00 36.16 ? 433 TYR A OH  1 
ATOM   360 N N   . ASP A 1 44  ? -13.242 6.054   -3.336  1.00 28.16 ? 434 ASP A N   1 
ATOM   361 C CA  . ASP A 1 44  ? -12.923 6.571   -4.655  1.00 23.93 ? 434 ASP A CA  1 
ATOM   362 C C   . ASP A 1 44  ? -14.209 6.857   -5.421  1.00 25.51 ? 434 ASP A C   1 
ATOM   363 O O   . ASP A 1 44  ? -14.733 5.984   -6.105  1.00 26.06 ? 434 ASP A O   1 
ATOM   364 C CB  . ASP A 1 44  ? -12.057 5.553   -5.399  1.00 27.97 ? 434 ASP A CB  1 
ATOM   365 C CG  . ASP A 1 44  ? -11.597 6.033   -6.758  1.00 27.95 ? 434 ASP A CG  1 
ATOM   366 O OD1 . ASP A 1 44  ? -12.136 7.033   -7.278  1.00 31.49 ? 434 ASP A OD1 1 
ATOM   367 O OD2 . ASP A 1 44  ? -10.685 5.384   -7.313  1.00 30.39 ? 434 ASP A OD2 1 
ATOM   368 N N   . ALA A 1 45  ? -14.703 8.084   -5.320  1.00 27.41 ? 435 ALA A N   1 
ATOM   369 C CA  . ALA A 1 45  ? -15.967 8.447   -5.950  1.00 28.71 ? 435 ALA A CA  1 
ATOM   370 C C   . ALA A 1 45  ? -15.905 8.393   -7.479  1.00 33.39 ? 435 ALA A C   1 
ATOM   371 O O   . ALA A 1 45  ? -16.941 8.275   -8.135  1.00 31.72 ? 435 ALA A O   1 
ATOM   372 C CB  . ALA A 1 45  ? -16.396 9.829   -5.491  1.00 32.71 ? 435 ALA A CB  1 
ATOM   373 N N   . GLU A 1 46  ? -14.701 8.481   -8.042  1.00 34.53 ? 436 GLU A N   1 
ATOM   374 C CA  . GLU A 1 46  ? -14.530 8.405   -9.497  1.00 38.64 ? 436 GLU A CA  1 
ATOM   375 C C   . GLU A 1 46  ? -14.750 6.983   -10.022 1.00 35.41 ? 436 GLU A C   1 
ATOM   376 O O   . GLU A 1 46  ? -15.540 6.766   -10.944 1.00 34.90 ? 436 GLU A O   1 
ATOM   377 C CB  . GLU A 1 46  ? -13.140 8.901   -9.906  1.00 37.27 ? 436 GLU A CB  1 
ATOM   378 C CG  . GLU A 1 46  ? -12.915 10.394  -9.684  1.00 52.64 ? 436 GLU A CG  1 
ATOM   379 C CD  . GLU A 1 46  ? -11.532 10.857  -10.127 1.00 60.28 ? 436 GLU A CD  1 
ATOM   380 O OE1 . GLU A 1 46  ? -11.194 10.676  -11.318 1.00 57.86 ? 436 GLU A OE1 1 
ATOM   381 O OE2 . GLU A 1 46  ? -10.783 11.407  -9.287  1.00 55.52 ? 436 GLU A OE2 1 
ATOM   382 N N   . ASN A 1 47  ? -14.054 6.017   -9.431  1.00 30.50 ? 437 ASN A N   1 
ATOM   383 C CA  . ASN A 1 47  ? -14.195 4.617   -9.824  1.00 28.94 ? 437 ASN A CA  1 
ATOM   384 C C   . ASN A 1 47  ? -15.339 3.909   -9.108  1.00 30.96 ? 437 ASN A C   1 
ATOM   385 O O   . ASN A 1 47  ? -15.605 2.740   -9.381  1.00 34.26 ? 437 ASN A O   1 
ATOM   386 C CB  . ASN A 1 47  ? -12.892 3.862   -9.555  1.00 27.31 ? 437 ASN A CB  1 
ATOM   387 C CG  . ASN A 1 47  ? -11.732 4.401   -10.360 1.00 27.53 ? 437 ASN A CG  1 
ATOM   388 O OD1 . ASN A 1 47  ? -11.793 4.469   -11.587 1.00 28.33 ? 437 ASN A OD1 1 
ATOM   389 N ND2 . ASN A 1 47  ? -10.671 4.802   -9.674  1.00 24.94 ? 437 ASN A ND2 1 
ATOM   390 N N   . LYS A 1 48  ? -16.014 4.643   -8.221  1.00 32.71 ? 438 LYS A N   1 
ATOM   391 C CA  . LYS A 1 48  ? -16.934 4.109   -7.202  1.00 30.68 ? 438 LYS A CA  1 
ATOM   392 C C   . LYS A 1 48  ? -16.459 2.775   -6.612  1.00 31.57 ? 438 LYS A C   1 
ATOM   393 O O   . LYS A 1 48  ? -17.171 1.772   -6.626  1.00 30.00 ? 438 LYS A O   1 
ATOM   394 C CB  . LYS A 1 48  ? -18.371 4.001   -7.745  1.00 36.15 ? 438 LYS A CB  1 
ATOM   395 C CG  . LYS A 1 48  ? -18.623 3.081   -8.934  1.00 40.66 ? 438 LYS A CG  1 
ATOM   396 C CD  . LYS A 1 48  ? -19.990 3.384   -9.548  1.00 51.21 ? 438 LYS A CD  1 
ATOM   397 C CE  . LYS A 1 48  ? -20.651 2.133   -10.124 1.00 49.61 ? 438 LYS A CE  1 
ATOM   398 N NZ  . LYS A 1 48  ? -22.108 2.071   -9.808  1.00 44.20 ? 438 LYS A NZ  1 
ATOM   399 N N   . VAL A 1 49  ? -15.238 2.795   -6.078  1.00 29.67 ? 439 VAL A N   1 
ATOM   400 C CA  . VAL A 1 49  ? -14.684 1.686   -5.306  1.00 27.14 ? 439 VAL A CA  1 
ATOM   401 C C   . VAL A 1 49  ? -14.065 2.197   -4.000  1.00 28.04 ? 439 VAL A C   1 
ATOM   402 O O   . VAL A 1 49  ? -13.823 3.396   -3.841  1.00 24.19 ? 439 VAL A O   1 
ATOM   403 C CB  . VAL A 1 49  ? -13.616 0.917   -6.096  1.00 32.07 ? 439 VAL A CB  1 
ATOM   404 C CG1 . VAL A 1 49  ? -14.218 0.320   -7.360  1.00 36.69 ? 439 VAL A CG1 1 
ATOM   405 C CG2 . VAL A 1 49  ? -12.439 1.834   -6.430  1.00 29.03 ? 439 VAL A CG2 1 
ATOM   406 N N   . THR A 1 50  ? -13.805 1.287   -3.067  1.00 26.19 ? 440 THR A N   1 
ATOM   407 C CA  . THR A 1 50  ? -13.187 1.663   -1.795  1.00 27.74 ? 440 THR A CA  1 
ATOM   408 C C   . THR A 1 50  ? -11.779 1.082   -1.660  1.00 25.89 ? 440 THR A C   1 
ATOM   409 O O   . THR A 1 50  ? -11.556 -0.102  -1.913  1.00 27.69 ? 440 THR A O   1 
ATOM   410 C CB  . THR A 1 50  ? -14.050 1.212   -0.601  1.00 29.86 ? 440 THR A CB  1 
ATOM   411 O OG1 . THR A 1 50  ? -15.342 1.823   -0.697  1.00 27.90 ? 440 THR A OG1 1 
ATOM   412 C CG2 . THR A 1 50  ? -13.407 1.619   0.716   1.00 25.10 ? 440 THR A CG2 1 
ATOM   413 N N   . TRP A 1 51  ? -10.830 1.928   -1.270  1.00 24.89 ? 441 TRP A N   1 
ATOM   414 C CA  . TRP A 1 51  ? -9.448  1.499   -1.079  1.00 22.56 ? 441 TRP A CA  1 
ATOM   415 C C   . TRP A 1 51  ? -9.129  1.287   0.397   1.00 18.87 ? 441 TRP A C   1 
ATOM   416 O O   . TRP A 1 51  ? -9.693  1.961   1.254   1.00 19.72 ? 441 TRP A O   1 
ATOM   417 C CB  . TRP A 1 51  ? -8.468  2.535   -1.642  1.00 20.44 ? 441 TRP A CB  1 
ATOM   418 C CG  . TRP A 1 51  ? -8.615  2.865   -3.096  1.00 18.29 ? 441 TRP A CG  1 
ATOM   419 C CD1 . TRP A 1 51  ? -9.614  3.595   -3.681  1.00 18.26 ? 441 TRP A CD1 1 
ATOM   420 C CD2 . TRP A 1 51  ? -7.699  2.527   -4.141  1.00 17.17 ? 441 TRP A CD2 1 
ATOM   421 N NE1 . TRP A 1 51  ? -9.387  3.707   -5.033  1.00 18.03 ? 441 TRP A NE1 1 
ATOM   422 C CE2 . TRP A 1 51  ? -8.216  3.060   -5.341  1.00 21.41 ? 441 TRP A CE2 1 
ATOM   423 C CE3 . TRP A 1 51  ? -6.499  1.812   -4.187  1.00 16.66 ? 441 TRP A CE3 1 
ATOM   424 C CZ2 . TRP A 1 51  ? -7.574  2.906   -6.562  1.00 18.56 ? 441 TRP A CZ2 1 
ATOM   425 C CZ3 . TRP A 1 51  ? -5.862  1.660   -5.401  1.00 18.46 ? 441 TRP A CZ3 1 
ATOM   426 C CH2 . TRP A 1 51  ? -6.399  2.202   -6.572  1.00 19.72 ? 441 TRP A CH2 1 
ATOM   427 N N   . PHE A 1 52  ? -8.221  0.357   0.689   1.00 17.03 ? 442 PHE A N   1 
ATOM   428 C CA  . PHE A 1 52  ? -7.551  0.337   1.989   1.00 17.30 ? 442 PHE A CA  1 
ATOM   429 C C   . PHE A 1 52  ? -6.588  1.520   2.032   1.00 18.87 ? 442 PHE A C   1 
ATOM   430 O O   . PHE A 1 52  ? -5.976  1.849   1.021   1.00 14.51 ? 442 PHE A O   1 
ATOM   431 C CB  . PHE A 1 52  ? -6.770  -0.967  2.216   1.00 18.71 ? 442 PHE A CB  1 
ATOM   432 C CG  . PHE A 1 52  ? -7.633  -2.193  2.335   1.00 23.91 ? 442 PHE A CG  1 
ATOM   433 C CD1 . PHE A 1 52  ? -7.967  -2.932  1.211   1.00 23.91 ? 442 PHE A CD1 1 
ATOM   434 C CD2 . PHE A 1 52  ? -8.096  -2.616  3.573   1.00 20.96 ? 442 PHE A CD2 1 
ATOM   435 C CE1 . PHE A 1 52  ? -8.752  -4.063  1.318   1.00 26.73 ? 442 PHE A CE1 1 
ATOM   436 C CE2 . PHE A 1 52  ? -8.884  -3.742  3.687   1.00 22.44 ? 442 PHE A CE2 1 
ATOM   437 C CZ  . PHE A 1 52  ? -9.213  -4.468  2.558   1.00 27.02 ? 442 PHE A CZ  1 
ATOM   438 N N   . LYS A 1 53  ? -6.431  2.160   3.183   1.00 18.66 ? 443 LYS A N   1 
ATOM   439 C CA  . LYS A 1 53  ? -5.431  3.216   3.267   1.00 17.05 ? 443 LYS A CA  1 
ATOM   440 C C   . LYS A 1 53  ? -4.587  3.099   4.524   1.00 16.26 ? 443 LYS A C   1 
ATOM   441 O O   . LYS A 1 53  ? -5.015  2.527   5.528   1.00 16.43 ? 443 LYS A O   1 
ATOM   442 C CB  . LYS A 1 53  ? -6.094  4.598   3.202   1.00 16.04 ? 443 LYS A CB  1 
ATOM   443 C CG  . LYS A 1 53  ? -6.423  5.204   4.547   1.00 18.25 ? 443 LYS A CG  1 
ATOM   444 C CD  . LYS A 1 53  ? -7.115  6.553   4.405   1.00 24.98 ? 443 LYS A CD  1 
ATOM   445 C CE  . LYS A 1 53  ? -7.620  7.047   5.759   1.00 20.69 ? 443 LYS A CE  1 
ATOM   446 N NZ  . LYS A 1 53  ? -8.576  8.175   5.606   1.00 27.61 ? 443 LYS A NZ  1 
ATOM   447 N N   . GLN A 1 54  ? -3.373  3.629   4.443   1.00 14.73 ? 444 GLN A N   1 
ATOM   448 C CA  . GLN A 1 54  ? -2.527  3.817   5.612   1.00 13.68 ? 444 GLN A CA  1 
ATOM   449 C C   . GLN A 1 54  ? -1.466  4.860   5.292   1.00 16.29 ? 444 GLN A C   1 
ATOM   450 O O   . GLN A 1 54  ? -1.198  5.144   4.124   1.00 12.38 ? 444 GLN A O   1 
ATOM   451 C CB  . GLN A 1 54  ? -1.877  2.507   6.039   1.00 13.25 ? 444 GLN A CB  1 
ATOM   452 C CG  . GLN A 1 54  ? -0.909  1.927   5.028   1.00 13.53 ? 444 GLN A CG  1 
ATOM   453 C CD  . GLN A 1 54  ? -0.196  0.698   5.560   1.00 17.51 ? 444 GLN A CD  1 
ATOM   454 O OE1 . GLN A 1 54  ? 0.432   0.737   6.618   1.00 14.64 ? 444 GLN A OE1 1 
ATOM   455 N NE2 . GLN A 1 54  ? -0.310  -0.409  4.838   1.00 16.47 ? 444 GLN A NE2 1 
ATOM   456 N N   . THR A 1 55  ? -0.876  5.444   6.326   1.00 10.40 ? 445 THR A N   1 
ATOM   457 C CA  . THR A 1 55  ? 0.231   6.363   6.123   1.00 16.61 ? 445 THR A CA  1 
ATOM   458 C C   . THR A 1 55  ? 1.519   5.707   6.594   1.00 17.70 ? 445 THR A C   1 
ATOM   459 O O   . THR A 1 55  ? 1.517   4.889   7.510   1.00 19.29 ? 445 THR A O   1 
ATOM   460 C CB  . THR A 1 55  ? 0.029   7.686   6.868   1.00 15.68 ? 445 THR A CB  1 
ATOM   461 O OG1 . THR A 1 55  ? -0.128  7.417   8.265   1.00 20.71 ? 445 THR A OG1 1 
ATOM   462 C CG2 . THR A 1 55  ? -1.205  8.410   6.352   1.00 15.78 ? 445 THR A CG2 1 
ATOM   463 N N   . ILE A 1 56  ? 2.621   6.053   5.953   1.00 14.30 ? 446 ILE A N   1 
ATOM   464 C CA  . ILE A 1 56  ? 3.880   5.412   6.261   1.00 19.30 ? 446 ILE A CA  1 
ATOM   465 C C   . ILE A 1 56  ? 4.975   6.467   6.313   1.00 20.04 ? 446 ILE A C   1 
ATOM   466 O O   . ILE A 1 56  ? 5.060   7.334   5.447   1.00 15.82 ? 446 ILE A O   1 
ATOM   467 C CB  . ILE A 1 56  ? 4.202   4.311   5.231   1.00 17.34 ? 446 ILE A CB  1 
ATOM   468 C CG1 . ILE A 1 56  ? 3.290   3.100   5.480   1.00 17.90 ? 446 ILE A CG1 1 
ATOM   469 C CG2 . ILE A 1 56  ? 5.649   3.902   5.321   1.00 16.39 ? 446 ILE A CG2 1 
ATOM   470 C CD1 . ILE A 1 56  ? 3.387   2.010   4.443   1.00 13.41 ? 446 ILE A CD1 1 
ATOM   471 N N   . THR A 1 57  ? 5.783   6.409   7.364   1.00 19.55 ? 447 THR A N   1 
ATOM   472 C CA  . THR A 1 57  ? 6.801   7.415   7.603   1.00 22.04 ? 447 THR A CA  1 
ATOM   473 C C   . THR A 1 57  ? 8.179   6.846   7.312   1.00 24.15 ? 447 THR A C   1 
ATOM   474 O O   . THR A 1 57  ? 8.531   5.779   7.816   1.00 25.57 ? 447 THR A O   1 
ATOM   475 C CB  . THR A 1 57  ? 6.755   7.920   9.060   1.00 25.54 ? 447 THR A CB  1 
ATOM   476 O OG1 . THR A 1 57  ? 5.467   8.484   9.330   1.00 21.56 ? 447 THR A OG1 1 
ATOM   477 C CG2 . THR A 1 57  ? 7.828   8.968   9.304   1.00 27.25 ? 447 THR A CG2 1 
ATOM   478 N N   . VAL A 1 58  ? 8.943   7.554   6.486   1.00 17.43 ? 448 VAL A N   1 
ATOM   479 C CA  . VAL A 1 58  ? 10.345  7.220   6.260   1.00 21.19 ? 448 VAL A CA  1 
ATOM   480 C C   . VAL A 1 58  ? 11.236  8.401   6.645   1.00 26.93 ? 448 VAL A C   1 
ATOM   481 O O   . VAL A 1 58  ? 10.774  9.540   6.721   1.00 25.78 ? 448 VAL A O   1 
ATOM   482 C CB  . VAL A 1 58  ? 10.611  6.832   4.791   1.00 21.61 ? 448 VAL A CB  1 
ATOM   483 C CG1 . VAL A 1 58  ? 9.962   5.501   4.471   1.00 16.98 ? 448 VAL A CG1 1 
ATOM   484 C CG2 . VAL A 1 58  ? 10.113  7.916   3.851   1.00 19.79 ? 448 VAL A CG2 1 
ATOM   485 N N   . ALA A 1 59  ? 12.510  8.119   6.908   1.00 28.01 ? 449 ALA A N   1 
ATOM   486 C CA  . ALA A 1 59  ? 13.487  9.174   7.143   1.00 25.06 ? 449 ALA A CA  1 
ATOM   487 C C   . ALA A 1 59  ? 13.597  10.044  5.897   1.00 29.58 ? 449 ALA A C   1 
ATOM   488 O O   . ALA A 1 59  ? 13.409  9.557   4.777   1.00 23.75 ? 449 ALA A O   1 
ATOM   489 C CB  . ALA A 1 59  ? 14.839  8.584   7.503   1.00 22.73 ? 449 ALA A CB  1 
ATOM   490 N N   . GLY A 1 60  ? 13.896  11.327  6.096   1.00 26.27 ? 450 GLY A N   1 
ATOM   491 C CA  . GLY A 1 60  ? 14.019  12.272  4.997   1.00 20.82 ? 450 GLY A CA  1 
ATOM   492 C C   . GLY A 1 60  ? 15.077  11.869  3.987   1.00 25.15 ? 450 GLY A C   1 
ATOM   493 O O   . GLY A 1 60  ? 14.900  12.042  2.782   1.00 26.14 ? 450 GLY A O   1 
ATOM   494 N N   . SER A 1 61  ? 16.174  11.306  4.481   1.00 27.60 ? 451 SER A N   1 
ATOM   495 C CA  . SER A 1 61  ? 17.278  10.893  3.622   1.00 30.44 ? 451 SER A CA  1 
ATOM   496 C C   . SER A 1 61  ? 16.911  9.711   2.724   1.00 31.00 ? 451 SER A C   1 
ATOM   497 O O   . SER A 1 61  ? 17.693  9.317   1.860   1.00 30.69 ? 451 SER A O   1 
ATOM   498 C CB  . SER A 1 61  ? 18.498  10.541  4.473   1.00 32.13 ? 451 SER A CB  1 
ATOM   499 O OG  . SER A 1 61  ? 18.146  9.623   5.493   1.00 36.81 ? 451 SER A OG  1 
ATOM   500 N N   . ASN A 1 62  ? 15.720  9.152   2.923   1.00 26.34 ? 452 ASN A N   1 
ATOM   501 C CA  . ASN A 1 62  ? 15.270  8.018   2.123   1.00 20.86 ? 452 ASN A CA  1 
ATOM   502 C C   . ASN A 1 62  ? 14.336  8.415   0.998   1.00 23.78 ? 452 ASN A C   1 
ATOM   503 O O   . ASN A 1 62  ? 13.838  7.555   0.273   1.00 24.99 ? 452 ASN A O   1 
ATOM   504 C CB  . ASN A 1 62  ? 14.580  6.976   3.001   1.00 27.41 ? 452 ASN A CB  1 
ATOM   505 C CG  . ASN A 1 62  ? 15.563  6.067   3.704   1.00 29.17 ? 452 ASN A CG  1 
ATOM   506 O OD1 . ASN A 1 62  ? 16.674  5.840   3.220   1.00 34.55 ? 452 ASN A OD1 1 
ATOM   507 N ND2 . ASN A 1 62  ? 15.155  5.528   4.847   1.00 29.02 ? 452 ASN A ND2 1 
ATOM   508 N N   . VAL A 1 63  ? 14.083  9.711   0.860   1.00 21.82 ? 453 VAL A N   1 
ATOM   509 C CA  . VAL A 1 63  ? 13.335  10.196  -0.288  1.00 22.57 ? 453 VAL A CA  1 
ATOM   510 C C   . VAL A 1 63  ? 14.179  9.935   -1.521  1.00 20.59 ? 453 VAL A C   1 
ATOM   511 O O   . VAL A 1 63  ? 15.370  10.245  -1.534  1.00 22.59 ? 453 VAL A O   1 
ATOM   512 C CB  . VAL A 1 63  ? 13.000  11.698  -0.182  1.00 21.06 ? 453 VAL A CB  1 
ATOM   513 C CG1 . VAL A 1 63  ? 12.404  12.200  -1.486  1.00 22.32 ? 453 VAL A CG1 1 
ATOM   514 C CG2 . VAL A 1 63  ? 12.048  11.952  0.979   1.00 21.25 ? 453 VAL A CG2 1 
ATOM   515 N N   . GLY A 1 64  ? 13.573  9.342   -2.543  1.00 17.06 ? 454 GLY A N   1 
ATOM   516 C CA  . GLY A 1 64  ? 14.291  9.026   -3.763  1.00 17.28 ? 454 GLY A CA  1 
ATOM   517 C C   . GLY A 1 64  ? 14.696  7.568   -3.850  1.00 23.66 ? 454 GLY A C   1 
ATOM   518 O O   . GLY A 1 64  ? 15.057  7.082   -4.920  1.00 18.66 ? 454 GLY A O   1 
ATOM   519 N N   . LYS A 1 65  ? 14.639  6.867   -2.721  1.00 27.41 ? 455 LYS A N   1 
ATOM   520 C CA  . LYS A 1 65  ? 14.975  5.446   -2.687  1.00 20.74 ? 455 LYS A CA  1 
ATOM   521 C C   . LYS A 1 65  ? 13.816  4.588   -3.180  1.00 21.28 ? 455 LYS A C   1 
ATOM   522 O O   . LYS A 1 65  ? 12.649  4.980   -3.093  1.00 27.80 ? 455 LYS A O   1 
ATOM   523 C CB  . LYS A 1 65  ? 15.364  5.018   -1.275  1.00 20.00 ? 455 LYS A CB  1 
ATOM   524 C CG  . LYS A 1 65  ? 16.592  5.717   -0.715  1.00 24.83 ? 455 LYS A CG  1 
ATOM   525 C CD  . LYS A 1 65  ? 17.710  4.721   -0.449  1.00 40.72 ? 455 LYS A CD  1 
ATOM   526 C CE  . LYS A 1 65  ? 18.619  5.191   0.674   1.00 39.97 ? 455 LYS A CE  1 
ATOM   527 N NZ  . LYS A 1 65  ? 19.219  6.518   0.377   1.00 41.31 ? 455 LYS A NZ  1 
ATOM   528 N N   . THR A 1 66  ? 14.137  3.409   -3.691  1.00 20.64 ? 456 THR A N   1 
ATOM   529 C CA  . THR A 1 66  ? 13.113  2.484   -4.149  1.00 20.54 ? 456 THR A CA  1 
ATOM   530 C C   . THR A 1 66  ? 12.679  1.538   -3.029  1.00 21.67 ? 456 THR A C   1 
ATOM   531 O O   . THR A 1 66  ? 13.506  0.957   -2.328  1.00 23.32 ? 456 THR A O   1 
ATOM   532 C CB  . THR A 1 66  ? 13.604  1.675   -5.356  1.00 21.75 ? 456 THR A CB  1 
ATOM   533 O OG1 . THR A 1 66  ? 13.899  2.577   -6.429  1.00 24.93 ? 456 THR A OG1 1 
ATOM   534 C CG2 . THR A 1 66  ? 12.541  0.682   -5.815  1.00 21.32 ? 456 THR A CG2 1 
ATOM   535 N N   . VAL A 1 67  ? 11.369  1.409   -2.861  1.00 24.06 ? 457 VAL A N   1 
ATOM   536 C CA  . VAL A 1 67  ? 10.797  0.522   -1.860  1.00 25.32 ? 457 VAL A CA  1 
ATOM   537 C C   . VAL A 1 67  ? 10.310  -0.768  -2.493  1.00 20.55 ? 457 VAL A C   1 
ATOM   538 O O   . VAL A 1 67  ? 9.630   -0.739  -3.516  1.00 21.59 ? 457 VAL A O   1 
ATOM   539 C CB  . VAL A 1 67  ? 9.620   1.188   -1.131  1.00 25.20 ? 457 VAL A CB  1 
ATOM   540 C CG1 . VAL A 1 67  ? 8.859   0.172   -0.285  1.00 16.89 ? 457 VAL A CG1 1 
ATOM   541 C CG2 . VAL A 1 67  ? 10.115  2.347   -0.291  1.00 21.02 ? 457 VAL A CG2 1 
ATOM   542 N N   . GLY A 1 68  ? 10.662  -1.897  -1.889  1.00 22.88 ? 458 GLY A N   1 
ATOM   543 C CA  . GLY A 1 68  ? 10.112  -3.175  -2.298  1.00 19.28 ? 458 GLY A CA  1 
ATOM   544 C C   . GLY A 1 68  ? 8.928   -3.506  -1.415  1.00 19.53 ? 458 GLY A C   1 
ATOM   545 O O   . GLY A 1 68  ? 8.980   -3.282  -0.209  1.00 19.02 ? 458 GLY A O   1 
ATOM   546 N N   . LEU A 1 69  ? 7.856   -4.029  -2.003  1.00 17.24 ? 459 LEU A N   1 
ATOM   547 C CA  . LEU A 1 69  ? 6.689   -4.379  -1.215  1.00 15.05 ? 459 LEU A CA  1 
ATOM   548 C C   . LEU A 1 69  ? 5.768   -5.370  -1.916  1.00 19.15 ? 459 LEU A C   1 
ATOM   549 O O   . LEU A 1 69  ? 5.836   -5.556  -3.123  1.00 15.75 ? 459 LEU A O   1 
ATOM   550 C CB  . LEU A 1 69  ? 5.887   -3.123  -0.856  1.00 16.21 ? 459 LEU A CB  1 
ATOM   551 C CG  . LEU A 1 69  ? 4.845   -2.670  -1.882  1.00 13.84 ? 459 LEU A CG  1 
ATOM   552 C CD1 . LEU A 1 69  ? 3.933   -1.624  -1.279  1.00 15.10 ? 459 LEU A CD1 1 
ATOM   553 C CD2 . LEU A 1 69  ? 5.497   -2.133  -3.150  1.00 18.02 ? 459 LEU A CD2 1 
ATOM   554 N N   . LYS A 1 70  ? 4.899   -6.001  -1.133  1.00 17.01 ? 460 LYS A N   1 
ATOM   555 C CA  . LYS A 1 70  ? 3.791   -6.770  -1.679  1.00 22.63 ? 460 LYS A CA  1 
ATOM   556 C C   . LYS A 1 70  ? 2.664   -6.854  -0.653  1.00 18.78 ? 460 LYS A C   1 
ATOM   557 O O   . LYS A 1 70  ? 2.908   -6.920  0.549   1.00 16.78 ? 460 LYS A O   1 
ATOM   558 C CB  . LYS A 1 70  ? 4.256   -8.168  -2.096  1.00 23.07 ? 460 LYS A CB  1 
ATOM   559 C CG  . LYS A 1 70  ? 4.790   -8.999  -0.955  1.00 27.45 ? 460 LYS A CG  1 
ATOM   560 C CD  . LYS A 1 70  ? 5.397   -10.306 -1.452  1.00 40.09 ? 460 LYS A CD  1 
ATOM   561 C CE  . LYS A 1 70  ? 6.709   -10.072 -2.172  1.00 34.98 ? 460 LYS A CE  1 
ATOM   562 N NZ  . LYS A 1 70  ? 7.454   -11.343 -2.394  1.00 33.69 ? 460 LYS A NZ  1 
ATOM   563 N N   . ALA A 1 71  ? 1.429   -6.834  -1.134  1.00 19.21 ? 461 ALA A N   1 
ATOM   564 C CA  . ALA A 1 71  ? 0.278   -6.965  -0.253  1.00 21.74 ? 461 ALA A CA  1 
ATOM   565 C C   . ALA A 1 71  ? 0.162   -8.391  0.300   1.00 26.23 ? 461 ALA A C   1 
ATOM   566 O O   . ALA A 1 71  ? 0.575   -9.343  -0.357  1.00 26.21 ? 461 ALA A O   1 
ATOM   567 C CB  . ALA A 1 71  ? -0.988  -6.575  -0.989  1.00 19.92 ? 461 ALA A CB  1 
ATOM   568 N N   . ARG A 1 72  ? -0.379  -8.526  1.511   1.00 21.76 ? 462 ARG A N   1 
ATOM   569 C CA  . ARG A 1 72  ? -0.711  -9.834  2.087   1.00 20.94 ? 462 ARG A CA  1 
ATOM   570 C C   . ARG A 1 72  ? -2.163  -9.812  2.548   1.00 20.92 ? 462 ARG A C   1 
ATOM   571 O O   . ARG A 1 72  ? -2.607  -8.839  3.158   1.00 24.39 ? 462 ARG A O   1 
ATOM   572 C CB  . ARG A 1 72  ? 0.223   -10.185 3.243   1.00 19.00 ? 462 ARG A CB  1 
ATOM   573 C CG  . ARG A 1 72  ? 1.680   -10.253 2.846   1.00 17.48 ? 462 ARG A CG  1 
ATOM   574 C CD  . ARG A 1 72  ? 2.525   -10.855 3.953   1.00 21.96 ? 462 ARG A CD  1 
ATOM   575 N NE  . ARG A 1 72  ? 2.272   -10.191 5.227   1.00 23.56 ? 462 ARG A NE  1 
ATOM   576 C CZ  . ARG A 1 72  ? 2.787   -10.575 6.391   1.00 27.47 ? 462 ARG A CZ  1 
ATOM   577 N NH1 . ARG A 1 72  ? 3.594   -11.626 6.446   1.00 31.04 ? 462 ARG A NH1 1 
ATOM   578 N NH2 . ARG A 1 72  ? 2.490   -9.906  7.500   1.00 18.97 ? 462 ARG A NH2 1 
ATOM   579 N N   . TYR A 1 73  ? -2.904  -10.878 2.248   1.00 21.08 ? 463 TYR A N   1 
ATOM   580 C CA  . TYR A 1 73  ? -4.367  -10.839 2.326   1.00 22.13 ? 463 TYR A CA  1 
ATOM   581 C C   . TYR A 1 73  ? -4.954  -11.168 3.697   1.00 23.19 ? 463 TYR A C   1 
ATOM   582 O O   . TYR A 1 73  ? -6.052  -10.718 4.035   1.00 20.83 ? 463 TYR A O   1 
ATOM   583 C CB  . TYR A 1 73  ? -4.970  -11.795 1.291   1.00 25.32 ? 463 TYR A CB  1 
ATOM   584 C CG  . TYR A 1 73  ? -4.541  -11.526 -0.135  1.00 30.94 ? 463 TYR A CG  1 
ATOM   585 C CD1 . TYR A 1 73  ? -4.208  -10.246 -0.552  1.00 27.17 ? 463 TYR A CD1 1 
ATOM   586 C CD2 . TYR A 1 73  ? -4.469  -12.556 -1.062  1.00 36.47 ? 463 TYR A CD2 1 
ATOM   587 C CE1 . TYR A 1 73  ? -3.812  -10.000 -1.855  1.00 40.12 ? 463 TYR A CE1 1 
ATOM   588 C CE2 . TYR A 1 73  ? -4.077  -12.322 -2.365  1.00 34.44 ? 463 TYR A CE2 1 
ATOM   589 C CZ  . TYR A 1 73  ? -3.748  -11.043 -2.758  1.00 41.25 ? 463 TYR A CZ  1 
ATOM   590 O OH  . TYR A 1 73  ? -3.358  -10.807 -4.056  1.00 39.92 ? 463 TYR A OH  1 
ATOM   591 N N   . ASP A 1 74  ? -4.240  -11.966 4.479   1.00 27.25 ? 464 ASP A N   1 
ATOM   592 C CA  . ASP A 1 74  ? -4.743  -12.382 5.785   1.00 26.95 ? 464 ASP A CA  1 
ATOM   593 C C   . ASP A 1 74  ? -3.568  -12.662 6.707   1.00 27.39 ? 464 ASP A C   1 
ATOM   594 O O   . ASP A 1 74  ? -3.081  -13.791 6.781   1.00 30.84 ? 464 ASP A O   1 
ATOM   595 C CB  . ASP A 1 74  ? -5.636  -13.620 5.649   1.00 31.63 ? 464 ASP A CB  1 
ATOM   596 C CG  . ASP A 1 74  ? -6.452  -13.905 6.906   1.00 40.46 ? 464 ASP A CG  1 
ATOM   597 O OD1 . ASP A 1 74  ? -6.142  -13.338 7.975   1.00 36.56 ? 464 ASP A OD1 1 
ATOM   598 O OD2 . ASP A 1 74  ? -7.407  -14.707 6.823   1.00 45.12 ? 464 ASP A OD2 1 
ATOM   599 N N   . ASN A 1 75  ? -3.112  -11.631 7.411   1.00 24.33 ? 465 ASN A N   1 
ATOM   600 C CA  . ASN A 1 75  ? -1.888  -11.747 8.193   1.00 28.94 ? 465 ASN A CA  1 
ATOM   601 C C   . ASN A 1 75  ? -2.075  -12.550 9.479   1.00 29.23 ? 465 ASN A C   1 
ATOM   602 O O   . ASN A 1 75  ? -1.113  -12.795 10.206  1.00 31.29 ? 465 ASN A O   1 
ATOM   603 C CB  . ASN A 1 75  ? -1.321  -10.361 8.517   1.00 25.92 ? 465 ASN A CB  1 
ATOM   604 C CG  . ASN A 1 75  ? -2.306  -9.475  9.268   1.00 28.87 ? 465 ASN A CG  1 
ATOM   605 O OD1 . ASN A 1 75  ? -3.326  -9.938  9.778   1.00 29.78 ? 465 ASN A OD1 1 
ATOM   606 N ND2 . ASN A 1 75  ? -1.992  -8.186  9.339   1.00 25.06 ? 465 ASN A ND2 1 
ATOM   607 N N   . THR A 1 76  ? -3.311  -12.960 9.754   1.00 31.68 ? 466 THR A N   1 
ATOM   608 C CA  . THR A 1 76  ? -3.574  -13.867 10.865  1.00 36.56 ? 466 THR A CA  1 
ATOM   609 C C   . THR A 1 76  ? -3.084  -15.268 10.503  1.00 39.64 ? 466 THR A C   1 
ATOM   610 O O   . THR A 1 76  ? -2.959  -16.135 11.370  1.00 42.07 ? 466 THR A O   1 
ATOM   611 C CB  . THR A 1 76  ? -5.072  -13.916 11.237  1.00 30.09 ? 466 THR A CB  1 
ATOM   612 O OG1 . THR A 1 76  ? -5.819  -14.516 10.172  1.00 38.69 ? 466 THR A OG1 1 
ATOM   613 C CG2 . THR A 1 76  ? -5.611  -12.513 11.511  1.00 31.59 ? 466 THR A CG2 1 
ATOM   614 N N   . LYS A 1 77  ? -2.808  -15.482 9.217   1.00 40.93 ? 467 LYS A N   1 
ATOM   615 C CA  . LYS A 1 77  ? -2.267  -16.753 8.743   1.00 33.54 ? 467 LYS A CA  1 
ATOM   616 C C   . LYS A 1 77  ? -0.871  -16.561 8.167   1.00 34.27 ? 467 LYS A C   1 
ATOM   617 O O   . LYS A 1 77  ? -0.363  -17.433 7.468   1.00 33.12 ? 467 LYS A O   1 
ATOM   618 C CB  . LYS A 1 77  ? -3.178  -17.382 7.684   1.00 32.49 ? 467 LYS A CB  1 
ATOM   619 C CG  . LYS A 1 77  ? -4.666  -17.302 7.990   1.00 35.07 ? 467 LYS A CG  1 
ATOM   620 C CD  . LYS A 1 77  ? -4.996  -17.928 9.334   1.00 46.18 ? 467 LYS A CD  1 
ATOM   621 C CE  . LYS A 1 77  ? -6.454  -17.705 9.706   1.00 46.69 ? 467 LYS A CE  1 
ATOM   622 N NZ  . LYS A 1 77  ? -6.692  -17.893 11.168  1.00 53.51 ? 467 LYS A NZ  1 
ATOM   623 N N   . GLY A 1 78  ? -0.253  -15.421 8.464   1.00 38.79 ? 468 GLY A N   1 
ATOM   624 C CA  . GLY A 1 78  ? 1.051   -15.102 7.911   1.00 34.11 ? 468 GLY A CA  1 
ATOM   625 C C   . GLY A 1 78  ? 0.999   -15.047 6.394   1.00 28.95 ? 468 GLY A C   1 
ATOM   626 O O   . GLY A 1 78  ? 0.031   -14.556 5.814   1.00 34.29 ? 468 GLY A O   1 
ATOM   627 N N   . TRP A 1 79  ? 2.036   -15.560 5.750   1.00 25.93 ? 469 TRP A N   1 
ATOM   628 C CA  . TRP A 1 79  ? 2.070   -15.624 4.294   1.00 31.27 ? 469 TRP A CA  1 
ATOM   629 C C   . TRP A 1 79  ? 1.049   -16.616 3.756   1.00 37.20 ? 469 TRP A C   1 
ATOM   630 O O   . TRP A 1 79  ? 0.537   -16.456 2.645   1.00 34.77 ? 469 TRP A O   1 
ATOM   631 C CB  . TRP A 1 79  ? 3.469   -16.001 3.812   1.00 26.15 ? 469 TRP A CB  1 
ATOM   632 C CG  . TRP A 1 79  ? 4.462   -14.905 4.004   1.00 29.20 ? 469 TRP A CG  1 
ATOM   633 C CD1 . TRP A 1 79  ? 5.326   -14.752 5.048   1.00 29.66 ? 469 TRP A CD1 1 
ATOM   634 C CD2 . TRP A 1 79  ? 4.687   -13.796 3.129   1.00 29.19 ? 469 TRP A CD2 1 
ATOM   635 N NE1 . TRP A 1 79  ? 6.083   -13.617 4.873   1.00 31.00 ? 469 TRP A NE1 1 
ATOM   636 C CE2 . TRP A 1 79  ? 5.710   -13.012 3.702   1.00 29.93 ? 469 TRP A CE2 1 
ATOM   637 C CE3 . TRP A 1 79  ? 4.121   -13.387 1.917   1.00 27.01 ? 469 TRP A CE3 1 
ATOM   638 C CZ2 . TRP A 1 79  ? 6.179   -11.844 3.104   1.00 24.46 ? 469 TRP A CZ2 1 
ATOM   639 C CZ3 . TRP A 1 79  ? 4.588   -12.230 1.327   1.00 29.71 ? 469 TRP A CZ3 1 
ATOM   640 C CH2 . TRP A 1 79  ? 5.607   -11.471 1.919   1.00 26.04 ? 469 TRP A CH2 1 
ATOM   641 N N   . ASP A 1 80  ? 0.746   -17.634 4.557   1.00 30.14 ? 470 ASP A N   1 
ATOM   642 C CA  . ASP A 1 80  ? -0.169  -18.695 4.151   1.00 32.14 ? 470 ASP A CA  1 
ATOM   643 C C   . ASP A 1 80  ? -1.576  -18.160 3.923   1.00 32.24 ? 470 ASP A C   1 
ATOM   644 O O   . ASP A 1 80  ? -2.392  -18.801 3.265   1.00 36.75 ? 470 ASP A O   1 
ATOM   645 C CB  . ASP A 1 80  ? -0.191  -19.815 5.195   1.00 38.09 ? 470 ASP A CB  1 
ATOM   646 C CG  . ASP A 1 80  ? 1.191   -20.403 5.450   1.00 47.12 ? 470 ASP A CG  1 
ATOM   647 O OD1 . ASP A 1 80  ? 2.010   -20.441 4.504   1.00 51.45 ? 470 ASP A OD1 1 
ATOM   648 O OD2 . ASP A 1 80  ? 1.457   -20.823 6.596   1.00 54.80 ? 470 ASP A OD2 1 
ATOM   649 N N   . GLY A 1 81  ? -1.854  -16.978 4.463   1.00 29.87 ? 471 GLY A N   1 
ATOM   650 C CA  . GLY A 1 81  ? -3.122  -16.315 4.213   1.00 30.89 ? 471 GLY A CA  1 
ATOM   651 C C   . GLY A 1 81  ? -3.206  -15.760 2.803   1.00 25.59 ? 471 GLY A C   1 
ATOM   652 O O   . GLY A 1 81  ? -4.263  -15.308 2.365   1.00 32.57 ? 471 GLY A O   1 
ATOM   653 N N   . GLY A 1 82  ? -2.084  -15.796 2.088   1.00 23.91 ? 472 GLY A N   1 
ATOM   654 C CA  . GLY A 1 82  ? -2.035  -15.287 0.731   1.00 34.66 ? 472 GLY A CA  1 
ATOM   655 C C   . GLY A 1 82  ? -1.361  -13.932 0.605   1.00 29.53 ? 472 GLY A C   1 
ATOM   656 O O   . GLY A 1 82  ? -1.442  -13.095 1.502   1.00 29.11 ? 472 GLY A O   1 
ATOM   657 N N   . SER A 1 83  ? -0.687  -13.721 -0.519  1.00 31.33 ? 473 SER A N   1 
ATOM   658 C CA  . SER A 1 83  ? -0.094  -12.425 -0.814  1.00 29.06 ? 473 SER A CA  1 
ATOM   659 C C   . SER A 1 83  ? -0.375  -12.024 -2.257  1.00 39.87 ? 473 SER A C   1 
ATOM   660 O O   . SER A 1 83  ? -1.076  -12.734 -2.976  1.00 41.97 ? 473 SER A O   1 
ATOM   661 C CB  . SER A 1 83  ? 1.412   -12.449 -0.532  1.00 31.27 ? 473 SER A CB  1 
ATOM   662 O OG  . SER A 1 83  ? 2.081   -13.386 -1.352  1.00 34.29 ? 473 SER A OG  1 
ATOM   663 N N   . ASP A 1 84  ? 0.166   -10.886 -2.680  1.00 37.73 ? 474 ASP A N   1 
ATOM   664 C CA  . ASP A 1 84  ? -0.012  -10.417 -4.054  1.00 37.17 ? 474 ASP A CA  1 
ATOM   665 C C   . ASP A 1 84  ? 0.707   -11.348 -5.037  1.00 45.29 ? 474 ASP A C   1 
ATOM   666 O O   . ASP A 1 84  ? 1.530   -12.182 -4.625  1.00 40.75 ? 474 ASP A O   1 
ATOM   667 C CB  . ASP A 1 84  ? 0.501   -8.982  -4.201  1.00 33.67 ? 474 ASP A CB  1 
ATOM   668 C CG  . ASP A 1 84  ? 0.170   -8.369  -5.554  1.00 42.82 ? 474 ASP A CG  1 
ATOM   669 O OD1 . ASP A 1 84  ? -0.892  -8.699  -6.121  1.00 45.93 ? 474 ASP A OD1 1 
ATOM   670 O OD2 . ASP A 1 84  ? 0.990   -7.571  -6.058  1.00 38.94 ? 474 ASP A OD2 1 
ATOM   671 N N   . THR A 1 85  ? 0.410   -11.208 -6.330  1.00 41.95 ? 475 THR A N   1 
ATOM   672 C CA  . THR A 1 85  ? 0.942   -12.141 -7.330  1.00 44.93 ? 475 THR A CA  1 
ATOM   673 C C   . THR A 1 85  ? 2.435   -11.991 -7.679  1.00 38.21 ? 475 THR A C   1 
ATOM   674 O O   . THR A 1 85  ? 2.968   -12.834 -8.399  1.00 33.73 ? 475 THR A O   1 
ATOM   675 C CB  . THR A 1 85  ? 0.127   -12.069 -8.658  1.00 40.01 ? 475 THR A CB  1 
ATOM   676 O OG1 . THR A 1 85  ? 0.160   -10.735 -9.181  1.00 43.21 ? 475 THR A OG1 1 
ATOM   677 C CG2 . THR A 1 85  ? -1.307  -12.486 -8.417  1.00 43.17 ? 475 THR A CG2 1 
ATOM   678 N N   . ALA A 1 86  ? 3.107   -10.960 -7.161  1.00 40.64 ? 476 ALA A N   1 
ATOM   679 C CA  . ALA A 1 86  ? 4.556   -10.780 -7.390  1.00 39.21 ? 476 ALA A CA  1 
ATOM   680 C C   . ALA A 1 86  ? 5.191   -9.661  -6.552  1.00 34.93 ? 476 ALA A C   1 
ATOM   681 O O   . ALA A 1 86  ? 4.484   -8.873  -5.926  1.00 39.96 ? 476 ALA A O   1 
ATOM   682 C CB  . ALA A 1 86  ? 4.839   -10.509 -8.869  1.00 30.67 ? 476 ALA A CB  1 
ATOM   683 N N   . ASP A 1 87  ? 6.526   -9.610  -6.547  1.00 25.41 ? 477 ASP A N   1 
ATOM   684 C CA  . ASP A 1 87  ? 7.285   -8.489  -5.982  1.00 30.07 ? 477 ASP A CA  1 
ATOM   685 C C   . ASP A 1 87  ? 6.903   -7.174  -6.649  1.00 36.45 ? 477 ASP A C   1 
ATOM   686 O O   . ASP A 1 87  ? 6.935   -7.066  -7.877  1.00 32.47 ? 477 ASP A O   1 
ATOM   687 C CB  . ASP A 1 87  ? 8.796   -8.694  -6.161  1.00 27.58 ? 477 ASP A CB  1 
ATOM   688 C CG  . ASP A 1 87  ? 9.429   -9.507  -5.048  1.00 41.31 ? 477 ASP A CG  1 
ATOM   689 O OD1 . ASP A 1 87  ? 8.719   -10.326 -4.427  1.00 36.93 ? 477 ASP A OD1 1 
ATOM   690 O OD2 . ASP A 1 87  ? 10.649  -9.326  -4.801  1.00 31.71 ? 477 ASP A OD2 1 
ATOM   691 N N   . ARG A 1 88  ? 6.583   -6.165  -5.850  1.00 27.84 ? 478 ARG A N   1 
ATOM   692 C CA  . ARG A 1 88  ? 6.292   -4.849  -6.403  1.00 19.27 ? 478 ARG A CA  1 
ATOM   693 C C   . ARG A 1 88  ? 7.321   -3.829  -5.940  1.00 20.50 ? 478 ARG A C   1 
ATOM   694 O O   . ARG A 1 88  ? 8.183   -4.133  -5.115  1.00 23.99 ? 478 ARG A O   1 
ATOM   695 C CB  . ARG A 1 88  ? 4.888   -4.388  -6.010  1.00 21.48 ? 478 ARG A CB  1 
ATOM   696 C CG  . ARG A 1 88  ? 3.797   -5.395  -6.286  1.00 25.62 ? 478 ARG A CG  1 
ATOM   697 C CD  . ARG A 1 88  ? 3.844   -5.916  -7.716  1.00 32.26 ? 478 ARG A CD  1 
ATOM   698 N NE  . ARG A 1 88  ? 2.736   -6.834  -7.977  1.00 34.11 ? 478 ARG A NE  1 
ATOM   699 C CZ  . ARG A 1 88  ? 2.601   -7.561  -9.083  1.00 38.80 ? 478 ARG A CZ  1 
ATOM   700 N NH1 . ARG A 1 88  ? 3.506   -7.486  -10.052 1.00 30.30 ? 478 ARG A NH1 1 
ATOM   701 N NH2 . ARG A 1 88  ? 1.554   -8.364  -9.219  1.00 32.94 ? 478 ARG A NH2 1 
ATOM   702 N N   . SER A 1 89  ? 7.236   -2.618  -6.479  1.00 20.99 ? 479 SER A N   1 
ATOM   703 C CA  . SER A 1 89  ? 8.130   -1.547  -6.061  1.00 19.64 ? 479 SER A CA  1 
ATOM   704 C C   . SER A 1 89  ? 7.644   -0.178  -6.514  1.00 19.44 ? 479 SER A C   1 
ATOM   705 O O   . SER A 1 89  ? 6.852   -0.061  -7.452  1.00 16.74 ? 479 SER A O   1 
ATOM   706 C CB  . SER A 1 89  ? 9.548   -1.781  -6.591  1.00 20.22 ? 479 SER A CB  1 
ATOM   707 O OG  . SER A 1 89  ? 9.593   -1.642  -7.997  1.00 24.39 ? 479 SER A OG  1 
ATOM   708 N N   . PHE A 1 90  ? 8.132   0.852   -5.833  1.00 17.46 ? 480 PHE A N   1 
ATOM   709 C CA  . PHE A 1 90  ? 7.918   2.233   -6.240  1.00 19.17 ? 480 PHE A CA  1 
ATOM   710 C C   . PHE A 1 90  ? 9.025   3.087   -5.660  1.00 21.59 ? 480 PHE A C   1 
ATOM   711 O O   . PHE A 1 90  ? 9.831   2.618   -4.859  1.00 18.72 ? 480 PHE A O   1 
ATOM   712 C CB  . PHE A 1 90  ? 6.547   2.759   -5.796  1.00 18.07 ? 480 PHE A CB  1 
ATOM   713 C CG  . PHE A 1 90  ? 6.386   2.891   -4.302  1.00 15.86 ? 480 PHE A CG  1 
ATOM   714 C CD1 . PHE A 1 90  ? 5.954   1.817   -3.540  1.00 15.86 ? 480 PHE A CD1 1 
ATOM   715 C CD2 . PHE A 1 90  ? 6.625   4.100   -3.666  1.00 21.92 ? 480 PHE A CD2 1 
ATOM   716 C CE1 . PHE A 1 90  ? 5.787   1.935   -2.163  1.00 17.35 ? 480 PHE A CE1 1 
ATOM   717 C CE2 . PHE A 1 90  ? 6.463   4.230   -2.286  1.00 17.78 ? 480 PHE A CE2 1 
ATOM   718 C CZ  . PHE A 1 90  ? 6.044   3.142   -1.534  1.00 17.41 ? 480 PHE A CZ  1 
ATOM   719 N N   . THR A 1 91  ? 9.068   4.345   -6.074  1.00 20.50 ? 481 THR A N   1 
ATOM   720 C CA  . THR A 1 91  ? 10.077  5.263   -5.578  1.00 17.10 ? 481 THR A CA  1 
ATOM   721 C C   . THR A 1 91  ? 9.416   6.344   -4.736  1.00 14.88 ? 481 THR A C   1 
ATOM   722 O O   . THR A 1 91  ? 8.413   6.922   -5.135  1.00 20.33 ? 481 THR A O   1 
ATOM   723 C CB  . THR A 1 91  ? 10.876  5.891   -6.740  1.00 18.46 ? 481 THR A CB  1 
ATOM   724 O OG1 . THR A 1 91  ? 11.490  4.848   -7.509  1.00 19.23 ? 481 THR A OG1 1 
ATOM   725 C CG2 . THR A 1 91  ? 11.955  6.826   -6.217  1.00 18.89 ? 481 THR A CG2 1 
ATOM   726 N N   . ILE A 1 92  ? 9.971   6.597   -3.558  1.00 19.91 ? 482 ILE A N   1 
ATOM   727 C CA  . ILE A 1 92  ? 9.455   7.637   -2.682  1.00 19.76 ? 482 ILE A CA  1 
ATOM   728 C C   . ILE A 1 92  ? 9.747   9.011   -3.283  1.00 17.53 ? 482 ILE A C   1 
ATOM   729 O O   . ILE A 1 92  ? 10.902  9.420   -3.378  1.00 19.01 ? 482 ILE A O   1 
ATOM   730 C CB  . ILE A 1 92  ? 10.068  7.522   -1.282  1.00 22.01 ? 482 ILE A CB  1 
ATOM   731 C CG1 . ILE A 1 92  ? 9.846   6.107   -0.734  1.00 16.76 ? 482 ILE A CG1 1 
ATOM   732 C CG2 . ILE A 1 92  ? 9.494   8.580   -0.352  1.00 18.75 ? 482 ILE A CG2 1 
ATOM   733 C CD1 . ILE A 1 92  ? 10.724  5.776   0.453   1.00 20.95 ? 482 ILE A CD1 1 
ATOM   734 N N   . SER A 1 93  ? 8.693   9.709   -3.701  1.00 22.15 ? 483 SER A N   1 
ATOM   735 C CA  . SER A 1 93  ? 8.832   10.983  -4.410  1.00 20.32 ? 483 SER A CA  1 
ATOM   736 C C   . SER A 1 93  ? 9.091   12.161  -3.478  1.00 21.11 ? 483 SER A C   1 
ATOM   737 O O   . SER A 1 93  ? 9.677   13.162  -3.880  1.00 28.96 ? 483 SER A O   1 
ATOM   738 C CB  . SER A 1 93  ? 7.580   11.270  -5.240  1.00 22.77 ? 483 SER A CB  1 
ATOM   739 O OG  . SER A 1 93  ? 6.522   11.746  -4.425  1.00 25.12 ? 483 SER A OG  1 
ATOM   740 N N   . GLY A 1 94  ? 8.640   12.054  -2.235  1.00 22.21 ? 484 GLY A N   1 
ATOM   741 C CA  . GLY A 1 94  ? 8.797   13.148  -1.297  1.00 18.72 ? 484 GLY A CA  1 
ATOM   742 C C   . GLY A 1 94  ? 7.867   14.310  -1.597  1.00 20.71 ? 484 GLY A C   1 
ATOM   743 O O   . GLY A 1 94  ? 8.072   15.411  -1.095  1.00 24.65 ? 484 GLY A O   1 
ATOM   744 N N   . ASP A 1 95  ? 6.843   14.075  -2.417  1.00 22.16 ? 485 ASP A N   1 
ATOM   745 C CA  . ASP A 1 95  ? 5.872   15.124  -2.727  1.00 25.39 ? 485 ASP A CA  1 
ATOM   746 C C   . ASP A 1 95  ? 5.165   15.575  -1.453  1.00 26.07 ? 485 ASP A C   1 
ATOM   747 O O   . ASP A 1 95  ? 5.159   14.859  -0.451  1.00 25.24 ? 485 ASP A O   1 
ATOM   748 C CB  . ASP A 1 95  ? 4.842   14.654  -3.761  1.00 23.79 ? 485 ASP A CB  1 
ATOM   749 C CG  . ASP A 1 95  ? 5.407   14.603  -5.186  1.00 31.83 ? 485 ASP A CG  1 
ATOM   750 O OD1 . ASP A 1 95  ? 6.400   15.308  -5.474  1.00 37.66 ? 485 ASP A OD1 1 
ATOM   751 O OD2 . ASP A 1 95  ? 4.848   13.865  -6.029  1.00 28.47 ? 485 ASP A OD2 1 
ATOM   752 N N   . GLU A 1 96  ? 4.586   16.772  -1.500  1.00 30.49 ? 486 GLU A N   1 
ATOM   753 C CA  . GLU A 1 96  ? 3.890   17.367  -0.360  1.00 35.90 ? 486 GLU A CA  1 
ATOM   754 C C   . GLU A 1 96  ? 2.850   16.421  0.233   1.00 31.03 ? 486 GLU A C   1 
ATOM   755 O O   . GLU A 1 96  ? 2.926   16.053  1.407   1.00 33.53 ? 486 GLU A O   1 
ATOM   756 C CB  . GLU A 1 96  ? 3.229   18.687  -0.777  1.00 33.57 ? 486 GLU A CB  1 
ATOM   757 C CG  . GLU A 1 96  ? 2.341   19.350  0.285   1.00 40.39 ? 486 GLU A CG  1 
ATOM   758 C CD  . GLU A 1 96  ? 2.975   19.437  1.666   1.00 45.94 ? 486 GLU A CD  1 
ATOM   759 O OE1 . GLU A 1 96  ? 4.221   19.502  1.772   1.00 47.94 ? 486 GLU A OE1 1 
ATOM   760 O OE2 . GLU A 1 96  ? 2.210   19.451  2.656   1.00 45.41 ? 486 GLU A OE2 1 
ATOM   761 N N   . ASN A 1 97  ? 1.879   16.036  -0.584  1.00 28.02 ? 487 ASN A N   1 
ATOM   762 C CA  . ASN A 1 97  ? 0.910   15.029  -0.187  1.00 29.44 ? 487 ASN A CA  1 
ATOM   763 C C   . ASN A 1 97  ? 1.106   13.783  -1.045  1.00 24.97 ? 487 ASN A C   1 
ATOM   764 O O   . ASN A 1 97  ? 0.257   13.443  -1.873  1.00 22.60 ? 487 ASN A O   1 
ATOM   765 C CB  . ASN A 1 97  ? -0.517  15.567  -0.317  1.00 29.50 ? 487 ASN A CB  1 
ATOM   766 C CG  . ASN A 1 97  ? -1.570  14.544  0.087   1.00 39.84 ? 487 ASN A CG  1 
ATOM   767 O OD1 . ASN A 1 97  ? -1.344  13.711  0.970   1.00 38.75 ? 487 ASN A OD1 1 
ATOM   768 N ND2 . ASN A 1 97  ? -2.726  14.596  -0.570  1.00 27.27 ? 487 ASN A ND2 1 
ATOM   769 N N   . GLU A 1 98  ? 2.240   13.112  -0.856  1.00 23.46 ? 488 GLU A N   1 
ATOM   770 C CA  . GLU A 1 98  ? 2.552   11.940  -1.661  1.00 23.51 ? 488 GLU A CA  1 
ATOM   771 C C   . GLU A 1 98  ? 1.538   10.822  -1.435  1.00 17.52 ? 488 GLU A C   1 
ATOM   772 O O   . GLU A 1 98  ? 1.320   10.369  -0.312  1.00 14.96 ? 488 GLU A O   1 
ATOM   773 C CB  . GLU A 1 98  ? 3.963   11.426  -1.375  1.00 17.13 ? 488 GLU A CB  1 
ATOM   774 C CG  . GLU A 1 98  ? 4.304   10.204  -2.217  1.00 17.24 ? 488 GLU A CG  1 
ATOM   775 C CD  . GLU A 1 98  ? 5.768   9.829   -2.175  1.00 18.86 ? 488 GLU A CD  1 
ATOM   776 O OE1 . GLU A 1 98  ? 6.516   10.362  -1.330  1.00 21.50 ? 488 GLU A OE1 1 
ATOM   777 O OE2 . GLU A 1 98  ? 6.169   8.987   -2.997  1.00 23.05 ? 488 GLU A OE2 1 
ATOM   778 N N   . VAL A 1 99  ? 0.922   10.393  -2.524  1.00 21.07 ? 489 VAL A N   1 
ATOM   779 C CA  . VAL A 1 99  ? -0.039  9.310   -2.487  1.00 20.60 ? 489 VAL A CA  1 
ATOM   780 C C   . VAL A 1 99  ? 0.368   8.230   -3.478  1.00 19.90 ? 489 VAL A C   1 
ATOM   781 O O   . VAL A 1 99  ? 0.686   8.527   -4.627  1.00 17.63 ? 489 VAL A O   1 
ATOM   782 C CB  . VAL A 1 99  ? -1.454  9.816   -2.809  1.00 19.73 ? 489 VAL A CB  1 
ATOM   783 C CG1 . VAL A 1 99  ? -2.417  8.656   -2.969  1.00 22.10 ? 489 VAL A CG1 1 
ATOM   784 C CG2 . VAL A 1 99  ? -1.922  10.752  -1.710  1.00 16.89 ? 489 VAL A CG2 1 
ATOM   785 N N   . LEU A 1 100 ? 0.383   6.981   -3.022  1.00 21.37 ? 490 LEU A N   1 
ATOM   786 C CA  . LEU A 1 100 ? 0.611   5.848   -3.911  1.00 17.90 ? 490 LEU A CA  1 
ATOM   787 C C   . LEU A 1 100 ? -0.679  5.054   -4.119  1.00 20.50 ? 490 LEU A C   1 
ATOM   788 O O   . LEU A 1 100 ? -1.444  4.822   -3.178  1.00 13.87 ? 490 LEU A O   1 
ATOM   789 C CB  . LEU A 1 100 ? 1.717   4.945   -3.370  1.00 16.92 ? 490 LEU A CB  1 
ATOM   790 C CG  . LEU A 1 100 ? 3.164   5.325   -3.720  1.00 19.88 ? 490 LEU A CG  1 
ATOM   791 C CD1 . LEU A 1 100 ? 3.341   5.481   -5.218  1.00 16.45 ? 490 LEU A CD1 1 
ATOM   792 C CD2 . LEU A 1 100 ? 3.621   6.588   -2.991  1.00 17.14 ? 490 LEU A CD2 1 
ATOM   793 N N   . TYR A 1 101 ? -0.923  4.667   -5.367  1.00 18.52 ? 491 TYR A N   1 
ATOM   794 C CA  . TYR A 1 101 ? -2.067  3.834   -5.707  1.00 20.64 ? 491 TYR A CA  1 
ATOM   795 C C   . TYR A 1 101 ? -1.606  2.434   -6.071  1.00 22.60 ? 491 TYR A C   1 
ATOM   796 O O   . TYR A 1 101 ? -0.984  2.212   -7.110  1.00 21.58 ? 491 TYR A O   1 
ATOM   797 C CB  . TYR A 1 101 ? -2.862  4.439   -6.855  1.00 21.89 ? 491 TYR A CB  1 
ATOM   798 C CG  . TYR A 1 101 ? -3.470  5.774   -6.519  1.00 22.23 ? 491 TYR A CG  1 
ATOM   799 C CD1 . TYR A 1 101 ? -4.735  5.862   -5.953  1.00 23.98 ? 491 TYR A CD1 1 
ATOM   800 C CD2 . TYR A 1 101 ? -2.773  6.946   -6.754  1.00 22.07 ? 491 TYR A CD2 1 
ATOM   801 C CE1 . TYR A 1 101 ? -5.288  7.089   -5.640  1.00 28.01 ? 491 TYR A CE1 1 
ATOM   802 C CE2 . TYR A 1 101 ? -3.316  8.170   -6.448  1.00 26.27 ? 491 TYR A CE2 1 
ATOM   803 C CZ  . TYR A 1 101 ? -4.570  8.240   -5.891  1.00 26.40 ? 491 TYR A CZ  1 
ATOM   804 O OH  . TYR A 1 101 ? -5.100  9.470   -5.588  1.00 22.71 ? 491 TYR A OH  1 
ATOM   805 N N   . TYR A 1 102 ? -1.910  1.496   -5.190  1.00 16.84 ? 492 TYR A N   1 
ATOM   806 C CA  . TYR A 1 102 ? -1.482  0.127   -5.355  1.00 19.33 ? 492 TYR A CA  1 
ATOM   807 C C   . TYR A 1 102 ? -2.695  -0.729  -5.690  1.00 23.58 ? 492 TYR A C   1 
ATOM   808 O O   . TYR A 1 102 ? -3.500  -1.063  -4.822  1.00 16.70 ? 492 TYR A O   1 
ATOM   809 C CB  . TYR A 1 102 ? -0.758  -0.349  -4.089  1.00 21.05 ? 492 TYR A CB  1 
ATOM   810 C CG  . TYR A 1 102 ? -0.278  -1.783  -4.083  1.00 23.29 ? 492 TYR A CG  1 
ATOM   811 C CD1 . TYR A 1 102 ? -0.187  -2.523  -5.256  1.00 18.80 ? 492 TYR A CD1 1 
ATOM   812 C CD2 . TYR A 1 102 ? 0.159   -2.376  -2.901  1.00 19.94 ? 492 TYR A CD2 1 
ATOM   813 C CE1 . TYR A 1 102 ? 0.269   -3.829  -5.243  1.00 20.86 ? 492 TYR A CE1 1 
ATOM   814 C CE2 . TYR A 1 102 ? 0.627   -3.678  -2.879  1.00 20.66 ? 492 TYR A CE2 1 
ATOM   815 C CZ  . TYR A 1 102 ? 0.680   -4.400  -4.056  1.00 24.85 ? 492 TYR A CZ  1 
ATOM   816 O OH  . TYR A 1 102 ? 1.145   -5.695  -4.049  1.00 17.32 ? 492 TYR A OH  1 
ATOM   817 N N   . VAL A 1 103 ? -2.824  -1.051  -6.972  1.00 24.95 ? 493 VAL A N   1 
ATOM   818 C CA  . VAL A 1 103 ? -3.797  -2.034  -7.417  1.00 21.60 ? 493 VAL A CA  1 
ATOM   819 C C   . VAL A 1 103 ? -3.132  -3.400  -7.363  1.00 23.15 ? 493 VAL A C   1 
ATOM   820 O O   . VAL A 1 103 ? -2.056  -3.590  -7.928  1.00 27.44 ? 493 VAL A O   1 
ATOM   821 C CB  . VAL A 1 103 ? -4.311  -1.747  -8.841  1.00 22.98 ? 493 VAL A CB  1 
ATOM   822 C CG1 . VAL A 1 103 ? -4.979  -2.985  -9.428  1.00 24.84 ? 493 VAL A CG1 1 
ATOM   823 C CG2 . VAL A 1 103 ? -5.274  -0.569  -8.828  1.00 18.31 ? 493 VAL A CG2 1 
ATOM   824 N N   . ASP A 1 104 ? -3.759  -4.329  -6.645  1.00 28.19 ? 494 ASP A N   1 
ATOM   825 C CA  . ASP A 1 104 ? -3.278  -5.699  -6.571  1.00 25.93 ? 494 ASP A CA  1 
ATOM   826 C C   . ASP A 1 104 ? -3.057  -6.218  -7.987  1.00 28.47 ? 494 ASP A C   1 
ATOM   827 O O   . ASP A 1 104 ? -3.971  -6.178  -8.811  1.00 28.35 ? 494 ASP A O   1 
ATOM   828 C CB  . ASP A 1 104 ? -4.275  -6.580  -5.815  1.00 28.12 ? 494 ASP A CB  1 
ATOM   829 C CG  . ASP A 1 104 ? -3.716  -7.949  -5.504  1.00 32.45 ? 494 ASP A CG  1 
ATOM   830 O OD1 . ASP A 1 104 ? -3.015  -8.080  -4.480  1.00 34.69 ? 494 ASP A OD1 1 
ATOM   831 O OD2 . ASP A 1 104 ? -3.963  -8.892  -6.286  1.00 33.19 ? 494 ASP A OD2 1 
ATOM   832 N N   . GLY A 1 105 ? -1.836  -6.661  -8.274  1.00 26.90 ? 495 GLY A N   1 
ATOM   833 C CA  . GLY A 1 105 ? -1.490  -7.122  -9.606  1.00 33.05 ? 495 GLY A CA  1 
ATOM   834 C C   . GLY A 1 105 ? -0.490  -6.252  -10.356 1.00 35.85 ? 495 GLY A C   1 
ATOM   835 O O   . GLY A 1 105 ? -0.092  -6.583  -11.473 1.00 30.82 ? 495 GLY A O   1 
ATOM   836 N N   . SER A 1 106 ? -0.071  -5.147  -9.744  1.00 36.47 ? 496 SER A N   1 
ATOM   837 C CA  . SER A 1 106 ? 0.882   -4.240  -10.388 1.00 34.35 ? 496 SER A CA  1 
ATOM   838 C C   . SER A 1 106 ? 1.651   -3.367  -9.395  1.00 27.91 ? 496 SER A C   1 
ATOM   839 O O   . SER A 1 106 ? 1.253   -3.222  -8.241  1.00 25.58 ? 496 SER A O   1 
ATOM   840 C CB  . SER A 1 106 ? 0.154   -3.351  -11.406 1.00 39.36 ? 496 SER A CB  1 
ATOM   841 O OG  . SER A 1 106 ? -1.055  -2.838  -10.870 1.00 36.74 ? 496 SER A OG  1 
ATOM   842 N N   . ASP A 1 107 ? 2.760   -2.796  -9.856  1.00 27.46 ? 497 ASP A N   1 
ATOM   843 C CA  . ASP A 1 107 ? 3.514   -1.825  -9.074  1.00 24.86 ? 497 ASP A CA  1 
ATOM   844 C C   . ASP A 1 107 ? 2.605   -0.674  -8.629  1.00 25.16 ? 497 ASP A C   1 
ATOM   845 O O   . ASP A 1 107 ? 1.700   -0.274  -9.367  1.00 24.71 ? 497 ASP A O   1 
ATOM   846 C CB  . ASP A 1 107 ? 4.697   -1.280  -9.884  1.00 28.85 ? 497 ASP A CB  1 
ATOM   847 C CG  . ASP A 1 107 ? 5.928   -2.177  -9.822  1.00 32.97 ? 497 ASP A CG  1 
ATOM   848 O OD1 . ASP A 1 107 ? 6.124   -2.866  -8.802  1.00 31.20 ? 497 ASP A OD1 1 
ATOM   849 O OD2 . ASP A 1 107 ? 6.718   -2.174  -10.792 1.00 37.31 ? 497 ASP A OD2 1 
ATOM   850 N N   . PRO A 1 108 ? 2.820   -0.155  -7.410  1.00 21.44 ? 498 PRO A N   1 
ATOM   851 C CA  . PRO A 1 108 ? 2.068   1.035   -7.001  1.00 19.75 ? 498 PRO A CA  1 
ATOM   852 C C   . PRO A 1 108 ? 2.518   2.253   -7.803  1.00 24.47 ? 498 PRO A C   1 
ATOM   853 O O   . PRO A 1 108 ? 3.700   2.353   -8.146  1.00 15.73 ? 498 PRO A O   1 
ATOM   854 C CB  . PRO A 1 108 ? 2.414   1.188   -5.512  1.00 21.56 ? 498 PRO A CB  1 
ATOM   855 C CG  . PRO A 1 108 ? 2.965   -0.155  -5.092  1.00 19.74 ? 498 PRO A CG  1 
ATOM   856 C CD  . PRO A 1 108 ? 3.661   -0.675  -6.318  1.00 19.83 ? 498 PRO A CD  1 
ATOM   857 N N   . VAL A 1 109 ? 1.587   3.154   -8.107  1.00 21.58 ? 499 VAL A N   1 
ATOM   858 C CA  . VAL A 1 109 ? 1.905   4.339   -8.896  1.00 24.85 ? 499 VAL A CA  1 
ATOM   859 C C   . VAL A 1 109 ? 1.412   5.626   -8.242  1.00 26.33 ? 499 VAL A C   1 
ATOM   860 O O   . VAL A 1 109 ? 0.462   5.618   -7.457  1.00 21.64 ? 499 VAL A O   1 
ATOM   861 C CB  . VAL A 1 109 ? 1.302   4.244   -10.297 1.00 25.05 ? 499 VAL A CB  1 
ATOM   862 C CG1 . VAL A 1 109 ? 2.081   3.231   -11.137 1.00 21.48 ? 499 VAL A CG1 1 
ATOM   863 C CG2 . VAL A 1 109 ? -0.174  3.886   -10.202 1.00 24.63 ? 499 VAL A CG2 1 
ATOM   864 N N   . HIS A 1 110 ? 2.063   6.736   -8.580  1.00 24.37 ? 500 HIS A N   1 
ATOM   865 C CA  . HIS A 1 110 ? 1.740   8.024   -7.980  1.00 24.85 ? 500 HIS A CA  1 
ATOM   866 C C   . HIS A 1 110 ? 0.465   8.646   -8.529  1.00 21.24 ? 500 HIS A C   1 
ATOM   867 O O   . HIS A 1 110 ? -0.095  9.553   -7.913  1.00 32.95 ? 500 HIS A O   1 
ATOM   868 C CB  . HIS A 1 110 ? 2.899   8.998   -8.164  1.00 24.44 ? 500 HIS A CB  1 
ATOM   869 C CG  . HIS A 1 110 ? 4.046   8.746   -7.238  1.00 18.70 ? 500 HIS A CG  1 
ATOM   870 N ND1 . HIS A 1 110 ? 5.159   8.024   -7.615  1.00 17.22 ? 500 HIS A ND1 1 
ATOM   871 C CD2 . HIS A 1 110 ? 4.242   9.102   -5.952  1.00 19.63 ? 500 HIS A CD2 1 
ATOM   872 C CE1 . HIS A 1 110 ? 5.998   7.958   -6.599  1.00 19.24 ? 500 HIS A CE1 1 
ATOM   873 N NE2 . HIS A 1 110 ? 5.468   8.605   -5.573  1.00 20.62 ? 500 HIS A NE2 1 
ATOM   874 N N   . GLU A 1 111 ? -0.001  8.170   -9.677  1.00 27.05 ? 501 GLU A N   1 
ATOM   875 C CA  . GLU A 1 111 ? -1.240  8.709   -10.219 1.00 29.74 ? 501 GLU A CA  1 
ATOM   876 C C   . GLU A 1 111 ? -2.373  7.698   -10.157 1.00 30.80 ? 501 GLU A C   1 
ATOM   877 O O   . GLU A 1 111 ? -2.184  6.506   -10.402 1.00 27.90 ? 501 GLU A O   1 
ATOM   878 C CB  . GLU A 1 111 ? -1.051  9.188   -11.652 1.00 33.55 ? 501 GLU A CB  1 
ATOM   879 C CG  . GLU A 1 111 ? -2.031  10.291  -12.027 1.00 35.32 ? 501 GLU A CG  1 
ATOM   880 C CD  . GLU A 1 111 ? -1.498  11.208  -13.111 1.00 39.41 ? 501 GLU A CD  1 
ATOM   881 O OE1 . GLU A 1 111 ? -0.296  11.554  -13.068 1.00 38.77 ? 501 GLU A OE1 1 
ATOM   882 O OE2 . GLU A 1 111 ? -2.284  11.581  -14.005 1.00 38.25 ? 501 GLU A OE2 1 
ATOM   883 N N   . LYS A 1 112 ? -3.554  8.203   -9.823  1.00 30.70 ? 502 LYS A N   1 
ATOM   884 C CA  . LYS A 1 112 ? -4.747  7.391   -9.638  1.00 29.47 ? 502 LYS A CA  1 
ATOM   885 C C   . LYS A 1 112 ? -5.177  6.699   -10.925 1.00 31.49 ? 502 LYS A C   1 
ATOM   886 O O   . LYS A 1 112 ? -5.451  7.360   -11.926 1.00 33.05 ? 502 LYS A O   1 
ATOM   887 C CB  . LYS A 1 112 ? -5.871  8.271   -9.102  1.00 28.32 ? 502 LYS A CB  1 
ATOM   888 C CG  . LYS A 1 112 ? -7.209  7.603   -8.971  1.00 27.54 ? 502 LYS A CG  1 
ATOM   889 C CD  . LYS A 1 112 ? -8.169  8.565   -8.307  1.00 34.56 ? 502 LYS A CD  1 
ATOM   890 C CE  . LYS A 1 112 ? -9.599  8.188   -8.579  1.00 37.32 ? 502 LYS A CE  1 
ATOM   891 N NZ  . LYS A 1 112 ? -10.532 8.994   -7.743  1.00 40.28 ? 502 LYS A NZ  1 
ATOM   892 N N   . PRO A 1 113 ? -5.233  5.359   -10.901 1.00 28.77 ? 503 PRO A N   1 
ATOM   893 C CA  . PRO A 1 113 ? -5.627  4.550   -12.057 1.00 25.16 ? 503 PRO A CA  1 
ATOM   894 C C   . PRO A 1 113 ? -7.134  4.423   -12.228 1.00 27.63 ? 503 PRO A C   1 
ATOM   895 O O   . PRO A 1 113 ? -7.901  4.821   -11.351 1.00 29.64 ? 503 PRO A O   1 
ATOM   896 C CB  . PRO A 1 113 ? -5.007  3.185   -11.751 1.00 26.88 ? 503 PRO A CB  1 
ATOM   897 C CG  . PRO A 1 113 ? -4.987  3.116   -10.278 1.00 21.90 ? 503 PRO A CG  1 
ATOM   898 C CD  . PRO A 1 113 ? -4.753  4.525   -9.788  1.00 20.87 ? 503 PRO A CD  1 
ATOM   899 N N   . VAL A 1 114 ? -7.537  3.866   -13.366 1.00 27.06 ? 504 VAL A N   1 
ATOM   900 C CA  . VAL A 1 114 ? -8.936  3.624   -13.677 1.00 21.33 ? 504 VAL A CA  1 
ATOM   901 C C   . VAL A 1 114 ? -9.303  2.197   -13.285 1.00 28.70 ? 504 VAL A C   1 
ATOM   902 O O   . VAL A 1 114 ? -8.651  1.242   -13.710 1.00 35.53 ? 504 VAL A O   1 
ATOM   903 C CB  . VAL A 1 114 ? -9.239  3.834   -15.186 1.00 25.31 ? 504 VAL A CB  1 
ATOM   904 C CG1 . VAL A 1 114 ? -10.716 3.686   -15.456 1.00 20.26 ? 504 VAL A CG1 1 
ATOM   905 C CG2 . VAL A 1 114 ? -8.757  5.204   -15.664 1.00 25.30 ? 504 VAL A CG2 1 
ATOM   906 N N   . ILE A 1 115 ? -10.344 2.058   -12.472 1.00 23.30 ? 505 ILE A N   1 
ATOM   907 C CA  . ILE A 1 115 ? -10.866 0.751   -12.088 1.00 25.26 ? 505 ILE A CA  1 
ATOM   908 C C   . ILE A 1 115 ? -12.323 0.646   -12.524 1.00 25.32 ? 505 ILE A C   1 
ATOM   909 O O   . ILE A 1 115 ? -13.075 1.615   -12.429 1.00 31.26 ? 505 ILE A O   1 
ATOM   910 C CB  . ILE A 1 115 ? -10.743 0.521   -10.558 1.00 31.06 ? 505 ILE A CB  1 
ATOM   911 C CG1 . ILE A 1 115 ? -9.271  0.479   -10.154 1.00 21.10 ? 505 ILE A CG1 1 
ATOM   912 C CG2 . ILE A 1 115 ? -11.445 -0.766  -10.118 1.00 21.70 ? 505 ILE A CG2 1 
ATOM   913 C CD1 . ILE A 1 115 ? -9.060  0.578   -8.681  1.00 28.22 ? 505 ILE A CD1 1 
ATOM   914 N N   . VAL A 1 116 ? -12.718 -0.524  -13.014 1.00 31.35 ? 506 VAL A N   1 
ATOM   915 C CA  . VAL A 1 116 ? -14.087 -0.726  -13.467 1.00 30.76 ? 506 VAL A CA  1 
ATOM   916 C C   . VAL A 1 116 ? -14.858 -1.645  -12.523 1.00 34.72 ? 506 VAL A C   1 
ATOM   917 O O   . VAL A 1 116 ? -14.582 -2.841  -12.440 1.00 36.59 ? 506 VAL A O   1 
ATOM   918 C CB  . VAL A 1 116 ? -14.116 -1.305  -14.892 1.00 30.26 ? 506 VAL A CB  1 
ATOM   919 C CG1 . VAL A 1 116 ? -15.548 -1.381  -15.408 1.00 29.68 ? 506 VAL A CG1 1 
ATOM   920 C CG2 . VAL A 1 116 ? -13.247 -0.455  -15.820 1.00 23.59 ? 506 VAL A CG2 1 
HETATM 921 O O   . HOH B 2 .   ? 0.966   -14.214 -3.786  1.00 38.15 ? 601 HOH A O   1 
HETATM 922 O O   . HOH B 2 .   ? 8.429   14.868  -6.411  1.00 27.24 ? 602 HOH A O   1 
HETATM 923 O O   . HOH B 2 .   ? 3.382   -11.166 -3.720  1.00 30.01 ? 603 HOH A O   1 
HETATM 924 O O   . HOH B 2 .   ? 0.072   12.026  1.713   1.00 24.98 ? 604 HOH A O   1 
HETATM 925 O O   . HOH B 2 .   ? 4.239   -13.886 -10.208 1.00 31.85 ? 605 HOH A O   1 
HETATM 926 O O   . HOH B 2 .   ? -4.853  -18.021 12.805  1.00 25.82 ? 606 HOH A O   1 
HETATM 927 O O   . HOH B 2 .   ? -16.532 -4.316  -12.089 1.00 30.67 ? 607 HOH A O   1 
HETATM 928 O O   . HOH B 2 .   ? 1.760   16.525  -3.088  1.00 34.61 ? 608 HOH A O   1 
HETATM 929 O O   . HOH B 2 .   ? -0.814  -0.156  -8.917  1.00 24.02 ? 609 HOH A O   1 
HETATM 930 O O   . HOH B 2 .   ? 2.151   21.503  4.217   1.00 35.04 ? 610 HOH A O   1 
HETATM 931 O O   . HOH B 2 .   ? 9.661   1.530   9.418   1.00 23.21 ? 611 HOH A O   1 
HETATM 932 O O   . HOH B 2 .   ? 6.585   -6.448  10.896  1.00 27.56 ? 612 HOH A O   1 
HETATM 933 O O   . HOH B 2 .   ? -11.639 7.547   5.448   1.00 25.80 ? 613 HOH A O   1 
HETATM 934 O O   . HOH B 2 .   ? -1.938  -13.263 4.080   1.00 19.97 ? 614 HOH A O   1 
HETATM 935 O O   . HOH B 2 .   ? 5.788   2.379   -9.751  1.00 28.18 ? 615 HOH A O   1 
HETATM 936 O O   . HOH B 2 .   ? -5.871  -4.069  7.245   1.00 21.20 ? 616 HOH A O   1 
HETATM 937 O O   . HOH B 2 .   ? 7.385   -2.736  10.607  1.00 23.54 ? 617 HOH A O   1 
HETATM 938 O O   . HOH B 2 .   ? -14.621 -3.046  0.624   1.00 36.24 ? 618 HOH A O   1 
HETATM 939 O O   . HOH B 2 .   ? 13.031  5.286   6.469   1.00 20.74 ? 619 HOH A O   1 
HETATM 940 O O   . HOH B 2 .   ? 11.479  -9.523  3.812   1.00 27.25 ? 620 HOH A O   1 
HETATM 941 O O   . HOH B 2 .   ? -11.794 -3.112  -13.208 1.00 26.58 ? 621 HOH A O   1 
HETATM 942 O O   . HOH B 2 .   ? -6.661  1.545   -15.648 1.00 34.20 ? 622 HOH A O   1 
HETATM 943 O O   . HOH B 2 .   ? 4.721   -13.296 8.387   1.00 32.86 ? 623 HOH A O   1 
HETATM 944 O O   . HOH B 2 .   ? -10.942 12.583  -3.633  1.00 26.48 ? 624 HOH A O   1 
HETATM 945 O O   . HOH B 2 .   ? -16.946 6.515   -13.422 1.00 37.72 ? 625 HOH A O   1 
HETATM 946 O O   . HOH B 2 .   ? 1.404   2.081   8.953   1.00 26.81 ? 626 HOH A O   1 
HETATM 947 O O   . HOH B 2 .   ? 1.124   -0.926  10.750  1.00 16.95 ? 627 HOH A O   1 
HETATM 948 O O   . HOH B 2 .   ? 5.449   14.382  5.213   1.00 24.59 ? 628 HOH A O   1 
HETATM 949 O O   . HOH B 2 .   ? 13.621  -2.310  -3.797  1.00 29.27 ? 629 HOH A O   1 
HETATM 950 O O   . HOH B 2 .   ? -10.159 -3.272  -2.047  1.00 30.26 ? 630 HOH A O   1 
HETATM 951 O O   . HOH B 2 .   ? 7.603   3.672   9.668   1.00 26.49 ? 631 HOH A O   1 
HETATM 952 O O   . HOH B 2 .   ? -1.701  4.470   9.072   1.00 23.18 ? 632 HOH A O   1 
HETATM 953 O O   . HOH B 2 .   ? 1.190   -0.399  -12.350 1.00 32.68 ? 633 HOH A O   1 
HETATM 954 O O   . HOH B 2 .   ? -13.337 -12.026 5.008   1.00 37.74 ? 634 HOH A O   1 
HETATM 955 O O   . HOH B 2 .   ? -15.479 3.822   3.091   1.00 30.18 ? 635 HOH A O   1 
HETATM 956 O O   . HOH B 2 .   ? 4.877   4.318   9.469   1.00 14.79 ? 636 HOH A O   1 
HETATM 957 O O   . HOH B 2 .   ? 6.207   -5.508  -10.529 1.00 28.17 ? 637 HOH A O   1 
HETATM 958 O O   . HOH B 2 .   ? 5.698   18.992  -3.575  1.00 28.81 ? 638 HOH A O   1 
HETATM 959 O O   . HOH B 2 .   ? -5.043  2.976   -15.420 1.00 18.63 ? 639 HOH A O   1 
HETATM 960 O O   . HOH B 2 .   ? 5.988   -12.697 -5.323  1.00 20.65 ? 640 HOH A O   1 
HETATM 961 O O   . HOH B 2 .   ? 2.717   -2.901  12.260  1.00 29.52 ? 641 HOH A O   1 
HETATM 962 O O   . HOH B 2 .   ? 3.400   -14.982 -4.938  0.50 29.55 ? 642 HOH A O   1 
HETATM 963 O O   . HOH B 2 .   ? 4.649   -4.463  13.043  1.00 38.02 ? 643 HOH A O   1 
HETATM 964 O O   . HOH B 2 .   ? -16.823 -2.317  0.572   1.00 36.10 ? 644 HOH A O   1 
HETATM 965 O O   . HOH B 2 .   ? 6.965   -4.372  12.688  1.00 31.51 ? 645 HOH A O   1 
HETATM 966 O O   . HOH B 2 .   ? 12.384  -3.714  -5.292  1.00 29.19 ? 646 HOH A O   1 
HETATM 967 O O   . HOH B 2 .   ? -17.401 -6.960  -12.013 1.00 39.54 ? 647 HOH A O   1 
HETATM 968 O O   . HOH B 2 .   ? 6.947   -15.933 0.406   1.00 29.46 ? 648 HOH A O   1 
# 
